data_6R16
#
_entry.id   6R16
#
_cell.length_a   104.370
_cell.length_b   117.210
_cell.length_c   138.420
_cell.angle_alpha   90.00
_cell.angle_beta   90.00
_cell.angle_gamma   90.00
#
_symmetry.space_group_name_H-M   'P 21 21 21'
#
loop_
_entity.id
_entity.type
_entity.pdbx_description
1 polymer 'SUN domain-containing protein 1'
2 polymer Nesprin-4
3 non-polymer 'POTASSIUM ION'
4 non-polymer 1,2-ETHANEDIOL
5 non-polymer 'ZINC ION'
6 water water
#
loop_
_entity_poly.entity_id
_entity_poly.type
_entity_poly.pdbx_seq_one_letter_code
_entity_poly.pdbx_strand_id
1 'polypeptide(L)'
;GSGGSGGITEAQARAIVNSALKLYSQDKTGMVDFALESGGGSILSTRCSETYETKTALMSLFGIPLWYFSQSPRVVIQPD
IYPGNCWAFKGSQGYLVVRLSMMIHPAAFTLEHIPKTLSPTGNISSAPKDFAVYGLENEYQEEGQLLGQFTYDQDGESLQ
MFQALKRPDDTAFQIVELRIFSNWGHPEYTCLYRFRVHGEPVK
;
A,B,C,D,E,F
2 'polypeptide(L)' GSMASGGPCCSHARIPRTPYLVLSYVNGLPPV G,H,I,J,K,L
#
loop_
_chem_comp.id
_chem_comp.type
_chem_comp.name
_chem_comp.formula
EDO non-polymer 1,2-ETHANEDIOL 'C2 H6 O2'
K non-polymer 'POTASSIUM ION' 'K 1'
ZN non-polymer 'ZINC ION' 'Zn 2'
#
# COMPACT_ATOMS: atom_id res chain seq x y z
N THR A 9 -41.91 -43.58 -23.24
CA THR A 9 -40.76 -43.33 -22.37
C THR A 9 -39.87 -42.24 -22.93
N GLU A 10 -40.25 -41.70 -24.10
CA GLU A 10 -39.44 -40.67 -24.74
C GLU A 10 -39.56 -39.35 -23.99
N ALA A 11 -40.78 -38.82 -23.87
CA ALA A 11 -40.99 -37.60 -23.10
C ALA A 11 -40.68 -37.80 -21.63
N GLN A 12 -40.87 -39.03 -21.12
CA GLN A 12 -40.52 -39.31 -19.73
C GLN A 12 -39.01 -39.24 -19.53
N ALA A 13 -38.23 -39.70 -20.52
CA ALA A 13 -36.78 -39.62 -20.42
C ALA A 13 -36.30 -38.18 -20.40
N ARG A 14 -36.94 -37.31 -21.20
CA ARG A 14 -36.63 -35.89 -21.14
C ARG A 14 -36.98 -35.28 -19.79
N ALA A 15 -38.06 -35.75 -19.17
CA ALA A 15 -38.38 -35.31 -17.82
C ALA A 15 -37.35 -35.80 -16.82
N ILE A 16 -36.78 -36.99 -17.04
CA ILE A 16 -35.76 -37.52 -16.14
C ILE A 16 -34.48 -36.71 -16.22
N VAL A 17 -34.04 -36.38 -17.45
CA VAL A 17 -32.79 -35.64 -17.60
C VAL A 17 -32.96 -34.21 -17.10
N ASN A 18 -34.13 -33.60 -17.31
CA ASN A 18 -34.35 -32.25 -16.82
C ASN A 18 -34.45 -32.21 -15.31
N SER A 19 -35.02 -33.26 -14.70
CA SER A 19 -35.05 -33.34 -13.25
C SER A 19 -33.65 -33.54 -12.67
N ALA A 20 -32.82 -34.33 -13.36
CA ALA A 20 -31.44 -34.53 -12.91
C ALA A 20 -30.64 -33.24 -13.01
N LEU A 21 -30.82 -32.48 -14.10
CA LEU A 21 -30.13 -31.20 -14.23
C LEU A 21 -30.61 -30.19 -13.20
N LYS A 22 -31.91 -30.23 -12.86
CA LYS A 22 -32.43 -29.31 -11.86
C LYS A 22 -31.80 -29.57 -10.50
N LEU A 23 -31.67 -30.83 -10.12
CA LEU A 23 -30.98 -31.16 -8.87
C LEU A 23 -29.49 -30.84 -8.96
N TYR A 24 -28.91 -30.97 -10.15
CA TYR A 24 -27.49 -30.67 -10.32
C TYR A 24 -27.21 -29.19 -10.12
N SER A 25 -28.09 -28.33 -10.65
CA SER A 25 -27.90 -26.88 -10.54
C SER A 25 -28.12 -26.37 -9.12
N GLN A 26 -28.87 -27.09 -8.29
CA GLN A 26 -29.13 -26.66 -6.92
C GLN A 26 -28.05 -27.21 -5.97
N ASP A 27 -26.81 -26.81 -6.25
CA ASP A 27 -25.64 -27.21 -5.46
C ASP A 27 -25.49 -28.72 -5.39
N LYS A 28 -25.99 -29.42 -6.40
CA LYS A 28 -25.88 -30.87 -6.59
C LYS A 28 -26.65 -31.66 -5.53
N THR A 29 -27.27 -31.00 -4.56
CA THR A 29 -28.01 -31.68 -3.50
C THR A 29 -29.41 -31.14 -3.26
N GLY A 30 -29.70 -29.90 -3.67
CA GLY A 30 -31.01 -29.33 -3.38
C GLY A 30 -31.28 -29.06 -1.93
N MET A 31 -30.24 -28.98 -1.10
CA MET A 31 -30.39 -28.75 0.33
C MET A 31 -29.58 -27.52 0.73
N VAL A 32 -30.07 -26.83 1.75
CA VAL A 32 -29.39 -25.63 2.24
C VAL A 32 -28.06 -26.03 2.87
N ASP A 33 -27.01 -25.28 2.53
CA ASP A 33 -25.69 -25.45 3.14
C ASP A 33 -25.50 -24.29 4.11
N PHE A 34 -25.79 -24.55 5.39
CA PHE A 34 -25.66 -23.51 6.42
C PHE A 34 -24.22 -23.18 6.75
N ALA A 35 -23.25 -23.88 6.16
CA ALA A 35 -21.84 -23.56 6.34
C ALA A 35 -21.28 -22.71 5.20
N LEU A 36 -22.01 -22.56 4.10
CA LEU A 36 -21.52 -21.80 2.96
C LEU A 36 -21.19 -20.37 3.36
N GLU A 37 -19.99 -19.93 2.99
CA GLU A 37 -19.50 -18.62 3.44
C GLU A 37 -20.36 -17.50 2.86
N SER A 38 -20.62 -17.55 1.55
CA SER A 38 -21.42 -16.50 0.92
C SER A 38 -22.83 -16.44 1.47
N GLY A 39 -23.33 -17.54 2.03
CA GLY A 39 -24.66 -17.61 2.60
C GLY A 39 -24.73 -17.33 4.08
N GLY A 40 -23.60 -17.07 4.73
CA GLY A 40 -23.60 -16.75 6.15
C GLY A 40 -22.61 -17.55 6.98
N GLY A 41 -22.00 -18.58 6.38
CA GLY A 41 -21.03 -19.37 7.10
C GLY A 41 -19.69 -18.68 7.23
N SER A 42 -18.94 -19.10 8.26
CA SER A 42 -17.64 -18.50 8.53
C SER A 42 -16.75 -19.51 9.24
N ILE A 43 -15.45 -19.30 9.11
CA ILE A 43 -14.44 -20.16 9.73
C ILE A 43 -13.97 -19.48 11.02
N LEU A 44 -13.87 -20.26 12.09
CA LEU A 44 -13.28 -19.80 13.35
C LEU A 44 -11.80 -20.14 13.29
N SER A 45 -10.99 -19.17 12.85
CA SER A 45 -9.60 -19.44 12.49
C SER A 45 -8.79 -19.91 13.69
N THR A 46 -9.08 -19.42 14.88
CA THR A 46 -8.32 -19.82 16.06
C THR A 46 -8.56 -21.29 16.39
N ARG A 47 -9.78 -21.78 16.17
CA ARG A 47 -10.15 -23.16 16.49
C ARG A 47 -9.86 -24.12 15.34
N CYS A 48 -8.95 -23.79 14.44
CA CYS A 48 -8.63 -24.63 13.30
C CYS A 48 -7.15 -24.98 13.30
N SER A 49 -6.81 -26.06 12.59
CA SER A 49 -5.44 -26.52 12.51
C SER A 49 -4.60 -25.55 11.70
N GLU A 50 -3.28 -25.68 11.84
CA GLU A 50 -2.36 -24.82 11.10
C GLU A 50 -2.25 -25.27 9.65
N THR A 51 -2.20 -24.30 8.75
CA THR A 51 -2.16 -24.59 7.33
C THR A 51 -0.81 -25.19 6.94
N TYR A 52 -0.86 -26.24 6.13
CA TYR A 52 0.36 -26.89 5.63
C TYR A 52 1.15 -25.90 4.80
N GLU A 53 2.42 -25.70 5.16
CA GLU A 53 3.28 -24.74 4.48
C GLU A 53 3.99 -25.44 3.32
N THR A 54 3.79 -24.92 2.11
CA THR A 54 4.40 -25.49 0.91
C THR A 54 5.42 -24.58 0.25
N LYS A 55 5.18 -23.28 0.24
CA LYS A 55 6.09 -22.28 -0.33
C LYS A 55 6.49 -22.64 -1.76
N THR A 56 5.49 -22.78 -2.61
CA THR A 56 5.72 -23.08 -4.03
C THR A 56 5.03 -22.11 -4.97
N ALA A 57 3.83 -21.64 -4.63
CA ALA A 57 3.06 -20.75 -5.48
C ALA A 57 3.52 -19.32 -5.24
N LEU A 58 4.53 -18.89 -6.00
CA LEU A 58 5.13 -17.57 -5.79
C LEU A 58 4.33 -16.52 -6.54
N MET A 59 3.73 -15.59 -5.79
CA MET A 59 3.01 -14.47 -6.37
C MET A 59 3.95 -13.27 -6.54
N SER A 60 3.98 -12.73 -7.74
CA SER A 60 4.85 -11.60 -8.06
C SER A 60 4.05 -10.52 -8.78
N LEU A 61 4.58 -9.30 -8.73
CA LEU A 61 3.95 -8.15 -9.38
C LEU A 61 5.07 -7.24 -9.88
N PHE A 62 5.05 -6.96 -11.20
CA PHE A 62 6.11 -6.19 -11.84
C PHE A 62 7.49 -6.80 -11.57
N GLY A 63 7.53 -8.13 -11.60
CA GLY A 63 8.76 -8.86 -11.34
C GLY A 63 9.19 -8.87 -9.89
N ILE A 64 8.44 -8.25 -8.99
CA ILE A 64 8.80 -8.18 -7.58
C ILE A 64 8.10 -9.33 -6.85
N PRO A 65 8.84 -10.30 -6.31
CA PRO A 65 8.19 -11.38 -5.55
C PRO A 65 7.55 -10.84 -4.28
N LEU A 66 6.27 -11.16 -4.07
CA LEU A 66 5.50 -10.62 -2.96
C LEU A 66 5.33 -11.63 -1.84
N TRP A 67 4.76 -12.80 -2.14
CA TRP A 67 4.52 -13.81 -1.12
C TRP A 67 4.18 -15.13 -1.82
N TYR A 68 4.25 -16.21 -1.04
CA TYR A 68 3.81 -17.53 -1.50
C TYR A 68 2.33 -17.70 -1.19
N PHE A 69 1.59 -18.23 -2.14
CA PHE A 69 0.15 -18.39 -2.00
C PHE A 69 -0.19 -19.80 -1.50
N SER A 70 -1.06 -19.87 -0.50
CA SER A 70 -1.57 -21.13 0.02
C SER A 70 -3.04 -20.94 0.39
N GLN A 71 -3.85 -21.95 0.11
CA GLN A 71 -5.28 -21.85 0.38
C GLN A 71 -5.54 -21.83 1.87
N SER A 72 -6.40 -20.91 2.30
CA SER A 72 -6.81 -20.79 3.69
C SER A 72 -7.95 -21.75 3.99
N PRO A 73 -8.31 -21.94 5.26
CA PRO A 73 -9.48 -22.78 5.57
C PRO A 73 -10.79 -22.26 4.97
N ARG A 74 -10.83 -21.03 4.48
CA ARG A 74 -12.06 -20.48 3.93
C ARG A 74 -12.55 -21.23 2.70
N VAL A 75 -11.63 -21.81 1.91
CA VAL A 75 -12.05 -22.45 0.67
C VAL A 75 -12.92 -23.68 0.95
N VAL A 76 -12.80 -24.27 2.14
CA VAL A 76 -13.60 -25.44 2.48
C VAL A 76 -15.09 -25.13 2.50
N ILE A 77 -15.46 -23.86 2.68
CA ILE A 77 -16.86 -23.47 2.65
C ILE A 77 -17.11 -22.62 1.41
N GLN A 78 -16.35 -22.89 0.35
CA GLN A 78 -16.50 -22.27 -0.96
C GLN A 78 -16.73 -23.35 -2.02
N PRO A 79 -17.57 -23.08 -3.02
CA PRO A 79 -18.03 -24.16 -3.91
C PRO A 79 -17.01 -24.65 -4.92
N ASP A 80 -16.00 -23.85 -5.25
CA ASP A 80 -15.06 -24.22 -6.32
C ASP A 80 -14.22 -25.41 -5.87
N ILE A 81 -14.40 -26.56 -6.53
CA ILE A 81 -13.72 -27.78 -6.11
C ILE A 81 -12.81 -28.31 -7.22
N TYR A 82 -12.29 -27.41 -8.05
CA TYR A 82 -11.27 -27.82 -9.01
C TYR A 82 -10.00 -28.24 -8.27
N PRO A 83 -9.18 -29.11 -8.87
CA PRO A 83 -7.97 -29.60 -8.20
C PRO A 83 -7.08 -28.48 -7.69
N GLY A 84 -6.82 -28.46 -6.39
CA GLY A 84 -6.04 -27.43 -5.75
C GLY A 84 -6.85 -26.47 -4.91
N ASN A 85 -8.14 -26.31 -5.20
CA ASN A 85 -9.02 -25.43 -4.43
C ASN A 85 -9.43 -26.14 -3.15
N CYS A 86 -8.45 -26.38 -2.29
CA CYS A 86 -8.66 -27.12 -1.05
C CYS A 86 -7.68 -26.63 0.00
N TRP A 87 -8.09 -26.72 1.26
CA TRP A 87 -7.24 -26.37 2.38
C TRP A 87 -6.54 -27.62 2.90
N ALA A 88 -5.24 -27.52 3.14
CA ALA A 88 -4.43 -28.64 3.59
C ALA A 88 -3.80 -28.33 4.93
N PHE A 89 -3.79 -29.33 5.81
CA PHE A 89 -3.12 -29.24 7.10
C PHE A 89 -2.08 -30.35 7.21
N LYS A 90 -1.03 -30.09 7.97
CA LYS A 90 0.06 -31.05 8.09
C LYS A 90 -0.40 -32.32 8.80
N GLY A 91 0.07 -33.46 8.30
CA GLY A 91 -0.24 -34.73 8.92
C GLY A 91 -1.59 -35.28 8.47
N SER A 92 -2.06 -36.26 9.21
CA SER A 92 -3.34 -36.90 8.93
C SER A 92 -4.39 -36.62 10.01
N GLN A 93 -4.09 -35.72 10.95
CA GLN A 93 -5.01 -35.36 12.02
C GLN A 93 -5.17 -33.85 12.05
N GLY A 94 -6.42 -33.39 11.93
CA GLY A 94 -6.70 -31.96 11.94
C GLY A 94 -8.11 -31.70 12.40
N TYR A 95 -8.40 -30.42 12.63
CA TYR A 95 -9.72 -30.00 13.09
C TYR A 95 -10.11 -28.70 12.41
N LEU A 96 -11.38 -28.62 12.02
CA LEU A 96 -11.93 -27.45 11.34
C LEU A 96 -13.26 -27.09 12.01
N VAL A 97 -13.34 -25.87 12.54
CA VAL A 97 -14.53 -25.39 13.24
C VAL A 97 -15.20 -24.33 12.37
N VAL A 98 -16.49 -24.54 12.08
CA VAL A 98 -17.26 -23.68 11.20
C VAL A 98 -18.44 -23.12 11.98
N ARG A 99 -18.67 -21.82 11.88
CA ARG A 99 -19.84 -21.19 12.46
C ARG A 99 -20.96 -21.18 11.42
N LEU A 100 -22.05 -21.88 11.73
CA LEU A 100 -23.15 -22.00 10.79
C LEU A 100 -23.87 -20.65 10.61
N SER A 101 -24.58 -20.54 9.49
CA SER A 101 -25.27 -19.29 9.19
C SER A 101 -26.48 -19.08 10.10
N MET A 102 -27.10 -20.17 10.57
CA MET A 102 -28.27 -20.08 11.42
C MET A 102 -28.21 -21.19 12.48
N MET A 103 -28.96 -20.98 13.56
CA MET A 103 -29.11 -21.99 14.59
C MET A 103 -30.03 -23.08 14.05
N ILE A 104 -29.47 -24.26 13.79
CA ILE A 104 -30.21 -25.33 13.11
C ILE A 104 -30.08 -26.63 13.90
N HIS A 105 -31.00 -27.55 13.62
CA HIS A 105 -30.86 -28.93 14.06
C HIS A 105 -30.13 -29.70 12.96
N PRO A 106 -28.88 -30.10 13.17
CA PRO A 106 -28.13 -30.76 12.09
C PRO A 106 -28.75 -32.11 11.75
N ALA A 107 -28.91 -32.37 10.45
CA ALA A 107 -29.49 -33.61 9.97
C ALA A 107 -28.57 -34.41 9.08
N ALA A 108 -27.68 -33.76 8.32
CA ALA A 108 -26.76 -34.46 7.44
C ALA A 108 -25.57 -33.57 7.16
N PHE A 109 -24.47 -34.20 6.76
CA PHE A 109 -23.25 -33.50 6.40
C PHE A 109 -22.74 -34.04 5.07
N THR A 110 -22.11 -33.15 4.29
CA THR A 110 -21.62 -33.49 2.96
C THR A 110 -20.13 -33.17 2.88
N LEU A 111 -19.35 -34.15 2.42
CA LEU A 111 -17.91 -33.98 2.20
C LEU A 111 -17.62 -34.24 0.73
N GLU A 112 -16.92 -33.31 0.10
CA GLU A 112 -16.62 -33.40 -1.32
C GLU A 112 -15.11 -33.46 -1.53
N HIS A 113 -14.68 -34.26 -2.50
CA HIS A 113 -13.28 -34.36 -2.87
C HIS A 113 -13.18 -34.67 -4.35
N ILE A 114 -12.07 -34.27 -4.97
CA ILE A 114 -11.88 -34.47 -6.40
C ILE A 114 -11.80 -35.97 -6.70
N PRO A 115 -12.28 -36.42 -7.85
CA PRO A 115 -12.10 -37.83 -8.22
C PRO A 115 -10.67 -38.12 -8.60
N LYS A 116 -10.32 -39.41 -8.54
CA LYS A 116 -8.96 -39.82 -8.90
C LYS A 116 -8.64 -39.50 -10.35
N THR A 117 -9.66 -39.47 -11.21
CA THR A 117 -9.44 -39.19 -12.63
C THR A 117 -9.01 -37.76 -12.91
N LEU A 118 -9.05 -36.88 -11.90
CA LEU A 118 -8.63 -35.50 -12.06
C LEU A 118 -7.39 -35.15 -11.24
N SER A 119 -6.89 -36.09 -10.45
CA SER A 119 -5.71 -35.83 -9.62
C SER A 119 -4.44 -36.05 -10.43
N PRO A 120 -3.47 -35.14 -10.36
CA PRO A 120 -2.23 -35.33 -11.15
C PRO A 120 -1.45 -36.56 -10.74
N THR A 121 -1.35 -36.83 -9.44
CA THR A 121 -0.62 -37.99 -8.95
C THR A 121 -1.34 -39.31 -9.23
N GLY A 122 -2.56 -39.27 -9.74
CA GLY A 122 -3.32 -40.46 -10.01
C GLY A 122 -4.04 -41.05 -8.82
N ASN A 123 -3.97 -40.41 -7.65
CA ASN A 123 -4.61 -40.91 -6.45
C ASN A 123 -5.14 -39.74 -5.64
N ILE A 124 -6.05 -40.05 -4.71
CA ILE A 124 -6.62 -39.06 -3.82
C ILE A 124 -6.23 -39.40 -2.39
N SER A 125 -4.96 -39.82 -2.20
CA SER A 125 -4.50 -40.23 -0.89
C SER A 125 -4.45 -39.06 0.09
N SER A 126 -4.49 -37.82 -0.40
CA SER A 126 -4.57 -36.66 0.48
C SER A 126 -5.99 -36.44 1.01
N ALA A 127 -6.97 -37.17 0.52
CA ALA A 127 -8.34 -37.02 0.98
C ALA A 127 -8.48 -37.57 2.39
N PRO A 128 -9.40 -37.01 3.19
CA PRO A 128 -9.64 -37.57 4.53
C PRO A 128 -10.31 -38.92 4.44
N LYS A 129 -9.99 -39.78 5.41
CA LYS A 129 -10.55 -41.13 5.46
C LYS A 129 -11.53 -41.29 6.62
N ASP A 130 -11.10 -41.04 7.85
CA ASP A 130 -11.94 -41.18 9.03
C ASP A 130 -12.10 -39.81 9.68
N PHE A 131 -13.35 -39.44 9.94
CA PHE A 131 -13.65 -38.13 10.51
C PHE A 131 -14.87 -38.22 11.41
N ALA A 132 -15.09 -37.16 12.17
CA ALA A 132 -16.25 -37.03 13.05
C ALA A 132 -16.71 -35.59 13.05
N VAL A 133 -18.00 -35.40 13.33
CA VAL A 133 -18.63 -34.08 13.37
C VAL A 133 -19.19 -33.86 14.76
N TYR A 134 -18.89 -32.69 15.34
CA TYR A 134 -19.32 -32.35 16.68
C TYR A 134 -20.13 -31.07 16.66
N GLY A 135 -21.01 -30.92 17.65
CA GLY A 135 -21.81 -29.72 17.82
C GLY A 135 -21.39 -28.97 19.07
N LEU A 136 -21.07 -27.69 18.89
CA LEU A 136 -20.58 -26.84 19.97
C LEU A 136 -21.62 -25.79 20.32
N GLU A 137 -21.81 -25.56 21.61
CA GLU A 137 -22.77 -24.56 22.08
C GLU A 137 -22.17 -23.16 22.05
N ASN A 138 -20.85 -23.05 22.16
CA ASN A 138 -20.19 -21.74 22.11
C ASN A 138 -18.84 -21.90 21.45
N GLU A 139 -18.18 -20.77 21.20
CA GLU A 139 -16.89 -20.79 20.51
C GLU A 139 -15.78 -21.37 21.38
N TYR A 140 -15.84 -21.15 22.69
CA TYR A 140 -14.78 -21.55 23.60
C TYR A 140 -14.94 -22.97 24.13
N GLN A 141 -15.99 -23.69 23.72
CA GLN A 141 -16.18 -25.05 24.17
C GLN A 141 -15.14 -25.96 23.52
N GLU A 142 -14.37 -26.69 24.34
CA GLU A 142 -13.29 -27.51 23.82
C GLU A 142 -13.82 -28.70 23.04
N GLU A 143 -14.67 -29.50 23.68
CA GLU A 143 -15.24 -30.71 23.07
C GLU A 143 -16.76 -30.58 23.08
N GLY A 144 -17.37 -30.71 21.91
CA GLY A 144 -18.80 -30.58 21.76
C GLY A 144 -19.52 -31.91 21.74
N GLN A 145 -20.80 -31.85 21.37
CA GLN A 145 -21.64 -33.04 21.34
C GLN A 145 -21.44 -33.76 20.01
N LEU A 146 -21.17 -35.06 20.08
CA LEU A 146 -20.90 -35.85 18.89
C LEU A 146 -22.16 -35.98 18.05
N LEU A 147 -22.08 -35.50 16.80
CA LEU A 147 -23.18 -35.61 15.86
C LEU A 147 -23.03 -36.80 14.91
N GLY A 148 -21.85 -37.40 14.84
CA GLY A 148 -21.65 -38.57 14.00
C GLY A 148 -20.20 -38.81 13.62
N GLN A 149 -19.78 -40.06 13.61
CA GLN A 149 -18.46 -40.47 13.16
C GLN A 149 -18.61 -41.29 11.89
N PHE A 150 -17.90 -40.89 10.83
CA PHE A 150 -18.10 -41.44 9.50
C PHE A 150 -16.74 -41.74 8.86
N THR A 151 -16.79 -42.30 7.66
CA THR A 151 -15.59 -42.63 6.90
C THR A 151 -15.82 -42.26 5.44
N TYR A 152 -14.97 -41.38 4.91
CA TYR A 152 -15.05 -40.99 3.50
C TYR A 152 -14.42 -42.08 2.64
N ASP A 153 -15.19 -42.62 1.70
CA ASP A 153 -14.75 -43.72 0.86
C ASP A 153 -14.01 -43.17 -0.34
N GLN A 154 -12.73 -43.56 -0.50
CA GLN A 154 -11.97 -43.12 -1.66
C GLN A 154 -12.47 -43.77 -2.94
N ASP A 155 -13.08 -44.95 -2.86
CA ASP A 155 -13.63 -45.62 -4.02
C ASP A 155 -15.09 -45.24 -4.29
N GLY A 156 -15.65 -44.33 -3.50
CA GLY A 156 -17.00 -43.86 -3.71
C GLY A 156 -17.06 -42.67 -4.63
N GLU A 157 -18.23 -42.03 -4.66
CA GLU A 157 -18.44 -40.89 -5.52
C GLU A 157 -17.69 -39.67 -4.96
N SER A 158 -17.56 -38.64 -5.80
CA SER A 158 -16.88 -37.42 -5.39
C SER A 158 -17.61 -36.74 -4.25
N LEU A 159 -18.94 -36.65 -4.34
CA LEU A 159 -19.77 -36.08 -3.29
C LEU A 159 -20.33 -37.22 -2.45
N GLN A 160 -20.09 -37.16 -1.13
CA GLN A 160 -20.57 -38.17 -0.20
C GLN A 160 -21.33 -37.49 0.92
N MET A 161 -22.51 -38.00 1.23
CA MET A 161 -23.37 -37.46 2.27
C MET A 161 -23.38 -38.40 3.47
N PHE A 162 -23.57 -37.82 4.66
CA PHE A 162 -23.51 -38.58 5.91
C PHE A 162 -24.63 -38.11 6.82
N GLN A 163 -25.47 -39.04 7.27
CA GLN A 163 -26.62 -38.72 8.10
C GLN A 163 -26.19 -38.54 9.55
N ALA A 164 -26.64 -37.44 10.16
CA ALA A 164 -26.33 -37.16 11.55
C ALA A 164 -27.06 -38.12 12.48
N LEU A 165 -26.55 -38.23 13.70
CA LEU A 165 -27.14 -39.13 14.68
C LEU A 165 -28.49 -38.61 15.15
N LYS A 166 -29.45 -39.53 15.29
CA LYS A 166 -30.77 -39.18 15.77
C LYS A 166 -30.76 -39.04 17.29
N ARG A 167 -31.53 -38.08 17.79
CA ARG A 167 -31.63 -37.81 19.23
C ARG A 167 -33.07 -37.50 19.58
N PRO A 168 -33.54 -37.95 20.75
CA PRO A 168 -34.93 -37.67 21.13
C PRO A 168 -35.21 -36.19 21.32
N ASP A 169 -34.43 -35.51 22.16
CA ASP A 169 -34.55 -34.07 22.35
C ASP A 169 -33.51 -33.39 21.45
N ASP A 170 -33.98 -32.80 20.37
CA ASP A 170 -33.08 -32.23 19.36
C ASP A 170 -32.54 -30.90 19.87
N THR A 171 -31.26 -30.90 20.24
CA THR A 171 -30.56 -29.68 20.63
C THR A 171 -29.99 -29.02 19.39
N ALA A 172 -30.19 -27.71 19.26
CA ALA A 172 -29.71 -26.98 18.09
C ALA A 172 -28.28 -26.52 18.29
N PHE A 173 -27.61 -26.27 17.18
CA PHE A 173 -26.22 -25.84 17.17
C PHE A 173 -26.01 -24.86 16.03
N GLN A 174 -25.11 -23.89 16.25
CA GLN A 174 -24.68 -22.99 15.20
C GLN A 174 -23.18 -23.07 14.96
N ILE A 175 -22.47 -23.93 15.69
CA ILE A 175 -21.04 -24.15 15.54
C ILE A 175 -20.78 -25.64 15.42
N VAL A 176 -20.07 -26.05 14.37
CA VAL A 176 -19.77 -27.45 14.11
C VAL A 176 -18.26 -27.61 13.98
N GLU A 177 -17.73 -28.68 14.54
CA GLU A 177 -16.32 -29.01 14.45
C GLU A 177 -16.13 -30.28 13.65
N LEU A 178 -15.28 -30.21 12.62
CA LEU A 178 -14.94 -31.36 11.79
C LEU A 178 -13.53 -31.82 12.17
N ARG A 179 -13.44 -33.01 12.76
CA ARG A 179 -12.18 -33.57 13.20
C ARG A 179 -11.76 -34.68 12.25
N ILE A 180 -10.65 -34.48 11.56
CA ILE A 180 -10.08 -35.50 10.68
C ILE A 180 -9.12 -36.35 11.50
N PHE A 181 -9.35 -37.66 11.53
CA PHE A 181 -8.49 -38.57 12.28
C PHE A 181 -7.45 -39.25 11.41
N SER A 182 -7.71 -39.45 10.12
CA SER A 182 -6.76 -40.12 9.25
C SER A 182 -7.03 -39.72 7.81
N ASN A 183 -6.02 -39.89 6.97
CA ASN A 183 -6.10 -39.65 5.54
C ASN A 183 -5.96 -40.99 4.80
N TRP A 184 -5.91 -40.91 3.48
CA TRP A 184 -5.81 -42.11 2.65
C TRP A 184 -4.37 -42.44 2.26
N GLY A 185 -3.41 -42.07 3.11
CA GLY A 185 -2.03 -42.52 2.95
C GLY A 185 -1.02 -41.46 2.60
N HIS A 186 -1.43 -40.21 2.43
CA HIS A 186 -0.47 -39.16 2.09
C HIS A 186 0.41 -38.87 3.29
N PRO A 187 1.74 -38.93 3.15
CA PRO A 187 2.61 -38.80 4.33
C PRO A 187 2.82 -37.38 4.80
N GLU A 188 2.41 -36.37 4.03
CA GLU A 188 2.70 -34.98 4.36
C GLU A 188 1.49 -34.22 4.87
N TYR A 189 0.39 -34.19 4.12
CA TYR A 189 -0.75 -33.35 4.46
C TYR A 189 -2.05 -34.08 4.17
N THR A 190 -3.15 -33.40 4.47
CA THR A 190 -4.51 -33.88 4.19
C THR A 190 -5.34 -32.71 3.69
N CYS A 191 -6.06 -32.90 2.59
CA CYS A 191 -6.75 -31.83 1.92
C CYS A 191 -8.26 -31.94 2.11
N LEU A 192 -8.91 -30.79 2.34
CA LEU A 192 -10.36 -30.69 2.43
C LEU A 192 -10.84 -29.74 1.35
N TYR A 193 -11.68 -30.23 0.43
CA TYR A 193 -12.16 -29.41 -0.66
C TYR A 193 -13.43 -28.64 -0.27
N ARG A 194 -14.46 -29.35 0.17
CA ARG A 194 -15.66 -28.67 0.64
C ARG A 194 -16.35 -29.51 1.70
N PHE A 195 -16.83 -28.85 2.74
CA PHE A 195 -17.58 -29.47 3.83
C PHE A 195 -18.90 -28.71 4.00
N ARG A 196 -20.01 -29.44 3.93
CA ARG A 196 -21.34 -28.84 4.01
C ARG A 196 -22.06 -29.35 5.24
N VAL A 197 -22.95 -28.51 5.77
CA VAL A 197 -23.79 -28.84 6.93
C VAL A 197 -25.24 -28.63 6.53
N HIS A 198 -26.05 -29.68 6.66
CA HIS A 198 -27.46 -29.62 6.30
C HIS A 198 -28.32 -29.89 7.53
N GLY A 199 -29.50 -29.28 7.55
CA GLY A 199 -30.39 -29.47 8.66
C GLY A 199 -31.63 -28.60 8.53
N GLU A 200 -32.34 -28.46 9.65
CA GLU A 200 -33.56 -27.70 9.72
C GLU A 200 -33.40 -26.54 10.69
N PRO A 201 -33.68 -25.31 10.28
CA PRO A 201 -33.53 -24.17 11.19
C PRO A 201 -34.57 -24.20 12.30
N VAL A 202 -34.23 -23.53 13.40
CA VAL A 202 -35.12 -23.45 14.56
C VAL A 202 -36.19 -22.41 14.30
N LYS A 203 -37.40 -22.69 14.78
CA LYS A 203 -38.52 -21.76 14.65
C LYS A 203 -38.19 -20.43 15.32
N THR B 9 -34.22 -50.64 -20.37
CA THR B 9 -34.17 -49.29 -20.93
C THR B 9 -35.04 -48.32 -20.13
N GLU B 10 -35.57 -48.81 -19.01
CA GLU B 10 -36.36 -47.98 -18.10
C GLU B 10 -35.50 -47.43 -16.98
N ALA B 11 -34.76 -48.29 -16.28
CA ALA B 11 -33.78 -47.88 -15.29
C ALA B 11 -32.42 -47.58 -15.90
N GLN B 12 -32.11 -48.20 -17.03
CA GLN B 12 -30.84 -47.93 -17.72
C GLN B 12 -30.76 -46.50 -18.20
N ALA B 13 -31.89 -45.92 -18.62
CA ALA B 13 -31.86 -44.53 -19.09
C ALA B 13 -31.44 -43.57 -17.98
N ARG B 14 -31.78 -43.88 -16.73
CA ARG B 14 -31.29 -43.06 -15.62
C ARG B 14 -29.79 -43.24 -15.40
N ALA B 15 -29.27 -44.43 -15.70
CA ALA B 15 -27.83 -44.66 -15.52
C ALA B 15 -27.01 -43.87 -16.54
N ILE B 16 -27.53 -43.71 -17.75
CA ILE B 16 -26.82 -42.94 -18.77
C ILE B 16 -26.79 -41.46 -18.39
N VAL B 17 -27.91 -40.94 -17.88
CA VAL B 17 -27.96 -39.53 -17.53
C VAL B 17 -27.04 -39.24 -16.36
N ASN B 18 -26.94 -40.17 -15.41
CA ASN B 18 -26.03 -39.98 -14.28
C ASN B 18 -24.57 -40.11 -14.72
N SER B 19 -24.29 -41.00 -15.67
CA SER B 19 -22.94 -41.10 -16.20
C SER B 19 -22.55 -39.86 -16.98
N ALA B 20 -23.49 -39.32 -17.76
CA ALA B 20 -23.21 -38.08 -18.50
C ALA B 20 -22.98 -36.92 -17.54
N LEU B 21 -23.79 -36.84 -16.48
CA LEU B 21 -23.58 -35.80 -15.47
C LEU B 21 -22.27 -36.00 -14.73
N LYS B 22 -21.91 -37.26 -14.47
CA LYS B 22 -20.65 -37.54 -13.79
C LYS B 22 -19.46 -37.11 -14.64
N LEU B 23 -19.49 -37.40 -15.94
CA LEU B 23 -18.43 -36.94 -16.83
C LEU B 23 -18.45 -35.43 -16.99
N TYR B 24 -19.64 -34.82 -16.97
CA TYR B 24 -19.73 -33.37 -17.10
C TYR B 24 -19.14 -32.66 -15.88
N SER B 25 -19.39 -33.19 -14.68
CA SER B 25 -18.88 -32.58 -13.47
C SER B 25 -17.37 -32.73 -13.32
N GLN B 26 -16.78 -33.74 -13.98
CA GLN B 26 -15.34 -33.98 -13.90
C GLN B 26 -14.61 -33.19 -14.99
N ASP B 27 -14.76 -31.87 -14.91
CA ASP B 27 -14.14 -30.93 -15.84
C ASP B 27 -14.54 -31.21 -17.29
N LYS B 28 -15.72 -31.81 -17.48
CA LYS B 28 -16.34 -32.10 -18.77
C LYS B 28 -15.58 -33.13 -19.59
N THR B 29 -14.43 -33.62 -19.11
CA THR B 29 -13.63 -34.60 -19.84
C THR B 29 -13.21 -35.81 -19.02
N GLY B 30 -13.21 -35.71 -17.69
CA GLY B 30 -12.74 -36.83 -16.88
C GLY B 30 -11.28 -37.13 -17.01
N MET B 31 -10.47 -36.19 -17.48
CA MET B 31 -9.04 -36.37 -17.66
C MET B 31 -8.29 -35.29 -16.91
N VAL B 32 -7.09 -35.64 -16.44
CA VAL B 32 -6.26 -34.70 -15.70
C VAL B 32 -5.80 -33.59 -16.64
N ASP B 33 -5.88 -32.35 -16.18
CA ASP B 33 -5.37 -31.19 -16.91
C ASP B 33 -4.08 -30.76 -16.22
N PHE B 34 -2.95 -31.23 -16.76
CA PHE B 34 -1.65 -30.92 -16.17
C PHE B 34 -1.23 -29.47 -16.39
N ALA B 35 -2.00 -28.69 -17.13
CA ALA B 35 -1.75 -27.27 -17.29
C ALA B 35 -2.59 -26.40 -16.35
N LEU B 36 -3.58 -26.99 -15.69
CA LEU B 36 -4.46 -26.23 -14.80
C LEU B 36 -3.65 -25.52 -13.72
N GLU B 37 -3.90 -24.22 -13.56
CA GLU B 37 -3.10 -23.42 -12.64
C GLU B 37 -3.29 -23.86 -11.21
N SER B 38 -4.55 -24.04 -10.78
CA SER B 38 -4.81 -24.45 -9.40
C SER B 38 -4.25 -25.82 -9.08
N GLY B 39 -4.05 -26.66 -10.07
CA GLY B 39 -3.52 -27.99 -9.89
C GLY B 39 -2.01 -28.12 -10.03
N GLY B 40 -1.32 -27.03 -10.33
CA GLY B 40 0.13 -27.09 -10.45
C GLY B 40 0.67 -26.46 -11.72
N GLY B 41 -0.20 -26.11 -12.66
CA GLY B 41 0.24 -25.47 -13.88
C GLY B 41 0.56 -24.00 -13.67
N SER B 42 1.42 -23.47 -14.56
CA SER B 42 1.83 -22.09 -14.45
C SER B 42 2.21 -21.57 -15.84
N ILE B 43 2.13 -20.26 -16.00
CA ILE B 43 2.46 -19.58 -17.25
C ILE B 43 3.88 -19.04 -17.15
N LEU B 44 4.69 -19.32 -18.16
CA LEU B 44 6.01 -18.71 -18.30
C LEU B 44 5.83 -17.40 -19.04
N SER B 45 5.50 -16.34 -18.30
CA SER B 45 5.12 -15.06 -18.90
C SER B 45 6.23 -14.45 -19.74
N THR B 46 7.49 -14.78 -19.46
CA THR B 46 8.60 -14.24 -20.23
C THR B 46 8.73 -14.88 -21.60
N ARG B 47 7.94 -15.91 -21.92
CA ARG B 47 7.97 -16.55 -23.22
C ARG B 47 6.60 -16.53 -23.90
N CYS B 48 5.74 -15.59 -23.54
CA CYS B 48 4.44 -15.43 -24.16
C CYS B 48 4.42 -14.18 -25.01
N SER B 49 3.41 -14.09 -25.88
CA SER B 49 3.25 -12.91 -26.71
C SER B 49 2.82 -11.72 -25.88
N GLU B 50 3.00 -10.53 -26.44
CA GLU B 50 2.57 -9.31 -25.76
C GLU B 50 1.05 -9.27 -25.69
N THR B 51 0.53 -9.11 -24.48
CA THR B 51 -0.91 -9.04 -24.29
C THR B 51 -1.50 -7.87 -25.05
N TYR B 52 -2.60 -8.11 -25.75
CA TYR B 52 -3.26 -7.06 -26.51
C TYR B 52 -3.78 -5.97 -25.57
N GLU B 53 -3.33 -4.74 -25.82
CA GLU B 53 -3.72 -3.60 -24.98
C GLU B 53 -4.99 -2.99 -25.54
N THR B 54 -6.04 -2.95 -24.72
CA THR B 54 -7.33 -2.41 -25.14
C THR B 54 -7.72 -1.13 -24.43
N LYS B 55 -7.35 -0.97 -23.15
CA LYS B 55 -7.53 0.28 -22.42
C LYS B 55 -9.00 0.70 -22.36
N THR B 56 -9.86 -0.23 -21.95
CA THR B 56 -11.29 0.07 -21.90
C THR B 56 -11.94 -0.24 -20.56
N ALA B 57 -11.52 -1.30 -19.88
CA ALA B 57 -12.11 -1.71 -18.60
C ALA B 57 -11.42 -0.94 -17.48
N LEU B 58 -11.96 0.23 -17.16
CA LEU B 58 -11.36 1.11 -16.17
C LEU B 58 -11.84 0.73 -14.77
N MET B 59 -10.91 0.31 -13.92
CA MET B 59 -11.20 0.01 -12.53
C MET B 59 -10.96 1.24 -11.67
N SER B 60 -11.96 1.61 -10.87
CA SER B 60 -11.88 2.78 -10.02
C SER B 60 -12.31 2.42 -8.60
N LEU B 61 -11.90 3.26 -7.65
CA LEU B 61 -12.22 3.06 -6.24
C LEU B 61 -12.41 4.41 -5.59
N PHE B 62 -13.58 4.60 -4.95
CA PHE B 62 -13.97 5.89 -4.35
C PHE B 62 -13.89 7.01 -5.39
N GLY B 63 -14.33 6.71 -6.61
CA GLY B 63 -14.27 7.65 -7.71
C GLY B 63 -12.89 7.93 -8.26
N ILE B 64 -11.86 7.29 -7.71
CA ILE B 64 -10.48 7.50 -8.16
C ILE B 64 -10.15 6.42 -9.19
N PRO B 65 -9.91 6.77 -10.45
CA PRO B 65 -9.51 5.76 -11.44
C PRO B 65 -8.15 5.19 -11.08
N LEU B 66 -8.07 3.86 -11.04
CA LEU B 66 -6.86 3.17 -10.60
C LEU B 66 -6.05 2.61 -11.77
N TRP B 67 -6.66 1.76 -12.58
CA TRP B 67 -5.97 1.13 -13.70
C TRP B 67 -6.99 0.49 -14.63
N TYR B 68 -6.55 0.19 -15.84
CA TYR B 68 -7.35 -0.55 -16.79
C TYR B 68 -7.13 -2.05 -16.61
N PHE B 69 -8.21 -2.81 -16.64
CA PHE B 69 -8.16 -4.25 -16.43
C PHE B 69 -8.07 -4.98 -17.76
N SER B 70 -7.15 -5.93 -17.84
CA SER B 70 -7.02 -6.81 -19.00
C SER B 70 -6.64 -8.20 -18.52
N GLN B 71 -7.20 -9.22 -19.15
CA GLN B 71 -6.94 -10.58 -18.72
C GLN B 71 -5.52 -10.99 -19.07
N SER B 72 -4.85 -11.62 -18.13
CA SER B 72 -3.49 -12.12 -18.31
C SER B 72 -3.54 -13.51 -18.94
N PRO B 73 -2.40 -14.02 -19.41
CA PRO B 73 -2.37 -15.41 -19.90
C PRO B 73 -2.77 -16.45 -18.87
N ARG B 74 -2.84 -16.09 -17.59
CA ARG B 74 -3.20 -17.06 -16.56
C ARG B 74 -4.60 -17.61 -16.76
N VAL B 75 -5.51 -16.83 -17.36
CA VAL B 75 -6.89 -17.27 -17.51
C VAL B 75 -6.98 -18.45 -18.48
N VAL B 76 -6.01 -18.62 -19.37
CA VAL B 76 -6.03 -19.74 -20.31
C VAL B 76 -5.93 -21.07 -19.59
N ILE B 77 -5.38 -21.08 -18.37
CA ILE B 77 -5.31 -22.30 -17.58
C ILE B 77 -6.23 -22.17 -16.37
N GLN B 78 -7.32 -21.42 -16.53
CA GLN B 78 -8.37 -21.28 -15.54
C GLN B 78 -9.71 -21.70 -16.14
N PRO B 79 -10.58 -22.35 -15.36
CA PRO B 79 -11.75 -23.02 -15.96
C PRO B 79 -12.86 -22.09 -16.41
N ASP B 80 -12.98 -20.90 -15.83
CA ASP B 80 -14.10 -20.01 -16.17
C ASP B 80 -13.97 -19.54 -17.62
N ILE B 81 -14.94 -19.94 -18.45
CA ILE B 81 -14.88 -19.64 -19.88
C ILE B 81 -16.08 -18.83 -20.33
N TYR B 82 -16.63 -18.01 -19.44
CA TYR B 82 -17.66 -17.08 -19.85
C TYR B 82 -17.08 -16.05 -20.81
N PRO B 83 -17.91 -15.47 -21.70
CA PRO B 83 -17.39 -14.51 -22.69
C PRO B 83 -16.60 -13.38 -22.05
N GLY B 84 -15.34 -13.23 -22.46
CA GLY B 84 -14.42 -12.24 -21.91
C GLY B 84 -13.36 -12.83 -21.02
N ASN B 85 -13.61 -14.00 -20.42
CA ASN B 85 -12.63 -14.68 -19.58
C ASN B 85 -11.61 -15.39 -20.47
N CYS B 86 -10.85 -14.57 -21.20
CA CYS B 86 -9.92 -15.08 -22.18
C CYS B 86 -8.74 -14.11 -22.30
N TRP B 87 -7.58 -14.65 -22.65
CA TRP B 87 -6.38 -13.87 -22.89
C TRP B 87 -6.27 -13.57 -24.38
N ALA B 88 -6.00 -12.31 -24.73
CA ALA B 88 -5.91 -11.88 -26.11
C ALA B 88 -4.53 -11.33 -26.40
N PHE B 89 -4.01 -11.67 -27.58
CA PHE B 89 -2.74 -11.14 -28.07
C PHE B 89 -2.97 -10.46 -29.41
N LYS B 90 -2.11 -9.49 -29.71
CA LYS B 90 -2.25 -8.71 -30.93
C LYS B 90 -2.02 -9.59 -32.15
N GLY B 91 -2.82 -9.38 -33.19
CA GLY B 91 -2.67 -10.10 -34.44
C GLY B 91 -3.32 -11.47 -34.41
N SER B 92 -2.94 -12.28 -35.39
CA SER B 92 -3.44 -13.64 -35.54
C SER B 92 -2.35 -14.68 -35.30
N GLN B 93 -1.16 -14.26 -34.87
CA GLN B 93 -0.06 -15.16 -34.58
C GLN B 93 0.46 -14.87 -33.19
N GLY B 94 0.49 -15.90 -32.34
CA GLY B 94 0.95 -15.74 -30.97
C GLY B 94 1.47 -17.05 -30.42
N TYR B 95 2.08 -16.96 -29.25
CA TYR B 95 2.62 -18.14 -28.59
C TYR B 95 2.34 -18.06 -27.09
N LEU B 96 2.12 -19.24 -26.49
CA LEU B 96 1.83 -19.37 -25.07
C LEU B 96 2.59 -20.57 -24.54
N VAL B 97 3.46 -20.33 -23.56
CA VAL B 97 4.29 -21.38 -22.96
C VAL B 97 3.76 -21.66 -21.56
N VAL B 98 3.44 -22.92 -21.30
CA VAL B 98 2.86 -23.36 -20.03
C VAL B 98 3.78 -24.41 -19.41
N ARG B 99 4.07 -24.26 -18.13
CA ARG B 99 4.81 -25.27 -17.38
C ARG B 99 3.83 -26.26 -16.77
N LEU B 100 3.93 -27.52 -17.19
CA LEU B 100 2.99 -28.53 -16.71
C LEU B 100 3.22 -28.83 -15.24
N SER B 101 2.18 -29.39 -14.60
CA SER B 101 2.27 -29.72 -13.19
C SER B 101 3.19 -30.90 -12.94
N MET B 102 3.31 -31.82 -13.89
CA MET B 102 4.17 -32.99 -13.74
C MET B 102 4.84 -33.31 -15.07
N MET B 103 5.95 -34.05 -14.97
CA MET B 103 6.67 -34.55 -16.14
C MET B 103 5.87 -35.71 -16.74
N ILE B 104 5.26 -35.50 -17.90
CA ILE B 104 4.35 -36.46 -18.50
C ILE B 104 4.72 -36.72 -19.95
N HIS B 105 4.19 -37.83 -20.47
CA HIS B 105 4.18 -38.08 -21.90
C HIS B 105 2.90 -37.49 -22.48
N PRO B 106 2.96 -36.39 -23.24
CA PRO B 106 1.72 -35.77 -23.73
C PRO B 106 0.97 -36.69 -24.69
N ALA B 107 -0.34 -36.81 -24.48
CA ALA B 107 -1.18 -37.66 -25.29
C ALA B 107 -2.29 -36.92 -26.02
N ALA B 108 -2.83 -35.86 -25.44
CA ALA B 108 -3.91 -35.12 -26.09
C ALA B 108 -3.94 -33.71 -25.54
N PHE B 109 -4.55 -32.80 -26.30
CA PHE B 109 -4.70 -31.41 -25.91
C PHE B 109 -6.14 -30.97 -26.15
N THR B 110 -6.60 -30.05 -25.32
CA THR B 110 -7.97 -29.56 -25.36
C THR B 110 -7.97 -28.05 -25.51
N LEU B 111 -8.76 -27.55 -26.47
CA LEU B 111 -8.94 -26.12 -26.69
C LEU B 111 -10.43 -25.79 -26.56
N GLU B 112 -10.73 -24.79 -25.75
CA GLU B 112 -12.10 -24.36 -25.50
C GLU B 112 -12.28 -22.92 -25.97
N HIS B 113 -13.44 -22.65 -26.57
CA HIS B 113 -13.80 -21.30 -26.98
C HIS B 113 -15.31 -21.18 -26.89
N ILE B 114 -15.80 -19.97 -26.68
CA ILE B 114 -17.23 -19.75 -26.51
C ILE B 114 -17.97 -20.13 -27.80
N PRO B 115 -19.19 -20.64 -27.70
CA PRO B 115 -19.98 -20.90 -28.91
C PRO B 115 -20.47 -19.61 -29.53
N LYS B 116 -20.85 -19.71 -30.81
CA LYS B 116 -21.33 -18.53 -31.53
C LYS B 116 -22.59 -17.96 -30.88
N THR B 117 -23.40 -18.81 -30.25
CA THR B 117 -24.65 -18.36 -29.64
C THR B 117 -24.44 -17.52 -28.40
N LEU B 118 -23.21 -17.40 -27.89
CA LEU B 118 -22.93 -16.60 -26.70
C LEU B 118 -22.04 -15.41 -26.97
N SER B 119 -21.56 -15.23 -28.20
CA SER B 119 -20.68 -14.10 -28.49
C SER B 119 -21.51 -12.87 -28.80
N PRO B 120 -21.18 -11.70 -28.22
CA PRO B 120 -21.99 -10.51 -28.49
C PRO B 120 -21.95 -10.07 -29.95
N THR B 121 -20.79 -10.15 -30.59
CA THR B 121 -20.67 -9.75 -31.99
C THR B 121 -21.34 -10.73 -32.94
N GLY B 122 -21.82 -11.87 -32.43
CA GLY B 122 -22.45 -12.87 -33.27
C GLY B 122 -21.48 -13.79 -33.98
N ASN B 123 -20.19 -13.66 -33.74
CA ASN B 123 -19.18 -14.49 -34.39
C ASN B 123 -18.06 -14.78 -33.41
N ILE B 124 -17.27 -15.80 -33.73
CA ILE B 124 -16.11 -16.18 -32.93
C ILE B 124 -14.86 -16.00 -33.76
N SER B 125 -14.78 -14.91 -34.53
CA SER B 125 -13.64 -14.70 -35.42
C SER B 125 -12.35 -14.47 -34.64
N SER B 126 -12.43 -14.15 -33.35
CA SER B 126 -11.23 -14.03 -32.53
C SER B 126 -10.68 -15.38 -32.10
N ALA B 127 -11.40 -16.47 -32.36
CA ALA B 127 -10.94 -17.79 -31.98
C ALA B 127 -9.76 -18.21 -32.86
N PRO B 128 -8.85 -19.03 -32.33
CA PRO B 128 -7.75 -19.53 -33.15
C PRO B 128 -8.24 -20.53 -34.19
N LYS B 129 -7.55 -20.55 -35.34
CA LYS B 129 -7.89 -21.47 -36.42
C LYS B 129 -6.84 -22.54 -36.61
N ASP B 130 -5.60 -22.16 -36.86
CA ASP B 130 -4.50 -23.11 -37.08
C ASP B 130 -3.47 -22.92 -35.98
N PHE B 131 -3.09 -24.02 -35.33
CA PHE B 131 -2.15 -23.96 -34.23
C PHE B 131 -1.30 -25.22 -34.21
N ALA B 132 -0.24 -25.18 -33.40
CA ALA B 132 0.63 -26.32 -33.21
C ALA B 132 1.06 -26.36 -31.75
N VAL B 133 1.39 -27.55 -31.28
CA VAL B 133 1.78 -27.78 -29.89
C VAL B 133 3.19 -28.35 -29.87
N TYR B 134 4.06 -27.77 -29.05
CA TYR B 134 5.45 -28.19 -28.97
C TYR B 134 5.80 -28.59 -27.54
N GLY B 135 6.79 -29.47 -27.43
CA GLY B 135 7.32 -29.91 -26.14
C GLY B 135 8.72 -29.38 -25.94
N LEU B 136 8.93 -28.72 -24.80
CA LEU B 136 10.21 -28.09 -24.49
C LEU B 136 10.89 -28.83 -23.35
N GLU B 137 12.20 -29.06 -23.52
CA GLU B 137 12.98 -29.72 -22.47
C GLU B 137 13.41 -28.77 -21.37
N ASN B 138 13.55 -27.48 -21.70
CA ASN B 138 13.91 -26.48 -20.70
C ASN B 138 13.22 -25.17 -21.08
N GLU B 139 13.26 -24.21 -20.15
CA GLU B 139 12.60 -22.94 -20.39
C GLU B 139 13.26 -22.15 -21.52
N TYR B 140 14.58 -22.26 -21.66
CA TYR B 140 15.33 -21.42 -22.58
C TYR B 140 15.49 -22.04 -23.96
N GLN B 141 14.92 -23.22 -24.20
CA GLN B 141 14.99 -23.84 -25.52
C GLN B 141 14.14 -23.06 -26.50
N GLU B 142 14.74 -22.63 -27.61
CA GLU B 142 14.03 -21.82 -28.58
C GLU B 142 13.08 -22.67 -29.43
N GLU B 143 13.61 -23.63 -30.17
CA GLU B 143 12.82 -24.53 -31.00
C GLU B 143 12.66 -25.85 -30.26
N GLY B 144 11.41 -26.24 -30.01
CA GLY B 144 11.11 -27.46 -29.29
C GLY B 144 10.73 -28.61 -30.21
N GLN B 145 10.32 -29.71 -29.59
CA GLN B 145 9.92 -30.90 -30.32
C GLN B 145 8.44 -30.83 -30.65
N LEU B 146 8.10 -31.01 -31.93
CA LEU B 146 6.72 -30.88 -32.38
C LEU B 146 5.86 -32.01 -31.80
N LEU B 147 4.83 -31.63 -31.05
CA LEU B 147 3.90 -32.58 -30.47
C LEU B 147 2.61 -32.73 -31.29
N GLY B 148 2.37 -31.86 -32.26
CA GLY B 148 1.20 -31.97 -33.10
C GLY B 148 0.84 -30.66 -33.75
N GLN B 149 0.07 -30.77 -34.83
CA GLN B 149 -0.33 -29.64 -35.64
C GLN B 149 -1.81 -29.81 -35.96
N PHE B 150 -2.64 -28.90 -35.47
CA PHE B 150 -4.08 -29.09 -35.49
C PHE B 150 -4.79 -27.84 -36.00
N THR B 151 -6.11 -27.94 -36.13
CA THR B 151 -6.95 -26.84 -36.57
C THR B 151 -8.22 -26.83 -35.75
N TYR B 152 -8.48 -25.73 -35.05
CA TYR B 152 -9.72 -25.57 -34.29
C TYR B 152 -10.85 -25.18 -35.25
N ASP B 153 -11.90 -25.99 -35.29
CA ASP B 153 -13.00 -25.79 -36.22
C ASP B 153 -14.02 -24.84 -35.58
N GLN B 154 -14.28 -23.72 -36.25
CA GLN B 154 -15.26 -22.77 -35.73
C GLN B 154 -16.67 -23.32 -35.82
N ASP B 155 -16.93 -24.24 -36.74
CA ASP B 155 -18.24 -24.86 -36.87
C ASP B 155 -18.39 -26.09 -36.00
N GLY B 156 -17.38 -26.43 -35.20
CA GLY B 156 -17.45 -27.55 -34.30
C GLY B 156 -17.97 -27.17 -32.94
N GLU B 157 -17.81 -28.09 -32.00
CA GLU B 157 -18.27 -27.85 -30.64
C GLU B 157 -17.34 -26.86 -29.93
N SER B 158 -17.83 -26.36 -28.79
CA SER B 158 -17.04 -25.40 -28.01
C SER B 158 -15.74 -26.02 -27.52
N LEU B 159 -15.80 -27.24 -27.00
CA LEU B 159 -14.63 -27.98 -26.56
C LEU B 159 -14.21 -28.94 -27.66
N GLN B 160 -12.96 -28.83 -28.09
CA GLN B 160 -12.41 -29.68 -29.15
C GLN B 160 -11.10 -30.28 -28.66
N MET B 161 -10.95 -31.59 -28.84
CA MET B 161 -9.78 -32.33 -28.40
C MET B 161 -8.92 -32.73 -29.59
N PHE B 162 -7.62 -32.83 -29.35
CA PHE B 162 -6.65 -33.09 -30.41
C PHE B 162 -5.62 -34.09 -29.92
N GLN B 163 -5.45 -35.19 -30.65
CA GLN B 163 -4.53 -36.25 -30.23
C GLN B 163 -3.09 -35.87 -30.56
N ALA B 164 -2.21 -35.99 -29.57
CA ALA B 164 -0.82 -35.64 -29.76
C ALA B 164 -0.09 -36.67 -30.62
N LEU B 165 1.03 -36.23 -31.22
CA LEU B 165 1.83 -37.11 -32.05
C LEU B 165 2.60 -38.10 -31.19
N LYS B 166 2.80 -39.29 -31.73
CA LYS B 166 3.63 -40.30 -31.07
C LYS B 166 5.09 -39.98 -31.33
N ARG B 167 5.78 -39.51 -30.30
CA ARG B 167 7.21 -39.23 -30.43
C ARG B 167 7.98 -40.55 -30.45
N PRO B 168 9.07 -40.62 -31.24
CA PRO B 168 9.76 -41.92 -31.38
C PRO B 168 10.31 -42.46 -30.07
N ASP B 169 11.11 -41.68 -29.36
CA ASP B 169 11.58 -42.09 -28.04
C ASP B 169 10.53 -41.77 -26.98
N ASP B 170 10.72 -42.36 -25.81
CA ASP B 170 9.81 -42.11 -24.68
C ASP B 170 10.21 -40.83 -23.96
N THR B 171 10.35 -39.74 -24.70
CA THR B 171 10.81 -38.49 -24.10
C THR B 171 9.65 -37.80 -23.38
N ALA B 172 9.87 -37.45 -22.13
CA ALA B 172 8.88 -36.76 -21.31
C ALA B 172 9.05 -35.25 -21.43
N PHE B 173 7.98 -34.53 -21.08
CA PHE B 173 7.99 -33.07 -21.15
C PHE B 173 7.22 -32.51 -19.97
N GLN B 174 7.71 -31.38 -19.45
CA GLN B 174 6.99 -30.62 -18.43
C GLN B 174 6.73 -29.18 -18.87
N ILE B 175 7.14 -28.80 -20.07
CA ILE B 175 6.93 -27.46 -20.62
C ILE B 175 6.34 -27.60 -22.01
N VAL B 176 5.23 -26.91 -22.25
CA VAL B 176 4.50 -26.98 -23.51
C VAL B 176 4.35 -25.57 -24.07
N GLU B 177 4.53 -25.45 -25.39
CA GLU B 177 4.35 -24.20 -26.11
C GLU B 177 3.19 -24.33 -27.08
N LEU B 178 2.25 -23.39 -27.00
CA LEU B 178 1.11 -23.34 -27.90
C LEU B 178 1.32 -22.20 -28.87
N ARG B 179 1.52 -22.52 -30.15
CA ARG B 179 1.78 -21.54 -31.20
C ARG B 179 0.54 -21.40 -32.06
N ILE B 180 -0.09 -20.23 -32.03
CA ILE B 180 -1.24 -19.93 -32.86
C ILE B 180 -0.75 -19.32 -34.16
N PHE B 181 -1.14 -19.91 -35.29
CA PHE B 181 -0.75 -19.42 -36.60
C PHE B 181 -1.79 -18.52 -37.26
N SER B 182 -3.08 -18.72 -36.96
CA SER B 182 -4.12 -17.92 -37.58
C SER B 182 -5.36 -17.95 -36.70
N ASN B 183 -6.21 -16.95 -36.89
CA ASN B 183 -7.51 -16.87 -36.24
C ASN B 183 -8.62 -17.05 -37.28
N TRP B 184 -9.86 -16.88 -36.85
CA TRP B 184 -11.02 -17.05 -37.73
C TRP B 184 -11.51 -15.74 -38.32
N GLY B 185 -10.62 -14.78 -38.52
CA GLY B 185 -10.94 -13.58 -39.28
C GLY B 185 -10.95 -12.28 -38.50
N HIS B 186 -10.70 -12.30 -37.19
CA HIS B 186 -10.71 -11.06 -36.43
C HIS B 186 -9.50 -10.22 -36.81
N PRO B 187 -9.69 -8.95 -37.23
CA PRO B 187 -8.57 -8.17 -37.74
C PRO B 187 -7.67 -7.58 -36.67
N GLU B 188 -8.06 -7.62 -35.40
CA GLU B 188 -7.31 -6.94 -34.35
C GLU B 188 -6.54 -7.90 -33.43
N TYR B 189 -7.22 -8.88 -32.85
CA TYR B 189 -6.60 -9.73 -31.83
C TYR B 189 -7.08 -11.16 -32.00
N THR B 190 -6.58 -12.03 -31.12
CA THR B 190 -6.96 -13.43 -31.06
C THR B 190 -7.09 -13.83 -29.59
N CYS B 191 -8.18 -14.49 -29.24
CA CYS B 191 -8.50 -14.81 -27.85
C CYS B 191 -8.36 -16.31 -27.60
N LEU B 192 -7.79 -16.66 -26.46
CA LEU B 192 -7.69 -18.03 -25.99
C LEU B 192 -8.43 -18.14 -24.67
N TYR B 193 -9.45 -18.98 -24.63
CA TYR B 193 -10.27 -19.12 -23.42
C TYR B 193 -9.68 -20.14 -22.45
N ARG B 194 -9.46 -21.37 -22.91
CA ARG B 194 -8.80 -22.35 -22.07
C ARG B 194 -8.03 -23.35 -22.94
N PHE B 195 -6.83 -23.70 -22.48
CA PHE B 195 -5.98 -24.68 -23.15
C PHE B 195 -5.56 -25.73 -22.12
N ARG B 196 -5.83 -27.00 -22.43
CA ARG B 196 -5.54 -28.09 -21.51
C ARG B 196 -4.51 -29.04 -22.12
N VAL B 197 -3.74 -29.68 -21.25
CA VAL B 197 -2.73 -30.65 -21.65
C VAL B 197 -3.00 -31.96 -20.92
N HIS B 198 -3.17 -33.04 -21.68
CA HIS B 198 -3.46 -34.35 -21.12
C HIS B 198 -2.34 -35.33 -21.49
N GLY B 199 -2.12 -36.30 -20.61
CA GLY B 199 -1.08 -37.27 -20.87
C GLY B 199 -0.93 -38.23 -19.70
N GLU B 200 0.18 -38.96 -19.71
CA GLU B 200 0.47 -39.94 -18.69
C GLU B 200 1.74 -39.57 -17.94
N PRO B 201 1.71 -39.49 -16.62
CA PRO B 201 2.92 -39.15 -15.85
C PRO B 201 3.94 -40.28 -15.91
N VAL B 202 5.19 -39.91 -15.66
CA VAL B 202 6.29 -40.87 -15.67
C VAL B 202 6.30 -41.67 -14.37
N THR C 9 -32.65 -48.15 -28.52
CA THR C 9 -32.85 -46.70 -28.51
C THR C 9 -31.88 -46.03 -27.54
N GLU C 10 -30.74 -46.69 -27.30
CA GLU C 10 -29.74 -46.13 -26.39
C GLU C 10 -29.11 -44.87 -26.97
N ALA C 11 -28.95 -44.81 -28.30
CA ALA C 11 -28.34 -43.62 -28.90
C ALA C 11 -29.26 -42.42 -28.82
N GLN C 12 -30.58 -42.64 -28.86
CA GLN C 12 -31.52 -41.53 -28.70
C GLN C 12 -31.45 -40.97 -27.28
N ALA C 13 -31.30 -41.85 -26.29
CA ALA C 13 -31.20 -41.40 -24.90
C ALA C 13 -29.92 -40.59 -24.69
N ARG C 14 -28.80 -41.06 -25.25
CA ARG C 14 -27.55 -40.30 -25.12
C ARG C 14 -27.64 -38.97 -25.85
N ALA C 15 -28.34 -38.92 -26.98
CA ALA C 15 -28.48 -37.67 -27.70
C ALA C 15 -29.33 -36.67 -26.94
N ILE C 16 -30.35 -37.14 -26.22
CA ILE C 16 -31.19 -36.24 -25.44
C ILE C 16 -30.42 -35.65 -24.26
N VAL C 17 -29.69 -36.49 -23.53
CA VAL C 17 -28.96 -36.02 -22.36
C VAL C 17 -27.80 -35.12 -22.78
N ASN C 18 -27.14 -35.44 -23.89
CA ASN C 18 -26.04 -34.59 -24.35
C ASN C 18 -26.54 -33.26 -24.88
N SER C 19 -27.72 -33.24 -25.51
CA SER C 19 -28.29 -31.97 -25.95
C SER C 19 -28.68 -31.10 -24.77
N ALA C 20 -29.21 -31.71 -23.70
CA ALA C 20 -29.55 -30.95 -22.50
C ALA C 20 -28.30 -30.39 -21.83
N LEU C 21 -27.23 -31.19 -21.77
CA LEU C 21 -25.98 -30.70 -21.19
C LEU C 21 -25.36 -29.61 -22.04
N LYS C 22 -25.49 -29.69 -23.37
CA LYS C 22 -24.94 -28.65 -24.23
C LYS C 22 -25.65 -27.33 -23.99
N LEU C 23 -26.97 -27.35 -23.89
CA LEU C 23 -27.72 -26.13 -23.58
C LEU C 23 -27.43 -25.64 -22.17
N TYR C 24 -27.20 -26.57 -21.24
CA TYR C 24 -26.89 -26.18 -19.86
C TYR C 24 -25.54 -25.47 -19.78
N SER C 25 -24.55 -25.96 -20.55
CA SER C 25 -23.23 -25.36 -20.53
C SER C 25 -23.19 -23.99 -21.21
N GLN C 26 -24.15 -23.70 -22.09
CA GLN C 26 -24.19 -22.41 -22.77
C GLN C 26 -25.00 -21.40 -21.97
N ASP C 27 -24.52 -21.14 -20.76
CA ASP C 27 -25.12 -20.19 -19.83
C ASP C 27 -26.59 -20.53 -19.54
N LYS C 28 -26.93 -21.82 -19.67
CA LYS C 28 -28.25 -22.37 -19.36
C LYS C 28 -29.35 -21.86 -20.28
N THR C 29 -29.04 -20.96 -21.21
CA THR C 29 -30.04 -20.42 -22.14
C THR C 29 -29.62 -20.45 -23.59
N GLY C 30 -28.32 -20.53 -23.89
CA GLY C 30 -27.87 -20.48 -25.27
C GLY C 30 -28.09 -19.15 -25.95
N MET C 31 -28.26 -18.08 -25.19
CA MET C 31 -28.51 -16.76 -25.72
C MET C 31 -27.46 -15.77 -25.21
N VAL C 32 -27.14 -14.78 -26.04
CA VAL C 32 -26.17 -13.77 -25.66
C VAL C 32 -26.74 -12.92 -24.53
N ASP C 33 -25.93 -12.68 -23.51
CA ASP C 33 -26.29 -11.79 -22.42
C ASP C 33 -25.51 -10.50 -22.61
N PHE C 34 -26.17 -9.51 -23.24
CA PHE C 34 -25.52 -8.24 -23.51
C PHE C 34 -25.31 -7.39 -22.26
N ALA C 35 -25.80 -7.84 -21.10
CA ALA C 35 -25.54 -7.17 -19.84
C ALA C 35 -24.38 -7.77 -19.06
N LEU C 36 -23.92 -8.96 -19.46
CA LEU C 36 -22.85 -9.64 -18.75
C LEU C 36 -21.61 -8.76 -18.68
N GLU C 37 -21.05 -8.61 -17.47
CA GLU C 37 -19.95 -7.69 -17.27
C GLU C 37 -18.70 -8.14 -18.02
N SER C 38 -18.34 -9.40 -17.91
CA SER C 38 -17.14 -9.90 -18.58
C SER C 38 -17.24 -9.81 -20.09
N GLY C 39 -18.45 -9.77 -20.65
CA GLY C 39 -18.64 -9.67 -22.07
C GLY C 39 -18.79 -8.26 -22.60
N GLY C 40 -18.74 -7.25 -21.73
CA GLY C 40 -18.85 -5.87 -22.18
C GLY C 40 -19.87 -5.05 -21.43
N GLY C 41 -20.68 -5.71 -20.60
CA GLY C 41 -21.66 -4.98 -19.81
C GLY C 41 -21.05 -4.29 -18.62
N SER C 42 -21.73 -3.25 -18.15
CA SER C 42 -21.25 -2.47 -17.01
C SER C 42 -22.42 -1.84 -16.29
N ILE C 43 -22.22 -1.53 -15.02
CA ILE C 43 -23.23 -0.92 -14.18
C ILE C 43 -22.99 0.60 -14.15
N LEU C 44 -24.05 1.36 -14.37
CA LEU C 44 -24.01 2.81 -14.20
C LEU C 44 -24.31 3.11 -12.73
N SER C 45 -23.25 3.18 -11.93
CA SER C 45 -23.41 3.36 -10.49
C SER C 45 -24.03 4.70 -10.13
N THR C 46 -24.06 5.65 -11.07
CA THR C 46 -24.67 6.94 -10.76
C THR C 46 -26.19 6.84 -10.71
N ARG C 47 -26.78 5.86 -11.39
CA ARG C 47 -28.22 5.72 -11.49
C ARG C 47 -28.70 4.39 -10.91
N CYS C 48 -28.10 3.96 -9.80
CA CYS C 48 -28.52 2.77 -9.10
C CYS C 48 -28.95 3.15 -7.69
N SER C 49 -29.80 2.29 -7.10
CA SER C 49 -30.21 2.50 -5.73
C SER C 49 -29.01 2.32 -4.79
N GLU C 50 -29.10 2.94 -3.63
CA GLU C 50 -28.03 2.81 -2.65
C GLU C 50 -27.99 1.39 -2.11
N THR C 51 -26.80 0.81 -2.06
CA THR C 51 -26.65 -0.57 -1.62
C THR C 51 -27.02 -0.70 -0.15
N TYR C 52 -27.83 -1.71 0.17
CA TYR C 52 -28.20 -1.96 1.56
C TYR C 52 -26.97 -2.35 2.36
N GLU C 53 -26.62 -1.54 3.35
CA GLU C 53 -25.45 -1.77 4.20
C GLU C 53 -25.87 -2.50 5.47
N THR C 54 -25.22 -3.64 5.73
CA THR C 54 -25.50 -4.43 6.91
C THR C 54 -24.36 -4.44 7.92
N LYS C 55 -23.12 -4.30 7.46
CA LYS C 55 -21.94 -4.29 8.33
C LYS C 55 -21.88 -5.55 9.19
N THR C 56 -21.88 -6.70 8.51
CA THR C 56 -21.77 -8.00 9.16
C THR C 56 -20.57 -8.79 8.69
N ALA C 57 -20.21 -8.71 7.42
CA ALA C 57 -19.08 -9.47 6.86
C ALA C 57 -17.82 -8.66 7.08
N LEU C 58 -17.18 -8.86 8.24
CA LEU C 58 -16.00 -8.11 8.62
C LEU C 58 -14.75 -8.76 8.04
N MET C 59 -14.07 -8.04 7.16
CA MET C 59 -12.79 -8.50 6.61
C MET C 59 -11.66 -7.96 7.47
N SER C 60 -10.79 -8.86 7.92
CA SER C 60 -9.68 -8.50 8.79
C SER C 60 -8.39 -9.13 8.27
N LEU C 61 -7.27 -8.55 8.69
CA LEU C 61 -5.95 -9.02 8.30
C LEU C 61 -4.99 -8.80 9.47
N PHE C 62 -4.32 -9.88 9.89
CA PHE C 62 -3.44 -9.86 11.06
C PHE C 62 -4.18 -9.37 12.30
N GLY C 63 -5.44 -9.80 12.45
CA GLY C 63 -6.26 -9.39 13.56
C GLY C 63 -6.75 -7.96 13.52
N ILE C 64 -6.39 -7.20 12.49
CA ILE C 64 -6.79 -5.80 12.37
C ILE C 64 -8.05 -5.75 11.51
N PRO C 65 -9.20 -5.36 12.05
CA PRO C 65 -10.40 -5.23 11.22
C PRO C 65 -10.23 -4.12 10.20
N LEU C 66 -10.49 -4.45 8.93
CA LEU C 66 -10.23 -3.53 7.82
C LEU C 66 -11.51 -2.89 7.30
N TRP C 67 -12.48 -3.69 6.89
CA TRP C 67 -13.72 -3.14 6.34
C TRP C 67 -14.78 -4.23 6.32
N TYR C 68 -16.04 -3.79 6.19
CA TYR C 68 -17.16 -4.69 6.01
C TYR C 68 -17.42 -4.92 4.52
N PHE C 69 -17.65 -6.17 4.16
CA PHE C 69 -17.87 -6.53 2.76
C PHE C 69 -19.35 -6.58 2.43
N SER C 70 -19.73 -5.96 1.31
CA SER C 70 -21.08 -6.00 0.79
C SER C 70 -21.02 -6.06 -0.73
N GLN C 71 -21.91 -6.86 -1.31
CA GLN C 71 -21.90 -7.04 -2.76
C GLN C 71 -22.39 -5.76 -3.45
N SER C 72 -21.68 -5.36 -4.49
CA SER C 72 -22.04 -4.21 -5.30
C SER C 72 -23.05 -4.62 -6.37
N PRO C 73 -23.66 -3.65 -7.06
CA PRO C 73 -24.54 -4.01 -8.18
C PRO C 73 -23.85 -4.79 -9.28
N ARG C 74 -22.52 -4.85 -9.29
CA ARG C 74 -21.81 -5.57 -10.34
C ARG C 74 -22.16 -7.06 -10.35
N VAL C 75 -22.50 -7.63 -9.21
CA VAL C 75 -22.76 -9.07 -9.15
C VAL C 75 -24.02 -9.45 -9.92
N VAL C 76 -24.95 -8.51 -10.12
CA VAL C 76 -26.16 -8.81 -10.86
C VAL C 76 -25.86 -9.17 -12.30
N ILE C 77 -24.71 -8.74 -12.83
CA ILE C 77 -24.32 -9.08 -14.19
C ILE C 77 -23.11 -10.02 -14.13
N GLN C 78 -23.03 -10.81 -13.06
CA GLN C 78 -22.05 -11.85 -12.88
C GLN C 78 -22.73 -13.20 -12.68
N PRO C 79 -22.17 -14.28 -13.21
CA PRO C 79 -22.93 -15.54 -13.29
C PRO C 79 -23.10 -16.29 -11.97
N ASP C 80 -22.22 -16.09 -10.99
CA ASP C 80 -22.31 -16.85 -9.74
C ASP C 80 -23.59 -16.50 -8.99
N ILE C 81 -24.48 -17.49 -8.82
CA ILE C 81 -25.75 -17.25 -8.15
C ILE C 81 -25.87 -18.11 -6.90
N TYR C 82 -24.75 -18.42 -6.27
CA TYR C 82 -24.82 -19.07 -4.96
C TYR C 82 -25.43 -18.12 -3.95
N PRO C 83 -26.07 -18.65 -2.89
CA PRO C 83 -26.72 -17.78 -1.90
C PRO C 83 -25.77 -16.73 -1.34
N GLY C 84 -26.13 -15.45 -1.48
CA GLY C 84 -25.31 -14.34 -1.07
C GLY C 84 -24.65 -13.59 -2.21
N ASN C 85 -24.44 -14.26 -3.34
CA ASN C 85 -23.87 -13.62 -4.52
C ASN C 85 -24.94 -12.81 -5.24
N CYS C 86 -25.42 -11.77 -4.54
CA CYS C 86 -26.53 -10.95 -5.01
C CYS C 86 -26.37 -9.54 -4.47
N TRP C 87 -26.90 -8.58 -5.21
CA TRP C 87 -26.93 -7.19 -4.77
C TRP C 87 -28.25 -6.90 -4.10
N ALA C 88 -28.19 -6.24 -2.95
CA ALA C 88 -29.37 -5.93 -2.16
C ALA C 88 -29.52 -4.42 -2.01
N PHE C 89 -30.75 -3.94 -2.10
CA PHE C 89 -31.09 -2.56 -1.83
C PHE C 89 -32.14 -2.50 -0.73
N LYS C 90 -32.14 -1.40 0.01
CA LYS C 90 -33.04 -1.25 1.14
C LYS C 90 -34.49 -1.21 0.66
N GLY C 91 -35.37 -1.87 1.40
CA GLY C 91 -36.78 -1.83 1.09
C GLY C 91 -37.18 -2.81 0.01
N SER C 92 -38.37 -2.56 -0.54
CA SER C 92 -38.92 -3.38 -1.61
C SER C 92 -39.00 -2.63 -2.93
N GLN C 93 -38.41 -1.44 -3.02
CA GLN C 93 -38.41 -0.63 -4.24
C GLN C 93 -36.98 -0.24 -4.56
N GLY C 94 -36.51 -0.59 -5.75
CA GLY C 94 -35.17 -0.26 -6.17
C GLY C 94 -35.07 -0.20 -7.68
N TYR C 95 -33.94 0.33 -8.15
CA TYR C 95 -33.69 0.44 -9.58
C TYR C 95 -32.24 0.11 -9.88
N LEU C 96 -32.00 -0.34 -11.10
CA LEU C 96 -30.68 -0.79 -11.54
C LEU C 96 -30.53 -0.46 -13.01
N VAL C 97 -29.53 0.34 -13.36
CA VAL C 97 -29.26 0.75 -14.73
C VAL C 97 -27.99 0.05 -15.21
N VAL C 98 -28.11 -0.65 -16.34
CA VAL C 98 -27.01 -1.43 -16.91
C VAL C 98 -26.73 -0.92 -18.32
N ARG C 99 -25.46 -0.70 -18.63
CA ARG C 99 -25.03 -0.35 -19.97
C ARG C 99 -24.71 -1.63 -20.74
N LEU C 100 -25.47 -1.88 -21.80
CA LEU C 100 -25.29 -3.10 -22.56
C LEU C 100 -23.98 -3.08 -23.34
N SER C 101 -23.52 -4.28 -23.70
CA SER C 101 -22.25 -4.38 -24.42
C SER C 101 -22.37 -3.88 -25.86
N MET C 102 -23.56 -3.97 -26.45
CA MET C 102 -23.77 -3.52 -27.82
C MET C 102 -25.13 -2.87 -27.95
N MET C 103 -25.28 -2.06 -29.00
CA MET C 103 -26.56 -1.44 -29.34
C MET C 103 -27.46 -2.52 -29.95
N ILE C 104 -28.49 -2.93 -29.21
CA ILE C 104 -29.32 -4.06 -29.61
C ILE C 104 -30.79 -3.66 -29.58
N HIS C 105 -31.60 -4.46 -30.27
CA HIS C 105 -33.05 -4.41 -30.11
C HIS C 105 -33.42 -5.41 -29.03
N PRO C 106 -33.83 -4.97 -27.84
CA PRO C 106 -34.12 -5.92 -26.76
C PRO C 106 -35.32 -6.80 -27.09
N ALA C 107 -35.17 -8.10 -26.87
CA ALA C 107 -36.22 -9.07 -27.16
C ALA C 107 -36.70 -9.84 -25.94
N ALA C 108 -35.84 -10.09 -24.96
CA ALA C 108 -36.23 -10.85 -23.78
C ALA C 108 -35.29 -10.49 -22.63
N PHE C 109 -35.77 -10.75 -21.42
CA PHE C 109 -34.98 -10.53 -20.21
C PHE C 109 -35.06 -11.76 -19.32
N THR C 110 -33.98 -12.01 -18.59
CA THR C 110 -33.87 -13.17 -17.72
C THR C 110 -33.56 -12.71 -16.30
N LEU C 111 -34.33 -13.22 -15.35
CA LEU C 111 -34.11 -12.94 -13.92
C LEU C 111 -33.87 -14.25 -13.20
N GLU C 112 -32.80 -14.31 -12.42
CA GLU C 112 -32.42 -15.50 -11.67
C GLU C 112 -32.47 -15.20 -10.19
N HIS C 113 -32.94 -16.19 -9.42
CA HIS C 113 -32.94 -16.12 -7.97
C HIS C 113 -32.78 -17.54 -7.44
N ILE C 114 -32.20 -17.65 -6.24
CA ILE C 114 -31.96 -18.96 -5.64
C ILE C 114 -33.30 -19.63 -5.38
N PRO C 115 -33.40 -20.95 -5.49
CA PRO C 115 -34.64 -21.63 -5.12
C PRO C 115 -34.84 -21.65 -3.61
N LYS C 116 -36.10 -21.87 -3.22
CA LYS C 116 -36.42 -21.92 -1.80
C LYS C 116 -35.67 -23.04 -1.09
N THR C 117 -35.34 -24.12 -1.81
CA THR C 117 -34.65 -25.26 -1.22
C THR C 117 -33.20 -24.94 -0.86
N LEU C 118 -32.68 -23.80 -1.26
CA LEU C 118 -31.30 -23.41 -0.94
C LEU C 118 -31.23 -22.18 -0.03
N SER C 119 -32.36 -21.58 0.30
CA SER C 119 -32.40 -20.41 1.17
C SER C 119 -32.42 -20.84 2.63
N PRO C 120 -31.61 -20.21 3.49
CA PRO C 120 -31.59 -20.63 4.90
C PRO C 120 -32.92 -20.47 5.60
N THR C 121 -33.64 -19.37 5.35
CA THR C 121 -34.94 -19.15 5.97
C THR C 121 -36.02 -20.07 5.43
N GLY C 122 -35.73 -20.85 4.39
CA GLY C 122 -36.70 -21.73 3.79
C GLY C 122 -37.64 -21.06 2.80
N ASN C 123 -37.47 -19.77 2.56
CA ASN C 123 -38.29 -19.03 1.61
C ASN C 123 -37.42 -17.97 0.95
N ILE C 124 -37.89 -17.44 -0.17
CA ILE C 124 -37.17 -16.34 -0.79
C ILE C 124 -38.05 -15.10 -0.79
N SER C 125 -38.15 -14.45 0.37
CA SER C 125 -38.95 -13.24 0.48
C SER C 125 -38.20 -12.02 -0.02
N SER C 126 -36.88 -12.10 -0.12
CA SER C 126 -36.05 -11.03 -0.66
C SER C 126 -36.06 -10.96 -2.18
N ALA C 127 -36.64 -11.95 -2.85
CA ALA C 127 -36.67 -11.95 -4.30
C ALA C 127 -37.61 -10.85 -4.80
N PRO C 128 -37.33 -10.27 -5.96
CA PRO C 128 -38.25 -9.27 -6.52
C PRO C 128 -39.55 -9.93 -6.97
N LYS C 129 -40.64 -9.18 -6.85
CA LYS C 129 -41.95 -9.68 -7.24
C LYS C 129 -42.48 -8.97 -8.48
N ASP C 130 -42.64 -7.66 -8.44
CA ASP C 130 -43.17 -6.89 -9.56
C ASP C 130 -42.10 -5.93 -10.03
N PHE C 131 -41.82 -5.95 -11.33
CA PHE C 131 -40.77 -5.10 -11.88
C PHE C 131 -41.13 -4.69 -13.31
N ALA C 132 -40.37 -3.72 -13.83
CA ALA C 132 -40.51 -3.27 -15.20
C ALA C 132 -39.13 -2.97 -15.75
N VAL C 133 -39.01 -3.06 -17.07
CA VAL C 133 -37.74 -2.83 -17.76
C VAL C 133 -37.93 -1.69 -18.74
N TYR C 134 -37.02 -0.73 -18.70
CA TYR C 134 -37.07 0.44 -19.56
C TYR C 134 -35.79 0.55 -20.40
N GLY C 135 -35.91 1.20 -21.55
CA GLY C 135 -34.80 1.45 -22.44
C GLY C 135 -34.45 2.93 -22.46
N LEU C 136 -33.18 3.22 -22.22
CA LEU C 136 -32.69 4.58 -22.13
C LEU C 136 -31.82 4.89 -23.34
N GLU C 137 -32.01 6.08 -23.91
CA GLU C 137 -31.22 6.48 -25.07
C GLU C 137 -29.87 7.05 -24.67
N ASN C 138 -29.75 7.60 -23.47
CA ASN C 138 -28.49 8.14 -22.98
C ASN C 138 -28.43 7.94 -21.47
N GLU C 139 -27.25 8.20 -20.91
CA GLU C 139 -27.06 7.98 -19.48
C GLU C 139 -27.84 8.97 -18.64
N TYR C 140 -28.10 10.17 -19.16
CA TYR C 140 -28.76 11.23 -18.40
C TYR C 140 -30.25 11.32 -18.67
N GLN C 141 -30.81 10.43 -19.49
CA GLN C 141 -32.24 10.46 -19.77
C GLN C 141 -33.02 10.05 -18.52
N GLU C 142 -33.88 10.95 -18.04
CA GLU C 142 -34.61 10.69 -16.81
C GLU C 142 -35.72 9.67 -17.02
N GLU C 143 -36.42 9.76 -18.15
CA GLU C 143 -37.54 8.87 -18.45
C GLU C 143 -37.27 8.12 -19.75
N GLY C 144 -37.26 6.79 -19.67
CA GLY C 144 -37.03 5.95 -20.83
C GLY C 144 -38.31 5.36 -21.39
N GLN C 145 -38.13 4.51 -22.40
CA GLN C 145 -39.24 3.84 -23.07
C GLN C 145 -39.53 2.52 -22.39
N LEU C 146 -40.80 2.29 -22.05
CA LEU C 146 -41.19 1.06 -21.35
C LEU C 146 -41.02 -0.14 -22.29
N LEU C 147 -40.18 -1.09 -21.87
CA LEU C 147 -39.96 -2.31 -22.63
C LEU C 147 -40.81 -3.49 -22.15
N GLY C 148 -41.38 -3.40 -20.95
CA GLY C 148 -42.23 -4.46 -20.46
C GLY C 148 -42.37 -4.49 -18.95
N GLN C 149 -43.56 -4.78 -18.46
CA GLN C 149 -43.81 -4.97 -17.04
C GLN C 149 -44.02 -6.46 -16.78
N PHE C 150 -43.25 -7.02 -15.86
CA PHE C 150 -43.29 -8.45 -15.59
C PHE C 150 -43.44 -8.69 -14.09
N THR C 151 -43.59 -9.97 -13.74
CA THR C 151 -43.71 -10.40 -12.36
C THR C 151 -42.89 -11.67 -12.18
N TYR C 152 -41.92 -11.63 -11.27
CA TYR C 152 -41.13 -12.82 -10.95
C TYR C 152 -41.92 -13.69 -9.99
N ASP C 153 -42.15 -14.94 -10.39
CA ASP C 153 -42.95 -15.86 -9.59
C ASP C 153 -42.05 -16.57 -8.58
N GLN C 154 -42.35 -16.40 -7.28
CA GLN C 154 -41.56 -17.08 -6.26
C GLN C 154 -41.80 -18.58 -6.28
N ASP C 155 -42.95 -19.02 -6.78
CA ASP C 155 -43.26 -20.44 -6.89
C ASP C 155 -42.81 -21.02 -8.21
N GLY C 156 -42.15 -20.24 -9.07
CA GLY C 156 -41.66 -20.71 -10.34
C GLY C 156 -40.24 -21.24 -10.24
N GLU C 157 -39.63 -21.44 -11.41
CA GLU C 157 -38.28 -21.96 -11.46
C GLU C 157 -37.28 -20.88 -11.04
N SER C 158 -36.04 -21.32 -10.78
CA SER C 158 -35.01 -20.38 -10.36
C SER C 158 -34.71 -19.37 -11.45
N LEU C 159 -34.58 -19.83 -12.69
CA LEU C 159 -34.37 -18.96 -13.84
C LEU C 159 -35.70 -18.73 -14.53
N GLN C 160 -36.07 -17.46 -14.69
CA GLN C 160 -37.33 -17.10 -15.32
C GLN C 160 -37.05 -16.08 -16.43
N MET C 161 -37.64 -16.32 -17.60
CA MET C 161 -37.44 -15.47 -18.75
C MET C 161 -38.71 -14.68 -19.04
N PHE C 162 -38.53 -13.48 -19.62
CA PHE C 162 -39.64 -12.56 -19.84
C PHE C 162 -39.48 -11.94 -21.21
N GLN C 163 -40.50 -12.07 -22.05
CA GLN C 163 -40.46 -11.58 -23.42
C GLN C 163 -40.76 -10.08 -23.47
N ALA C 164 -39.94 -9.33 -24.19
CA ALA C 164 -40.12 -7.90 -24.29
C ALA C 164 -41.35 -7.57 -25.14
N LEU C 165 -41.86 -6.35 -24.96
CA LEU C 165 -43.04 -5.91 -25.68
C LEU C 165 -42.72 -5.67 -27.15
N LYS C 166 -43.71 -5.91 -28.00
CA LYS C 166 -43.62 -5.55 -29.40
C LYS C 166 -44.11 -4.12 -29.58
N ARG C 167 -43.26 -3.26 -30.14
CA ARG C 167 -43.57 -1.85 -30.27
C ARG C 167 -43.56 -1.44 -31.74
N PRO C 168 -44.32 -0.39 -32.12
CA PRO C 168 -44.35 0.04 -33.52
C PRO C 168 -42.97 0.41 -34.06
N ASP C 169 -42.30 1.34 -33.39
CA ASP C 169 -40.94 1.73 -33.76
C ASP C 169 -39.96 0.92 -32.92
N ASP C 170 -39.27 -0.03 -33.57
CA ASP C 170 -38.32 -0.90 -32.87
C ASP C 170 -37.00 -0.14 -32.68
N THR C 171 -37.06 0.86 -31.81
CA THR C 171 -35.88 1.64 -31.47
C THR C 171 -34.91 0.81 -30.64
N ALA C 172 -33.63 0.86 -30.99
CA ALA C 172 -32.61 0.09 -30.31
C ALA C 172 -32.10 0.83 -29.08
N PHE C 173 -31.53 0.07 -28.15
CA PHE C 173 -31.04 0.61 -26.90
C PHE C 173 -29.74 -0.08 -26.49
N GLN C 174 -28.87 0.68 -25.83
CA GLN C 174 -27.67 0.14 -25.22
C GLN C 174 -27.65 0.36 -23.72
N ILE C 175 -28.69 0.97 -23.16
CA ILE C 175 -28.80 1.21 -21.73
C ILE C 175 -30.18 0.73 -21.29
N VAL C 176 -30.21 -0.13 -20.27
CA VAL C 176 -31.44 -0.74 -19.78
C VAL C 176 -31.59 -0.44 -18.29
N GLU C 177 -32.80 -0.10 -17.88
CA GLU C 177 -33.10 0.17 -16.47
C GLU C 177 -34.06 -0.89 -15.95
N LEU C 178 -33.70 -1.51 -14.84
CA LEU C 178 -34.52 -2.50 -14.16
C LEU C 178 -35.11 -1.86 -12.91
N ARG C 179 -36.42 -1.67 -12.89
CA ARG C 179 -37.13 -1.03 -11.79
C ARG C 179 -37.88 -2.10 -11.01
N ILE C 180 -37.47 -2.33 -9.78
CA ILE C 180 -38.16 -3.28 -8.89
C ILE C 180 -39.21 -2.51 -8.11
N PHE C 181 -40.46 -2.95 -8.21
CA PHE C 181 -41.55 -2.28 -7.51
C PHE C 181 -41.91 -2.96 -6.19
N SER C 182 -41.71 -4.26 -6.08
CA SER C 182 -42.06 -4.99 -4.87
C SER C 182 -41.24 -6.27 -4.78
N ASN C 183 -41.14 -6.78 -3.57
CA ASN C 183 -40.49 -8.06 -3.28
C ASN C 183 -41.56 -9.05 -2.81
N TRP C 184 -41.10 -10.23 -2.39
CA TRP C 184 -42.01 -11.28 -1.93
C TRP C 184 -42.19 -11.29 -0.42
N GLY C 185 -42.07 -10.13 0.22
CA GLY C 185 -42.45 -9.99 1.62
C GLY C 185 -41.32 -9.70 2.59
N HIS C 186 -40.08 -9.61 2.13
CA HIS C 186 -38.98 -9.36 3.07
C HIS C 186 -39.07 -7.93 3.59
N PRO C 187 -39.09 -7.73 4.90
CA PRO C 187 -39.31 -6.38 5.45
C PRO C 187 -38.09 -5.48 5.42
N GLU C 188 -36.90 -6.01 5.14
CA GLU C 188 -35.67 -5.24 5.23
C GLU C 188 -35.08 -4.87 3.88
N TYR C 189 -34.85 -5.84 3.00
CA TYR C 189 -34.14 -5.59 1.76
C TYR C 189 -34.76 -6.42 0.63
N THR C 190 -34.18 -6.26 -0.57
CA THR C 190 -34.57 -7.02 -1.75
C THR C 190 -33.31 -7.38 -2.51
N CYS C 191 -33.19 -8.65 -2.90
CA CYS C 191 -31.96 -9.17 -3.50
C CYS C 191 -32.16 -9.45 -4.98
N LEU C 192 -31.15 -9.09 -5.77
CA LEU C 192 -31.10 -9.41 -7.20
C LEU C 192 -29.85 -10.25 -7.44
N TYR C 193 -30.06 -11.48 -7.91
CA TYR C 193 -28.94 -12.39 -8.14
C TYR C 193 -28.32 -12.21 -9.52
N ARG C 194 -29.13 -12.32 -10.57
CA ARG C 194 -28.63 -12.05 -11.90
C ARG C 194 -29.75 -11.56 -12.80
N PHE C 195 -29.44 -10.55 -13.62
CA PHE C 195 -30.36 -9.98 -14.59
C PHE C 195 -29.68 -9.97 -15.95
N ARG C 196 -30.32 -10.58 -16.94
CA ARG C 196 -29.76 -10.71 -18.28
C ARG C 196 -30.59 -9.94 -19.29
N VAL C 197 -29.94 -9.47 -20.35
CA VAL C 197 -30.61 -8.76 -21.44
C VAL C 197 -30.29 -9.48 -22.73
N HIS C 198 -31.32 -9.91 -23.44
CA HIS C 198 -31.17 -10.63 -24.70
C HIS C 198 -31.82 -9.85 -25.83
N GLY C 199 -31.27 -10.01 -27.03
CA GLY C 199 -31.82 -9.32 -28.17
C GLY C 199 -30.98 -9.55 -29.41
N GLU C 200 -31.22 -8.71 -30.42
CA GLU C 200 -30.55 -8.79 -31.70
C GLU C 200 -29.73 -7.53 -31.94
N PRO C 201 -28.44 -7.64 -32.25
CA PRO C 201 -27.64 -6.45 -32.50
C PRO C 201 -28.05 -5.75 -33.78
N VAL C 202 -27.72 -4.46 -33.86
CA VAL C 202 -28.04 -3.66 -35.03
C VAL C 202 -27.03 -3.90 -36.14
N THR D 9 41.24 40.01 28.99
CA THR D 9 40.33 40.59 28.01
C THR D 9 40.01 39.59 26.90
N GLU D 10 40.94 38.69 26.62
CA GLU D 10 40.71 37.68 25.59
C GLU D 10 39.82 36.56 26.10
N ALA D 11 40.04 36.11 27.35
CA ALA D 11 39.18 35.08 27.92
C ALA D 11 37.78 35.58 28.14
N GLN D 12 37.62 36.88 28.42
CA GLN D 12 36.28 37.46 28.54
C GLN D 12 35.57 37.45 27.19
N ALA D 13 36.30 37.72 26.11
CA ALA D 13 35.70 37.71 24.78
C ALA D 13 35.26 36.30 24.40
N ARG D 14 36.13 35.31 24.61
CA ARG D 14 35.77 33.93 24.28
C ARG D 14 34.60 33.43 25.12
N ALA D 15 34.52 33.88 26.37
CA ALA D 15 33.36 33.55 27.20
C ALA D 15 32.08 34.17 26.63
N ILE D 16 32.17 35.36 26.04
CA ILE D 16 31.01 35.99 25.45
C ILE D 16 30.56 35.23 24.21
N VAL D 17 31.51 34.82 23.37
CA VAL D 17 31.16 34.09 22.16
C VAL D 17 30.60 32.71 22.49
N ASN D 18 31.15 32.07 23.52
CA ASN D 18 30.63 30.76 23.93
C ASN D 18 29.25 30.88 24.56
N SER D 19 29.00 31.95 25.31
CA SER D 19 27.68 32.16 25.89
C SER D 19 26.65 32.44 24.80
N ALA D 20 27.02 33.20 23.77
CA ALA D 20 26.10 33.45 22.67
C ALA D 20 25.81 32.19 21.89
N LEU D 21 26.84 31.38 21.64
CA LEU D 21 26.62 30.10 20.95
C LEU D 21 25.83 29.13 21.80
N LYS D 22 26.04 29.15 23.12
CA LYS D 22 25.28 28.27 24.01
C LYS D 22 23.81 28.63 23.99
N LEU D 23 23.49 29.92 24.04
CA LEU D 23 22.09 30.34 23.93
C LEU D 23 21.54 30.07 22.55
N TYR D 24 22.37 30.19 21.51
CA TYR D 24 21.90 29.92 20.16
C TYR D 24 21.58 28.44 19.96
N SER D 25 22.41 27.55 20.53
CA SER D 25 22.18 26.12 20.37
C SER D 25 20.97 25.64 21.14
N GLN D 26 20.56 26.36 22.19
CA GLN D 26 19.40 25.97 22.99
C GLN D 26 18.12 26.58 22.42
N ASP D 27 17.84 26.20 21.17
CA ASP D 27 16.66 26.67 20.43
C ASP D 27 16.62 28.19 20.32
N LYS D 28 17.78 28.83 20.35
CA LYS D 28 17.96 30.27 20.19
C LYS D 28 17.36 31.09 21.33
N THR D 29 16.72 30.45 22.30
CA THR D 29 16.11 31.16 23.41
C THR D 29 16.47 30.61 24.78
N GLY D 30 16.92 29.36 24.89
CA GLY D 30 17.20 28.78 26.18
C GLY D 30 15.98 28.58 27.05
N MET D 31 14.79 28.55 26.46
CA MET D 31 13.54 28.40 27.20
C MET D 31 12.78 27.21 26.65
N VAL D 32 12.01 26.56 27.52
CA VAL D 32 11.23 25.41 27.12
C VAL D 32 10.12 25.88 26.17
N ASP D 33 9.94 25.14 25.07
CA ASP D 33 8.85 25.40 24.14
C ASP D 33 7.79 24.31 24.36
N PHE D 34 6.79 24.63 25.17
CA PHE D 34 5.74 23.68 25.48
C PHE D 34 4.79 23.44 24.31
N ALA D 35 4.97 24.15 23.20
CA ALA D 35 4.20 23.92 21.99
C ALA D 35 4.93 23.02 20.99
N LEU D 36 6.23 22.78 21.20
CA LEU D 36 7.01 21.98 20.27
C LEU D 36 6.39 20.59 20.12
N GLU D 37 6.20 20.17 18.86
CA GLU D 37 5.50 18.92 18.60
C GLU D 37 6.31 17.73 19.13
N SER D 38 7.60 17.68 18.82
CA SER D 38 8.43 16.57 19.25
C SER D 38 8.53 16.47 20.77
N GLY D 39 8.31 17.58 21.48
CA GLY D 39 8.37 17.60 22.92
C GLY D 39 7.07 17.36 23.63
N GLY D 40 5.97 17.17 22.90
CA GLY D 40 4.69 16.89 23.52
C GLY D 40 3.56 17.78 23.01
N GLY D 41 3.90 18.82 22.25
CA GLY D 41 2.89 19.69 21.71
C GLY D 41 2.16 19.08 20.52
N SER D 42 0.95 19.56 20.29
CA SER D 42 0.13 19.05 19.21
C SER D 42 -0.84 20.13 18.75
N ILE D 43 -1.28 20.02 17.50
CA ILE D 43 -2.24 20.93 16.91
C ILE D 43 -3.63 20.31 17.01
N LEU D 44 -4.57 21.05 17.61
N LEU D 44 -4.58 21.07 17.54
CA LEU D 44 -5.90 20.53 17.86
CA LEU D 44 -5.98 20.67 17.46
C LEU D 44 -6.86 20.86 16.72
C LEU D 44 -6.48 21.01 16.06
N SER D 45 -7.04 22.14 16.43
N SER D 45 -6.53 19.99 15.19
CA SER D 45 -7.98 22.55 15.41
CA SER D 45 -6.71 20.21 13.77
C SER D 45 -7.72 24.01 15.02
C SER D 45 -8.09 20.79 13.45
N THR D 46 -8.17 24.35 13.81
N THR D 46 -9.12 20.34 14.16
CA THR D 46 -8.25 25.73 13.36
CA THR D 46 -10.47 20.85 13.89
C THR D 46 -9.73 26.04 13.14
C THR D 46 -10.58 22.34 14.23
N ARG D 47 -10.26 27.00 13.91
N ARG D 47 -9.93 22.77 15.32
CA ARG D 47 -11.69 27.25 13.94
CA ARG D 47 -9.96 24.17 15.73
C ARG D 47 -12.25 27.47 12.54
C ARG D 47 -8.79 24.92 15.10
N CYS D 48 -11.78 28.51 11.86
N CYS D 48 -8.94 25.18 13.80
CA CYS D 48 -12.22 28.80 10.50
CA CYS D 48 -7.94 25.94 13.04
C CYS D 48 -11.04 28.97 9.54
C CYS D 48 -8.68 26.69 11.93
N SER D 49 -9.83 28.64 9.98
N SER D 49 -7.92 27.18 10.96
CA SER D 49 -8.63 28.84 9.18
CA SER D 49 -8.46 27.84 9.78
C SER D 49 -8.41 27.62 8.31
C SER D 49 -8.21 26.98 8.56
N GLU D 50 -9.04 27.61 7.14
N GLU D 50 -8.91 27.33 7.48
CA GLU D 50 -8.80 26.57 6.16
CA GLU D 50 -8.77 26.57 6.24
C GLU D 50 -7.47 26.82 5.46
C GLU D 50 -7.41 26.83 5.61
N THR D 51 -6.71 25.75 5.27
CA THR D 51 -5.39 25.87 4.66
C THR D 51 -5.52 26.42 3.24
N TYR D 52 -4.69 27.41 2.91
CA TYR D 52 -4.72 28.00 1.57
C TYR D 52 -4.34 26.96 0.53
N GLU D 53 -5.23 26.74 -0.42
CA GLU D 53 -5.02 25.74 -1.46
C GLU D 53 -4.34 26.39 -2.66
N THR D 54 -3.18 25.87 -3.03
CA THR D 54 -2.41 26.40 -4.17
C THR D 54 -2.33 25.43 -5.33
N LYS D 55 -2.23 24.14 -5.06
CA LYS D 55 -2.17 23.09 -6.10
C LYS D 55 -1.01 23.34 -7.07
N THR D 56 0.18 23.51 -6.50
CA THR D 56 1.39 23.73 -7.30
C THR D 56 2.47 22.70 -7.04
N ALA D 57 2.64 22.25 -5.80
CA ALA D 57 3.69 21.30 -5.46
C ALA D 57 3.15 19.90 -5.72
N LEU D 58 3.35 19.43 -6.96
CA LEU D 58 2.83 18.14 -7.39
C LEU D 58 3.83 17.05 -7.05
N MET D 59 3.44 16.14 -6.16
CA MET D 59 4.27 14.99 -5.81
C MET D 59 3.90 13.82 -6.72
N SER D 60 4.90 13.25 -7.38
CA SER D 60 4.68 12.17 -8.32
C SER D 60 5.67 11.04 -8.05
N LEU D 61 5.33 9.84 -8.54
CA LEU D 61 6.17 8.66 -8.38
C LEU D 61 6.04 7.81 -9.63
N PHE D 62 7.17 7.52 -10.26
CA PHE D 62 7.21 6.79 -11.54
C PHE D 62 6.34 7.46 -12.59
N GLY D 63 6.39 8.80 -12.63
CA GLY D 63 5.59 9.55 -13.58
C GLY D 63 4.11 9.62 -13.27
N ILE D 64 3.66 9.00 -12.19
CA ILE D 64 2.25 8.99 -11.83
C ILE D 64 2.00 10.14 -10.85
N PRO D 65 1.22 11.15 -11.21
CA PRO D 65 0.90 12.21 -10.25
C PRO D 65 0.09 11.67 -9.08
N LEU D 66 0.56 11.94 -7.87
CA LEU D 66 -0.03 11.37 -6.67
C LEU D 66 -0.91 12.39 -5.93
N TRP D 67 -0.35 13.52 -5.55
CA TRP D 67 -1.09 14.53 -4.79
C TRP D 67 -0.31 15.83 -4.80
N TYR D 68 -1.00 16.92 -4.46
CA TYR D 68 -0.36 18.21 -4.28
C TYR D 68 0.07 18.38 -2.82
N PHE D 69 1.28 18.88 -2.62
CA PHE D 69 1.83 19.05 -1.28
C PHE D 69 1.58 20.46 -0.77
N SER D 70 1.10 20.55 0.46
CA SER D 70 0.92 21.82 1.15
C SER D 70 1.24 21.61 2.63
N GLN D 71 1.90 22.58 3.23
CA GLN D 71 2.28 22.45 4.63
C GLN D 71 1.05 22.51 5.51
N SER D 72 0.98 21.60 6.47
CA SER D 72 -0.12 21.54 7.43
C SER D 72 0.17 22.47 8.60
N PRO D 73 -0.82 22.72 9.46
CA PRO D 73 -0.55 23.50 10.68
C PRO D 73 0.51 22.89 11.59
N ARG D 74 0.86 21.61 11.39
CA ARG D 74 1.88 20.99 12.22
C ARG D 74 3.23 21.67 12.09
N VAL D 75 3.52 22.27 10.93
CA VAL D 75 4.82 22.88 10.70
C VAL D 75 5.04 24.08 11.61
N VAL D 76 3.97 24.71 12.10
CA VAL D 76 4.10 25.85 12.99
C VAL D 76 4.74 25.46 14.31
N ILE D 77 4.69 24.19 14.68
CA ILE D 77 5.34 23.74 15.91
C ILE D 77 6.51 22.82 15.55
N GLN D 78 7.12 23.06 14.39
CA GLN D 78 8.32 22.37 13.96
C GLN D 78 9.45 23.38 13.72
N PRO D 79 10.69 23.03 14.04
CA PRO D 79 11.74 24.06 14.12
C PRO D 79 12.22 24.57 12.77
N ASP D 80 12.15 23.78 11.71
CA ASP D 80 12.66 24.20 10.41
C ASP D 80 11.92 25.44 9.91
N ILE D 81 12.64 26.55 9.77
CA ILE D 81 12.02 27.81 9.34
C ILE D 81 12.66 28.33 8.06
N TYR D 82 13.16 27.42 7.23
CA TYR D 82 13.61 27.83 5.90
C TYR D 82 12.41 28.30 5.08
N PRO D 83 12.64 29.18 4.09
CA PRO D 83 11.53 29.70 3.29
C PRO D 83 10.65 28.61 2.69
N GLY D 84 9.35 28.65 3.02
CA GLY D 84 8.39 27.65 2.60
C GLY D 84 7.94 26.73 3.72
N ASN D 85 8.78 26.55 4.74
CA ASN D 85 8.44 25.71 5.89
C ASN D 85 7.50 26.46 6.83
N CYS D 86 6.30 26.75 6.32
CA CYS D 86 5.33 27.54 7.05
C CYS D 86 3.93 27.12 6.65
N TRP D 87 2.99 27.26 7.58
CA TRP D 87 1.59 26.99 7.30
C TRP D 87 0.89 28.28 6.92
N ALA D 88 0.09 28.21 5.85
CA ALA D 88 -0.59 29.38 5.32
C ALA D 88 -2.10 29.16 5.38
N PHE D 89 -2.82 30.22 5.74
CA PHE D 89 -4.27 30.22 5.71
C PHE D 89 -4.75 31.37 4.82
N LYS D 90 -5.93 31.19 4.24
CA LYS D 90 -6.46 32.19 3.32
C LYS D 90 -6.78 33.49 4.07
N GLY D 91 -6.48 34.62 3.43
CA GLY D 91 -6.79 35.90 4.00
C GLY D 91 -5.76 36.38 5.01
N SER D 92 -6.18 37.37 5.80
CA SER D 92 -5.34 37.97 6.83
C SER D 92 -5.84 37.68 8.23
N GLN D 93 -6.84 36.81 8.37
CA GLN D 93 -7.40 36.45 9.66
C GLN D 93 -7.38 34.93 9.79
N GLY D 94 -6.76 34.43 10.85
CA GLY D 94 -6.65 32.99 11.04
C GLY D 94 -6.51 32.64 12.50
N TYR D 95 -6.78 31.36 12.78
CA TYR D 95 -6.74 30.82 14.14
C TYR D 95 -5.85 29.60 14.17
N LEU D 96 -5.21 29.38 15.32
CA LEU D 96 -4.40 28.18 15.52
C LEU D 96 -4.49 27.80 16.99
N VAL D 97 -4.99 26.60 17.27
CA VAL D 97 -5.16 26.11 18.63
C VAL D 97 -4.13 25.01 18.85
N VAL D 98 -3.32 25.17 19.90
CA VAL D 98 -2.23 24.25 20.20
C VAL D 98 -2.45 23.68 21.59
N ARG D 99 -2.31 22.36 21.72
CA ARG D 99 -2.35 21.72 23.02
C ARG D 99 -0.92 21.65 23.56
N LEU D 100 -0.68 22.33 24.68
CA LEU D 100 0.65 22.37 25.25
C LEU D 100 1.05 21.01 25.80
N SER D 101 2.36 20.80 25.92
CA SER D 101 2.87 19.52 26.40
C SER D 101 2.56 19.32 27.89
N MET D 102 2.48 20.40 28.65
CA MET D 102 2.19 20.32 30.08
C MET D 102 1.29 21.48 30.48
N MET D 103 0.63 21.31 31.63
CA MET D 103 -0.17 22.38 32.22
C MET D 103 0.76 23.41 32.83
N ILE D 104 0.83 24.60 32.23
CA ILE D 104 1.82 25.60 32.61
C ILE D 104 1.12 26.93 32.87
N HIS D 105 1.83 27.81 33.58
CA HIS D 105 1.45 29.21 33.67
C HIS D 105 2.16 29.95 32.56
N PRO D 106 1.46 30.41 31.52
CA PRO D 106 2.14 31.06 30.39
C PRO D 106 2.79 32.36 30.82
N ALA D 107 4.04 32.55 30.41
CA ALA D 107 4.80 33.75 30.74
C ALA D 107 5.25 34.53 29.52
N ALA D 108 5.50 33.88 28.39
CA ALA D 108 5.94 34.56 27.19
C ALA D 108 5.61 33.70 25.98
N PHE D 109 5.53 34.35 24.82
CA PHE D 109 5.28 33.68 23.56
C PHE D 109 6.29 34.14 22.53
N THR D 110 6.64 33.24 21.61
CA THR D 110 7.64 33.51 20.59
C THR D 110 7.04 33.24 19.22
N LEU D 111 7.19 34.22 18.32
CA LEU D 111 6.74 34.09 16.94
C LEU D 111 7.93 34.29 16.03
N GLU D 112 8.15 33.36 15.11
CA GLU D 112 9.30 33.38 14.22
C GLU D 112 8.84 33.49 12.77
N HIS D 113 9.58 34.27 11.99
CA HIS D 113 9.32 34.44 10.56
C HIS D 113 10.64 34.67 9.86
N ILE D 114 10.69 34.30 8.58
CA ILE D 114 11.91 34.44 7.79
C ILE D 114 12.26 35.92 7.69
N PRO D 115 13.55 36.27 7.64
CA PRO D 115 13.91 37.68 7.44
C PRO D 115 13.61 38.12 6.02
N LYS D 116 13.50 39.44 5.87
CA LYS D 116 13.21 40.01 4.56
C LYS D 116 14.31 39.70 3.56
N THR D 117 15.55 39.53 4.03
CA THR D 117 16.68 39.26 3.17
C THR D 117 16.68 37.86 2.57
N LEU D 118 15.77 36.98 3.01
CA LEU D 118 15.71 35.62 2.49
C LEU D 118 14.43 35.32 1.71
N SER D 119 13.52 36.28 1.60
CA SER D 119 12.29 36.06 0.86
C SER D 119 12.52 36.32 -0.62
N PRO D 120 12.03 35.44 -1.52
CA PRO D 120 12.25 35.68 -2.95
C PRO D 120 11.58 36.94 -3.46
N THR D 121 10.36 37.23 -2.99
CA THR D 121 9.65 38.42 -3.43
C THR D 121 10.24 39.71 -2.89
N GLY D 122 11.23 39.63 -2.00
CA GLY D 122 11.83 40.81 -1.42
C GLY D 122 11.08 41.41 -0.25
N ASN D 123 9.98 40.80 0.18
CA ASN D 123 9.18 41.32 1.29
C ASN D 123 8.64 40.16 2.11
N ILE D 124 8.21 40.48 3.32
CA ILE D 124 7.59 39.50 4.21
C ILE D 124 6.15 39.91 4.48
N SER D 125 5.46 40.37 3.43
CA SER D 125 4.09 40.86 3.60
C SER D 125 3.12 39.75 3.97
N SER D 126 3.50 38.49 3.78
CA SER D 126 2.69 37.37 4.23
C SER D 126 2.80 37.12 5.72
N ALA D 127 3.71 37.78 6.41
CA ALA D 127 3.88 37.58 7.84
C ALA D 127 2.70 38.17 8.60
N PRO D 128 2.37 37.60 9.76
CA PRO D 128 1.31 38.17 10.58
C PRO D 128 1.75 39.49 11.20
N LYS D 129 0.80 40.39 11.37
CA LYS D 129 1.08 41.71 11.93
C LYS D 129 0.49 41.89 13.32
N ASP D 130 -0.83 41.73 13.47
CA ASP D 130 -1.50 41.93 14.74
C ASP D 130 -2.12 40.60 15.17
N PHE D 131 -1.84 40.19 16.41
CA PHE D 131 -2.34 38.92 16.89
C PHE D 131 -2.60 39.00 18.40
N ALA D 132 -3.28 37.99 18.91
CA ALA D 132 -3.54 37.84 20.32
C ALA D 132 -3.47 36.37 20.69
N VAL D 133 -3.15 36.09 21.95
CA VAL D 133 -3.02 34.73 22.44
C VAL D 133 -4.01 34.54 23.58
N TYR D 134 -4.77 33.44 23.51
CA TYR D 134 -5.80 33.14 24.50
C TYR D 134 -5.52 31.78 25.13
N GLY D 135 -6.03 31.62 26.36
CA GLY D 135 -5.92 30.36 27.09
C GLY D 135 -7.28 29.71 27.21
N LEU D 136 -7.35 28.45 26.78
CA LEU D 136 -8.59 27.69 26.75
C LEU D 136 -8.56 26.58 27.78
N GLU D 137 -9.68 26.39 28.48
CA GLU D 137 -9.78 25.30 29.45
C GLU D 137 -10.08 23.99 28.75
N ASN D 138 -10.72 24.05 27.58
CA ASN D 138 -11.03 22.86 26.80
C ASN D 138 -10.97 23.22 25.33
N GLU D 139 -10.94 22.20 24.49
CA GLU D 139 -10.86 22.42 23.05
C GLU D 139 -12.09 23.14 22.51
N TYR D 140 -13.27 22.82 23.06
CA TYR D 140 -14.53 23.30 22.54
C TYR D 140 -14.93 24.67 23.07
N GLN D 141 -14.10 25.28 23.91
CA GLN D 141 -14.42 26.61 24.44
C GLN D 141 -14.30 27.65 23.32
N GLU D 142 -15.36 28.43 23.13
CA GLU D 142 -15.40 29.37 22.01
C GLU D 142 -14.45 30.54 22.25
N GLU D 143 -14.62 31.25 23.38
CA GLU D 143 -13.80 32.40 23.71
C GLU D 143 -13.07 32.13 25.02
N GLY D 144 -11.74 32.22 24.99
CA GLY D 144 -10.91 31.95 26.14
C GLY D 144 -10.47 33.22 26.86
N GLN D 145 -9.53 33.03 27.79
CA GLN D 145 -9.01 34.13 28.58
C GLN D 145 -7.83 34.78 27.85
N LEU D 146 -7.89 36.10 27.71
CA LEU D 146 -6.86 36.83 26.97
C LEU D 146 -5.54 36.78 27.72
N LEU D 147 -4.51 36.23 27.07
CA LEU D 147 -3.17 36.17 27.62
C LEU D 147 -2.27 37.30 27.13
N GLY D 148 -2.67 38.00 26.08
CA GLY D 148 -1.89 39.12 25.59
C GLY D 148 -2.19 39.45 24.14
N GLN D 149 -2.26 40.73 23.82
CA GLN D 149 -2.42 41.20 22.45
C GLN D 149 -1.10 41.85 22.01
N PHE D 150 -0.50 41.32 20.95
CA PHE D 150 0.81 41.75 20.52
C PHE D 150 0.80 42.09 19.03
N THR D 151 1.93 42.59 18.55
CA THR D 151 2.10 42.95 17.15
C THR D 151 3.49 42.51 16.70
N TYR D 152 3.55 41.66 15.68
CA TYR D 152 4.81 41.24 15.11
C TYR D 152 5.33 42.32 14.18
N ASP D 153 6.54 42.82 14.46
CA ASP D 153 7.13 43.92 13.70
C ASP D 153 7.88 43.36 12.49
N GLN D 154 7.47 43.77 11.29
CA GLN D 154 8.16 43.32 10.09
C GLN D 154 9.57 43.90 10.00
N ASP D 155 9.80 45.05 10.62
CA ASP D 155 11.11 45.69 10.64
C ASP D 155 11.96 45.23 11.82
N GLY D 156 11.46 44.31 12.63
CA GLY D 156 12.20 43.78 13.75
C GLY D 156 13.00 42.55 13.38
N GLU D 157 13.50 41.85 14.40
CA GLU D 157 14.29 40.66 14.18
C GLU D 157 13.41 39.51 13.70
N SER D 158 14.06 38.47 13.18
CA SER D 158 13.33 37.31 12.70
C SER D 158 12.58 36.63 13.84
N LEU D 159 13.24 36.44 14.97
CA LEU D 159 12.62 35.88 16.17
C LEU D 159 12.21 37.03 17.08
N GLN D 160 10.93 37.07 17.44
CA GLN D 160 10.40 38.10 18.32
C GLN D 160 9.65 37.45 19.47
N MET D 161 9.95 37.89 20.69
CA MET D 161 9.35 37.35 21.89
C MET D 161 8.39 38.37 22.49
N PHE D 162 7.36 37.86 23.16
CA PHE D 162 6.30 38.69 23.70
C PHE D 162 5.93 38.20 25.09
N GLN D 163 5.99 39.11 26.08
CA GLN D 163 5.71 38.76 27.45
C GLN D 163 4.21 38.68 27.68
N ALA D 164 3.77 37.63 28.36
CA ALA D 164 2.34 37.44 28.59
C ALA D 164 1.80 38.49 29.54
N LEU D 165 0.48 38.69 29.48
CA LEU D 165 -0.18 39.70 30.29
C LEU D 165 -0.20 39.30 31.76
N LYS D 166 0.02 40.29 32.62
CA LYS D 166 -0.04 40.09 34.07
C LYS D 166 -1.49 40.05 34.49
N ARG D 167 -1.97 38.89 34.94
CA ARG D 167 -3.33 38.71 35.37
C ARG D 167 -3.41 38.50 36.88
N PRO D 168 -4.51 38.91 37.52
CA PRO D 168 -4.58 38.77 38.99
C PRO D 168 -4.51 37.34 39.47
N ASP D 169 -5.21 36.43 38.81
CA ASP D 169 -5.17 35.01 39.15
C ASP D 169 -4.31 34.29 38.12
N ASP D 170 -3.23 33.67 38.58
N ASP D 170 -3.21 33.68 38.57
CA ASP D 170 -2.32 32.93 37.69
CA ASP D 170 -2.32 32.93 37.69
C ASP D 170 -2.95 31.58 37.37
C ASP D 170 -2.96 31.58 37.38
N THR D 171 -3.93 31.62 36.47
CA THR D 171 -4.60 30.39 36.02
C THR D 171 -3.74 29.69 34.99
N ALA D 172 -3.56 28.38 35.16
CA ALA D 172 -2.74 27.62 34.25
C ALA D 172 -3.57 27.14 33.05
N PHE D 173 -2.86 26.85 31.95
CA PHE D 173 -3.50 26.42 30.72
C PHE D 173 -2.64 25.36 30.04
N GLN D 174 -3.31 24.43 29.37
CA GLN D 174 -2.65 23.45 28.52
C GLN D 174 -3.12 23.54 27.07
N ILE D 175 -4.02 24.47 26.76
CA ILE D 175 -4.52 24.69 25.41
C ILE D 175 -4.42 26.18 25.12
N VAL D 176 -3.75 26.53 24.02
CA VAL D 176 -3.51 27.90 23.64
C VAL D 176 -4.05 28.13 22.24
N GLU D 177 -4.70 29.28 22.05
CA GLU D 177 -5.23 29.68 20.76
C GLU D 177 -4.50 30.93 20.28
N LEU D 178 -3.96 30.87 19.07
CA LEU D 178 -3.28 32.00 18.44
C LEU D 178 -4.21 32.60 17.39
N ARG D 179 -4.65 33.83 17.61
CA ARG D 179 -5.57 34.51 16.72
C ARG D 179 -4.81 35.58 15.95
N ILE D 180 -4.70 35.40 14.64
CA ILE D 180 -4.09 36.39 13.76
C ILE D 180 -5.19 37.32 13.26
N PHE D 181 -5.02 38.62 13.49
CA PHE D 181 -6.01 39.60 13.06
C PHE D 181 -5.65 40.28 11.74
N SER D 182 -4.37 40.40 11.43
CA SER D 182 -3.96 41.07 10.20
C SER D 182 -2.57 40.58 9.82
N ASN D 183 -2.24 40.74 8.54
CA ASN D 183 -0.92 40.45 8.01
C ASN D 183 -0.25 41.75 7.57
N TRP D 184 0.91 41.62 6.94
CA TRP D 184 1.68 42.78 6.50
C TRP D 184 1.42 43.13 5.03
N GLY D 185 0.23 42.83 4.52
CA GLY D 185 -0.20 43.32 3.23
C GLY D 185 -0.36 42.29 2.13
N HIS D 186 -0.10 41.03 2.40
CA HIS D 186 -0.24 40.02 1.35
C HIS D 186 -1.73 39.81 1.05
N PRO D 187 -2.16 39.96 -0.21
CA PRO D 187 -3.60 39.92 -0.50
C PRO D 187 -4.20 38.53 -0.54
N GLU D 188 -3.39 37.47 -0.55
CA GLU D 188 -3.89 36.11 -0.72
C GLU D 188 -3.88 35.30 0.55
N TYR D 189 -2.73 35.19 1.23
CA TYR D 189 -2.60 34.29 2.36
C TYR D 189 -1.74 34.94 3.44
N THR D 190 -1.56 34.21 4.53
CA THR D 190 -0.72 34.62 5.64
C THR D 190 0.03 33.39 6.15
N CYS D 191 1.34 33.52 6.32
CA CYS D 191 2.20 32.39 6.65
C CYS D 191 2.68 32.47 8.10
N LEU D 192 2.66 31.32 8.78
CA LEU D 192 3.19 31.17 10.12
C LEU D 192 4.31 30.15 10.09
N TYR D 193 5.53 30.58 10.47
CA TYR D 193 6.67 29.68 10.43
C TYR D 193 6.80 28.89 11.73
N ARG D 194 6.87 29.57 12.87
CA ARG D 194 6.92 28.87 14.14
C ARG D 194 6.32 29.74 15.23
N PHE D 195 5.52 29.10 16.10
CA PHE D 195 4.92 29.75 17.26
C PHE D 195 5.26 28.95 18.50
N ARG D 196 5.86 29.61 19.49
CA ARG D 196 6.32 28.95 20.70
C ARG D 196 5.56 29.49 21.92
N VAL D 197 5.41 28.64 22.93
CA VAL D 197 4.75 29.00 24.19
C VAL D 197 5.72 28.69 25.32
N HIS D 198 6.01 29.69 26.15
CA HIS D 198 6.93 29.54 27.26
C HIS D 198 6.21 29.82 28.58
N GLY D 199 6.67 29.14 29.64
CA GLY D 199 6.07 29.33 30.94
C GLY D 199 6.66 28.39 31.95
N GLU D 200 5.97 28.27 33.09
CA GLU D 200 6.39 27.43 34.19
C GLU D 200 5.37 26.32 34.42
N PRO D 201 5.79 25.06 34.42
CA PRO D 201 4.84 23.97 34.62
C PRO D 201 4.32 23.92 36.06
N VAL D 202 3.15 23.32 36.21
CA VAL D 202 2.55 23.15 37.53
C VAL D 202 3.19 21.96 38.22
N LYS D 203 3.22 22.01 39.55
CA LYS D 203 3.81 20.93 40.33
C LYS D 203 2.85 20.47 41.43
N THR E 9 35.16 48.16 24.55
CA THR E 9 35.31 47.06 23.61
C THR E 9 34.37 45.92 23.97
N GLU E 10 33.65 46.07 25.08
CA GLU E 10 32.72 45.04 25.50
C GLU E 10 31.46 45.05 24.63
N ALA E 11 30.79 46.21 24.54
CA ALA E 11 29.63 46.32 23.68
C ALA E 11 29.98 46.12 22.22
N GLN E 12 31.20 46.50 21.82
CA GLN E 12 31.65 46.26 20.45
C GLN E 12 31.79 44.77 20.17
N ALA E 13 32.27 44.01 21.16
CA ALA E 13 32.42 42.57 20.99
C ALA E 13 31.06 41.89 20.84
N ARG E 14 30.10 42.24 21.69
CA ARG E 14 28.78 41.60 21.62
C ARG E 14 28.08 41.92 20.31
N ALA E 15 28.20 43.16 19.83
CA ALA E 15 27.56 43.52 18.57
C ALA E 15 28.18 42.76 17.39
N ILE E 16 29.48 42.49 17.46
CA ILE E 16 30.14 41.72 16.40
C ILE E 16 29.67 40.28 16.44
N VAL E 17 29.60 39.69 17.63
CA VAL E 17 29.20 38.28 17.74
C VAL E 17 27.73 38.11 17.38
N ASN E 18 26.89 39.08 17.76
CA ASN E 18 25.47 38.98 17.41
C ASN E 18 25.24 39.18 15.92
N SER E 19 26.04 40.04 15.28
CA SER E 19 25.93 40.19 13.83
C SER E 19 26.40 38.94 13.11
N ALA E 20 27.45 38.29 13.63
CA ALA E 20 27.92 37.04 13.02
C ALA E 20 26.87 35.94 13.17
N LEU E 21 26.23 35.85 14.33
CA LEU E 21 25.17 34.86 14.52
C LEU E 21 23.96 35.19 13.66
N LYS E 22 23.67 36.48 13.49
CA LYS E 22 22.55 36.88 12.64
C LYS E 22 22.79 36.48 11.19
N LEU E 23 24.01 36.71 10.69
CA LEU E 23 24.35 36.28 9.33
C LEU E 23 24.39 34.76 9.23
N TYR E 24 24.80 34.08 10.30
CA TYR E 24 24.85 32.62 10.28
C TYR E 24 23.47 32.01 10.18
N SER E 25 22.49 32.58 10.91
CA SER E 25 21.14 32.05 10.90
C SER E 25 20.40 32.30 9.59
N GLN E 26 20.82 33.30 8.81
CA GLN E 26 20.15 33.62 7.55
C GLN E 26 20.75 32.82 6.39
N ASP E 27 20.63 31.49 6.49
CA ASP E 27 21.11 30.56 5.48
C ASP E 27 22.61 30.73 5.23
N LYS E 28 23.34 31.20 6.24
CA LYS E 28 24.79 31.38 6.25
C LYS E 28 25.26 32.47 5.29
N THR E 29 24.36 33.07 4.52
CA THR E 29 24.74 34.10 3.55
C THR E 29 23.89 35.36 3.61
N GLY E 30 22.69 35.31 4.17
CA GLY E 30 21.81 36.46 4.16
C GLY E 30 21.30 36.83 2.79
N MET E 31 21.32 35.90 1.84
CA MET E 31 20.90 36.14 0.47
C MET E 31 19.82 35.14 0.07
N VAL E 32 18.93 35.58 -0.80
CA VAL E 32 17.85 34.71 -1.28
C VAL E 32 18.43 33.58 -2.12
N ASP E 33 17.98 32.37 -1.88
CA ASP E 33 18.35 31.20 -2.69
C ASP E 33 17.14 30.87 -3.56
N PHE E 34 17.16 31.35 -4.80
CA PHE E 34 16.05 31.13 -5.73
C PHE E 34 15.99 29.69 -6.24
N ALA E 35 16.95 28.84 -5.88
CA ALA E 35 16.92 27.43 -6.24
C ALA E 35 16.39 26.54 -5.12
N LEU E 36 16.25 27.08 -3.90
CA LEU E 36 15.80 26.29 -2.76
C LEU E 36 14.45 25.64 -3.05
N GLU E 37 14.37 24.34 -2.79
CA GLU E 37 13.16 23.59 -3.14
C GLU E 37 11.95 24.07 -2.35
N SER E 38 12.11 24.23 -1.03
CA SER E 38 10.99 24.66 -0.20
C SER E 38 10.50 26.06 -0.57
N GLY E 39 11.36 26.88 -1.18
CA GLY E 39 10.99 28.22 -1.59
C GLY E 39 10.49 28.36 -3.00
N GLY E 40 10.42 27.28 -3.77
CA GLY E 40 9.91 27.37 -5.12
C GLY E 40 10.81 26.73 -6.16
N GLY E 41 12.03 26.36 -5.78
CA GLY E 41 12.93 25.70 -6.70
C GLY E 41 12.57 24.23 -6.89
N SER E 42 12.99 23.70 -8.03
CA SER E 42 12.69 22.31 -8.34
C SER E 42 13.75 21.76 -9.28
N ILE E 43 13.90 20.44 -9.27
CA ILE E 43 14.86 19.74 -10.10
C ILE E 43 14.14 19.21 -11.33
N LEU E 44 14.68 19.53 -12.51
CA LEU E 44 14.22 18.93 -13.75
C LEU E 44 14.91 17.58 -13.89
N SER E 45 14.29 16.55 -13.29
CA SER E 45 14.93 15.24 -13.19
C SER E 45 15.21 14.61 -14.55
N THR E 46 14.56 15.08 -15.62
CA THR E 46 14.83 14.55 -16.95
C THR E 46 16.14 15.10 -17.51
N ARG E 47 16.46 16.36 -17.21
CA ARG E 47 17.64 17.02 -17.73
C ARG E 47 18.87 16.84 -16.83
N CYS E 48 18.89 15.81 -15.99
CA CYS E 48 20.00 15.55 -15.09
C CYS E 48 20.72 14.27 -15.50
N SER E 49 21.93 14.11 -14.98
CA SER E 49 22.70 12.90 -15.24
C SER E 49 22.13 11.73 -14.44
N GLU E 50 22.48 10.52 -14.88
CA GLU E 50 21.98 9.33 -14.23
C GLU E 50 22.60 9.18 -12.84
N THR E 51 21.76 8.94 -11.84
CA THR E 51 22.23 8.86 -10.47
C THR E 51 23.13 7.65 -10.26
N TYR E 52 24.24 7.89 -9.56
CA TYR E 52 25.21 6.82 -9.26
C TYR E 52 24.56 5.74 -8.42
N GLU E 53 24.60 4.51 -8.92
CA GLU E 53 23.99 3.35 -8.26
C GLU E 53 25.03 2.68 -7.37
N THR E 54 24.72 2.54 -6.08
CA THR E 54 25.61 1.90 -5.13
C THR E 54 25.06 0.60 -4.58
N LYS E 55 23.78 0.57 -4.21
CA LYS E 55 23.13 -0.63 -3.66
C LYS E 55 23.80 -1.09 -2.37
N THR E 56 23.83 -0.19 -1.40
CA THR E 56 24.41 -0.51 -0.10
C THR E 56 23.46 -0.23 1.06
N ALA E 57 22.67 0.84 0.99
CA ALA E 57 21.76 1.22 2.08
C ALA E 57 20.46 0.45 1.90
N LEU E 58 20.39 -0.73 2.50
CA LEU E 58 19.25 -1.62 2.36
C LEU E 58 18.17 -1.24 3.37
N MET E 59 17.02 -0.79 2.87
CA MET E 59 15.88 -0.47 3.70
C MET E 59 14.99 -1.71 3.83
N SER E 60 14.69 -2.09 5.07
CA SER E 60 13.90 -3.28 5.33
C SER E 60 12.78 -2.97 6.32
N LEU E 61 11.76 -3.83 6.29
CA LEU E 61 10.60 -3.70 7.18
C LEU E 61 10.11 -5.08 7.53
N PHE E 62 10.03 -5.37 8.83
CA PHE E 62 9.67 -6.71 9.32
C PHE E 62 10.60 -7.77 8.73
N GLY E 63 11.88 -7.44 8.63
CA GLY E 63 12.86 -8.33 8.06
C GLY E 63 12.78 -8.51 6.56
N ILE E 64 11.85 -7.82 5.89
CA ILE E 64 11.68 -7.94 4.45
C ILE E 64 12.47 -6.81 3.79
N PRO E 65 13.52 -7.12 3.02
CA PRO E 65 14.24 -6.06 2.32
C PRO E 65 13.35 -5.42 1.26
N LEU E 66 13.27 -4.09 1.29
CA LEU E 66 12.36 -3.36 0.43
C LEU E 66 13.07 -2.73 -0.76
N TRP E 67 14.09 -1.91 -0.52
CA TRP E 67 14.80 -1.24 -1.59
C TRP E 67 16.10 -0.67 -1.03
N TYR E 68 17.01 -0.34 -1.94
CA TYR E 68 18.23 0.37 -1.59
C TYR E 68 17.99 1.86 -1.69
N PHE E 69 18.47 2.60 -0.68
CA PHE E 69 18.25 4.04 -0.61
C PHE E 69 19.41 4.79 -1.22
N SER E 70 19.10 5.77 -2.07
CA SER E 70 20.10 6.65 -2.66
C SER E 70 19.50 8.05 -2.76
N GLN E 71 20.32 9.06 -2.48
CA GLN E 71 19.84 10.43 -2.50
C GLN E 71 19.54 10.88 -3.92
N SER E 72 18.42 11.54 -4.10
CA SER E 72 18.00 12.08 -5.39
C SER E 72 18.62 13.45 -5.61
N PRO E 73 18.55 13.97 -6.85
CA PRO E 73 19.05 15.34 -7.08
C PRO E 73 18.32 16.41 -6.27
N ARG E 74 17.17 16.09 -5.66
CA ARG E 74 16.45 17.08 -4.88
C ARG E 74 17.26 17.58 -3.69
N VAL E 75 18.16 16.73 -3.16
CA VAL E 75 18.93 17.11 -1.98
C VAL E 75 19.87 18.27 -2.27
N VAL E 76 20.27 18.47 -3.53
CA VAL E 76 21.16 19.56 -3.88
C VAL E 76 20.53 20.92 -3.62
N ILE E 77 19.18 20.99 -3.57
CA ILE E 77 18.52 22.25 -3.27
C ILE E 77 17.82 22.14 -1.92
N GLN E 78 18.40 21.34 -1.02
CA GLN E 78 17.96 21.20 0.36
C GLN E 78 19.10 21.55 1.31
N PRO E 79 18.80 22.20 2.44
CA PRO E 79 19.87 22.80 3.25
C PRO E 79 20.72 21.81 4.06
N ASP E 80 20.17 20.65 4.39
CA ASP E 80 20.87 19.70 5.25
C ASP E 80 22.11 19.17 4.51
N ILE E 81 23.30 19.53 5.01
CA ILE E 81 24.54 19.16 4.34
C ILE E 81 25.41 18.30 5.24
N TYR E 82 24.79 17.50 6.10
CA TYR E 82 25.54 16.51 6.86
C TYR E 82 26.12 15.46 5.92
N PRO E 83 27.24 14.82 6.31
CA PRO E 83 27.88 13.84 5.42
C PRO E 83 26.93 12.76 4.94
N GLY E 84 26.79 12.64 3.61
CA GLY E 84 25.88 11.71 2.99
C GLY E 84 24.64 12.35 2.40
N ASN E 85 24.25 13.52 2.91
CA ASN E 85 23.11 14.27 2.39
C ASN E 85 23.50 15.01 1.11
N CYS E 86 23.83 14.24 0.09
CA CYS E 86 24.32 14.77 -1.17
C CYS E 86 23.92 13.84 -2.30
N TRP E 87 23.74 14.42 -3.49
CA TRP E 87 23.43 13.64 -4.68
C TRP E 87 24.73 13.34 -5.43
N ALA E 88 24.90 12.09 -5.84
CA ALA E 88 26.12 11.64 -6.50
C ALA E 88 25.79 11.08 -7.88
N PHE E 89 26.64 11.40 -8.85
CA PHE E 89 26.56 10.84 -10.19
C PHE E 89 27.85 10.14 -10.54
N LYS E 90 27.75 9.12 -11.38
CA LYS E 90 28.92 8.33 -11.74
C LYS E 90 29.92 9.15 -12.55
N GLY E 91 31.21 8.95 -12.27
CA GLY E 91 32.25 9.63 -13.00
C GLY E 91 32.53 11.02 -12.47
N SER E 92 33.23 11.81 -13.29
CA SER E 92 33.61 13.17 -12.95
C SER E 92 32.91 14.20 -13.82
N GLN E 93 31.95 13.80 -14.64
CA GLN E 93 31.19 14.71 -15.50
C GLN E 93 29.71 14.47 -15.27
N GLY E 94 28.99 15.52 -14.93
CA GLY E 94 27.56 15.41 -14.67
C GLY E 94 26.83 16.72 -14.92
N TYR E 95 25.53 16.60 -15.15
CA TYR E 95 24.67 17.74 -15.41
C TYR E 95 23.58 17.82 -14.35
N LEU E 96 23.20 19.05 -14.00
CA LEU E 96 22.12 19.28 -13.06
C LEU E 96 21.39 20.55 -13.46
N VAL E 97 20.11 20.42 -13.79
CA VAL E 97 19.28 21.54 -14.23
C VAL E 97 18.26 21.84 -13.14
N VAL E 98 18.21 23.09 -12.70
CA VAL E 98 17.32 23.53 -11.63
C VAL E 98 16.42 24.62 -12.18
N ARG E 99 15.12 24.51 -11.92
CA ARG E 99 14.17 25.56 -12.26
C ARG E 99 14.04 26.52 -11.08
N LEU E 100 14.41 27.78 -11.30
CA LEU E 100 14.39 28.77 -10.24
C LEU E 100 12.97 29.11 -9.81
N SER E 101 12.84 29.65 -8.60
CA SER E 101 11.53 29.99 -8.07
C SER E 101 10.94 31.21 -8.77
N MET E 102 11.80 32.11 -9.26
CA MET E 102 11.33 33.31 -9.95
C MET E 102 12.24 33.61 -11.12
N MET E 103 11.72 34.40 -12.06
CA MET E 103 12.50 34.88 -13.19
C MET E 103 13.44 35.97 -12.70
N ILE E 104 14.74 35.68 -12.64
CA ILE E 104 15.71 36.58 -12.04
C ILE E 104 16.87 36.80 -12.99
N HIS E 105 17.61 37.88 -12.72
CA HIS E 105 18.92 38.10 -13.35
C HIS E 105 19.97 37.50 -12.42
N PRO E 106 20.62 36.39 -12.80
CA PRO E 106 21.58 35.76 -11.89
C PRO E 106 22.77 36.66 -11.61
N ALA E 107 23.14 36.77 -10.33
CA ALA E 107 24.25 37.61 -9.90
C ALA E 107 25.35 36.83 -9.21
N ALA E 108 25.03 35.75 -8.50
CA ALA E 108 26.03 34.97 -7.80
C ALA E 108 25.50 33.55 -7.59
N PHE E 109 26.43 32.62 -7.38
CA PHE E 109 26.10 31.23 -7.12
C PHE E 109 26.89 30.74 -5.92
N THR E 110 26.29 29.82 -5.17
CA THR E 110 26.90 29.28 -3.96
C THR E 110 26.95 27.76 -4.05
N LEU E 111 28.13 27.20 -3.79
CA LEU E 111 28.34 25.76 -3.78
C LEU E 111 28.85 25.35 -2.41
N GLU E 112 28.20 24.34 -1.81
CA GLU E 112 28.55 23.85 -0.49
C GLU E 112 29.01 22.41 -0.54
N HIS E 113 30.00 22.09 0.27
CA HIS E 113 30.48 20.72 0.41
C HIS E 113 31.00 20.55 1.83
N ILE E 114 30.95 19.30 2.32
CA ILE E 114 31.38 19.01 3.68
C ILE E 114 32.88 19.26 3.83
N PRO E 115 33.35 19.69 5.00
CA PRO E 115 34.78 19.83 5.21
C PRO E 115 35.46 18.47 5.33
N LYS E 116 36.77 18.46 5.08
CA LYS E 116 37.54 17.24 5.17
C LYS E 116 37.54 16.68 6.59
N THR E 117 37.41 17.55 7.59
CA THR E 117 37.43 17.11 8.98
C THR E 117 36.18 16.33 9.37
N LEU E 118 35.19 16.26 8.49
CA LEU E 118 33.97 15.50 8.74
C LEU E 118 33.81 14.32 7.79
N SER E 119 34.72 14.16 6.83
CA SER E 119 34.62 13.07 5.88
C SER E 119 35.24 11.80 6.46
N PRO E 120 34.56 10.65 6.36
CA PRO E 120 35.14 9.41 6.93
C PRO E 120 36.43 8.98 6.27
N THR E 121 36.52 9.07 4.94
CA THR E 121 37.70 8.63 4.22
C THR E 121 38.91 9.55 4.44
N GLY E 122 38.73 10.67 5.13
CA GLY E 122 39.82 11.60 5.33
C GLY E 122 40.08 12.55 4.19
N ASN E 123 39.26 12.52 3.13
CA ASN E 123 39.42 13.40 1.99
C ASN E 123 38.06 13.78 1.44
N ILE E 124 38.05 14.86 0.65
CA ILE E 124 36.83 15.32 -0.02
C ILE E 124 37.03 15.25 -1.52
N SER E 125 37.68 14.17 -1.98
CA SER E 125 37.97 14.02 -3.40
C SER E 125 36.73 13.85 -4.24
N SER E 126 35.58 13.53 -3.63
CA SER E 126 34.33 13.44 -4.36
C SER E 126 33.73 14.80 -4.67
N ALA E 127 34.28 15.88 -4.11
CA ALA E 127 33.76 17.21 -4.36
C ALA E 127 34.08 17.64 -5.79
N PRO E 128 33.21 18.46 -6.40
CA PRO E 128 33.52 18.98 -7.74
C PRO E 128 34.66 19.99 -7.70
N LYS E 129 35.43 20.01 -8.78
CA LYS E 129 36.56 20.92 -8.90
C LYS E 129 36.32 22.03 -9.91
N ASP E 130 36.03 21.68 -11.16
CA ASP E 130 35.79 22.64 -12.22
C ASP E 130 34.36 22.51 -12.71
N PHE E 131 33.64 23.63 -12.76
CA PHE E 131 32.25 23.62 -13.16
C PHE E 131 31.93 24.92 -13.89
N ALA E 132 30.75 24.94 -14.51
CA ALA E 132 30.25 26.12 -15.21
C ALA E 132 28.75 26.22 -14.98
N VAL E 133 28.23 27.45 -15.08
CA VAL E 133 26.82 27.74 -14.87
C VAL E 133 26.25 28.33 -16.14
N TYR E 134 25.11 27.80 -16.59
CA TYR E 134 24.47 28.23 -17.82
C TYR E 134 23.04 28.67 -17.56
N GLY E 135 22.54 29.56 -18.41
CA GLY E 135 21.18 30.04 -18.34
C GLY E 135 20.38 29.55 -19.54
N LEU E 136 19.24 28.91 -19.27
CA LEU E 136 18.40 28.33 -20.30
C LEU E 136 17.09 29.10 -20.40
N GLU E 137 16.64 29.34 -21.63
CA GLU E 137 15.39 30.05 -21.87
C GLU E 137 14.17 29.13 -21.79
N ASN E 138 14.34 27.83 -22.02
CA ASN E 138 13.23 26.89 -21.93
C ASN E 138 13.74 25.56 -21.41
N GLU E 139 12.82 24.61 -21.25
CA GLU E 139 13.15 23.33 -20.64
C GLU E 139 13.96 22.45 -21.59
N TYR E 140 13.60 22.44 -22.87
CA TYR E 140 14.19 21.55 -23.85
C TYR E 140 15.40 22.13 -24.56
N GLN E 141 15.84 23.34 -24.20
CA GLN E 141 17.01 23.93 -24.84
C GLN E 141 18.26 23.17 -24.43
N GLU E 142 19.01 22.70 -25.43
CA GLU E 142 20.19 21.88 -25.14
C GLU E 142 21.33 22.73 -24.62
N GLU E 143 21.78 23.71 -25.40
CA GLU E 143 22.88 24.58 -25.02
C GLU E 143 22.33 25.95 -24.65
N GLY E 144 22.61 26.39 -23.42
CA GLY E 144 22.12 27.65 -22.92
C GLY E 144 23.18 28.75 -22.98
N GLN E 145 22.84 29.88 -22.37
CA GLN E 145 23.73 31.03 -22.33
C GLN E 145 24.67 30.90 -21.13
N LEU E 146 25.96 31.04 -21.39
CA LEU E 146 26.97 30.88 -20.35
C LEU E 146 26.86 32.01 -19.33
N LEU E 147 26.63 31.64 -18.07
CA LEU E 147 26.57 32.61 -16.98
C LEU E 147 27.87 32.72 -16.20
N GLY E 148 28.79 31.79 -16.37
CA GLY E 148 30.07 31.86 -15.71
C GLY E 148 30.73 30.51 -15.61
N GLN E 149 32.05 30.54 -15.41
CA GLN E 149 32.86 29.34 -15.23
C GLN E 149 33.75 29.55 -14.02
N PHE E 150 33.73 28.59 -13.10
CA PHE E 150 34.40 28.75 -11.81
C PHE E 150 35.11 27.45 -11.43
N THR E 151 35.81 27.50 -10.30
CA THR E 151 36.55 26.35 -9.79
C THR E 151 36.37 26.31 -8.27
N TYR E 152 35.82 25.20 -7.77
CA TYR E 152 35.65 25.00 -6.34
C TYR E 152 36.97 24.58 -5.73
N ASP E 153 37.45 25.35 -4.75
CA ASP E 153 38.76 25.11 -4.12
C ASP E 153 38.59 24.10 -2.99
N GLN E 154 39.34 22.99 -3.08
CA GLN E 154 39.28 21.97 -2.04
C GLN E 154 39.90 22.45 -0.74
N ASP E 155 40.86 23.37 -0.80
CA ASP E 155 41.51 23.90 0.38
C ASP E 155 40.80 25.12 0.96
N GLY E 156 39.67 25.53 0.39
CA GLY E 156 38.92 26.66 0.89
C GLY E 156 37.88 26.27 1.92
N GLU E 157 36.99 27.21 2.21
CA GLU E 157 35.94 26.99 3.19
C GLU E 157 34.88 26.06 2.62
N SER E 158 34.02 25.55 3.51
CA SER E 158 32.96 24.65 3.08
C SER E 158 31.99 25.34 2.13
N LEU E 159 31.58 26.57 2.44
CA LEU E 159 30.71 27.36 1.59
C LEU E 159 31.55 28.31 0.76
N GLN E 160 31.41 28.24 -0.56
CA GLN E 160 32.14 29.10 -1.48
C GLN E 160 31.17 29.77 -2.44
N MET E 161 31.32 31.08 -2.62
CA MET E 161 30.46 31.88 -3.47
C MET E 161 31.21 32.30 -4.73
N PHE E 162 30.47 32.47 -5.82
CA PHE E 162 31.04 32.78 -7.13
C PHE E 162 30.19 33.84 -7.81
N GLN E 163 30.82 34.95 -8.21
CA GLN E 163 30.10 36.05 -8.81
C GLN E 163 29.84 35.78 -10.29
N ALA E 164 28.60 35.96 -10.72
CA ALA E 164 28.24 35.73 -12.10
C ALA E 164 28.81 36.81 -13.01
N LEU E 165 28.93 36.48 -14.30
CA LEU E 165 29.46 37.41 -15.27
C LEU E 165 28.45 38.52 -15.58
N LYS E 166 28.96 39.72 -15.82
CA LYS E 166 28.13 40.84 -16.22
C LYS E 166 27.87 40.80 -17.72
N ARG E 167 26.62 41.00 -18.11
CA ARG E 167 26.22 40.90 -19.50
C ARG E 167 25.68 42.23 -20.01
N PRO E 168 25.91 42.54 -21.29
CA PRO E 168 25.37 43.82 -21.83
C PRO E 168 23.85 43.85 -21.84
N ASP E 169 23.21 42.82 -22.40
CA ASP E 169 21.76 42.73 -22.41
C ASP E 169 21.30 41.96 -21.19
N ASP E 170 20.52 42.61 -20.33
CA ASP E 170 20.06 42.00 -19.08
C ASP E 170 18.93 41.02 -19.40
N THR E 171 19.32 39.81 -19.79
CA THR E 171 18.38 38.74 -20.06
C THR E 171 18.13 37.97 -18.77
N ALA E 172 16.85 37.76 -18.46
CA ALA E 172 16.46 37.04 -17.26
C ALA E 172 16.37 35.54 -17.53
N PHE E 173 16.48 34.76 -16.47
CA PHE E 173 16.42 33.31 -16.57
C PHE E 173 15.69 32.75 -15.35
N GLN E 174 14.95 31.67 -15.58
CA GLN E 174 14.33 30.90 -14.51
C GLN E 174 14.79 29.45 -14.52
N ILE E 175 15.67 29.07 -15.43
CA ILE E 175 16.20 27.72 -15.52
C ILE E 175 17.73 27.81 -15.60
N VAL E 176 18.41 27.09 -14.72
CA VAL E 176 19.86 27.10 -14.63
C VAL E 176 20.39 25.68 -14.74
N GLU E 177 21.48 25.52 -15.48
CA GLU E 177 22.15 24.24 -15.64
C GLU E 177 23.55 24.30 -15.01
N LEU E 178 23.83 23.34 -14.13
CA LEU E 178 25.13 23.22 -13.48
C LEU E 178 25.88 22.04 -14.12
N ARG E 179 26.97 22.35 -14.82
CA ARG E 179 27.77 21.35 -15.52
C ARG E 179 29.07 21.14 -14.75
N ILE E 180 29.25 19.95 -14.21
CA ILE E 180 30.49 19.57 -13.53
C ILE E 180 31.43 18.95 -14.55
N PHE E 181 32.63 19.51 -14.67
CA PHE E 181 33.63 18.98 -15.60
C PHE E 181 34.64 18.06 -14.95
N SER E 182 34.95 18.25 -13.67
CA SER E 182 35.94 17.42 -13.01
C SER E 182 35.70 17.47 -11.50
N ASN E 183 36.22 16.46 -10.82
CA ASN E 183 36.19 16.35 -9.37
C ASN E 183 37.61 16.48 -8.82
N TRP E 184 37.76 16.29 -7.51
CA TRP E 184 39.04 16.41 -6.83
C TRP E 184 39.75 15.08 -6.66
N GLY E 185 39.52 14.14 -7.57
CA GLY E 185 40.30 12.91 -7.64
C GLY E 185 39.57 11.63 -7.30
N HIS E 186 38.29 11.68 -6.96
CA HIS E 186 37.56 10.45 -6.64
C HIS E 186 37.32 9.65 -7.91
N PRO E 187 37.74 8.38 -7.95
CA PRO E 187 37.66 7.61 -9.20
C PRO E 187 36.27 7.07 -9.53
N GLU E 188 35.32 7.11 -8.59
CA GLU E 188 34.02 6.48 -8.79
C GLU E 188 32.90 7.46 -9.05
N TYR E 189 32.70 8.44 -8.18
CA TYR E 189 31.53 9.32 -8.28
C TYR E 189 31.93 10.75 -7.91
N THR E 190 30.95 11.65 -7.97
CA THR E 190 31.12 13.04 -7.58
C THR E 190 29.86 13.47 -6.84
N CYS E 191 30.04 14.11 -5.69
CA CYS E 191 28.95 14.45 -4.80
C CYS E 191 28.67 15.95 -4.82
N LEU E 192 27.38 16.30 -4.83
CA LEU E 192 26.92 17.67 -4.73
C LEU E 192 26.04 17.78 -3.49
N TYR E 193 26.45 18.61 -2.53
CA TYR E 193 25.69 18.76 -1.29
C TYR E 193 24.61 19.83 -1.42
N ARG E 194 24.99 21.06 -1.80
CA ARG E 194 24.00 22.10 -2.02
C ARG E 194 24.51 23.09 -3.06
N PHE E 195 23.61 23.48 -3.96
CA PHE E 195 23.90 24.47 -5.00
C PHE E 195 22.84 25.57 -4.93
N ARG E 196 23.29 26.81 -4.79
CA ARG E 196 22.40 27.95 -4.64
C ARG E 196 22.54 28.91 -5.80
N VAL E 197 21.45 29.60 -6.12
CA VAL E 197 21.41 30.61 -7.18
C VAL E 197 20.91 31.91 -6.59
N HIS E 198 21.70 32.97 -6.73
CA HIS E 198 21.37 34.29 -6.19
C HIS E 198 21.25 35.29 -7.33
N GLY E 199 20.39 36.29 -7.13
CA GLY E 199 20.21 37.31 -8.14
C GLY E 199 19.11 38.26 -7.74
N GLU E 200 18.65 39.04 -8.72
CA GLU E 200 17.61 40.03 -8.51
C GLU E 200 16.40 39.69 -9.37
N PRO E 201 15.21 39.58 -8.77
CA PRO E 201 14.02 39.26 -9.56
C PRO E 201 13.60 40.41 -10.45
N VAL E 202 12.85 40.07 -11.50
CA VAL E 202 12.36 41.06 -12.44
C VAL E 202 11.12 41.75 -11.88
N THR F 9 41.94 45.49 17.94
CA THR F 9 41.38 44.30 18.58
C THR F 9 40.11 43.85 17.86
N GLU F 10 39.63 44.70 16.94
CA GLU F 10 38.44 44.35 16.17
C GLU F 10 38.70 43.15 15.25
N ALA F 11 39.81 43.18 14.52
CA ALA F 11 40.14 42.07 13.65
C ALA F 11 40.44 40.80 14.45
N GLN F 12 41.00 40.95 15.66
CA GLN F 12 41.20 39.79 16.51
C GLN F 12 39.88 39.22 17.00
N ALA F 13 38.92 40.09 17.34
CA ALA F 13 37.62 39.62 17.77
C ALA F 13 36.86 38.91 16.66
N ARG F 14 36.93 39.45 15.44
CA ARG F 14 36.24 38.82 14.31
C ARG F 14 36.83 37.46 14.00
N ALA F 15 38.15 37.30 14.16
CA ALA F 15 38.76 35.99 13.95
C ALA F 15 38.36 35.00 15.02
N ILE F 16 38.17 35.46 16.26
CA ILE F 16 37.77 34.55 17.34
C ILE F 16 36.33 34.07 17.12
N VAL F 17 35.42 34.98 16.79
CA VAL F 17 34.02 34.59 16.61
C VAL F 17 33.85 33.73 15.36
N ASN F 18 34.60 34.03 14.30
CA ASN F 18 34.49 33.24 13.08
C ASN F 18 35.07 31.84 13.26
N SER F 19 36.14 31.71 14.06
CA SER F 19 36.67 30.39 14.35
C SER F 19 35.69 29.58 15.19
N ALA F 20 35.01 30.24 16.14
CA ALA F 20 34.01 29.55 16.95
C ALA F 20 32.83 29.11 16.09
N LEU F 21 32.39 29.96 15.16
CA LEU F 21 31.30 29.57 14.27
C LEU F 21 31.72 28.45 13.33
N LYS F 22 32.98 28.45 12.89
CA LYS F 22 33.46 27.38 12.01
C LYS F 22 33.42 26.04 12.73
N LEU F 23 33.86 26.00 13.98
CA LEU F 23 33.78 24.77 14.76
C LEU F 23 32.34 24.39 15.07
N TYR F 24 31.46 25.38 15.27
CA TYR F 24 30.06 25.08 15.55
C TYR F 24 29.38 24.47 14.33
N SER F 25 29.67 24.98 13.14
CA SER F 25 29.05 24.47 11.93
C SER F 25 29.56 23.07 11.56
N GLN F 26 30.74 22.70 12.03
CA GLN F 26 31.30 21.38 11.74
C GLN F 26 30.86 20.36 12.80
N ASP F 27 29.55 20.19 12.88
CA ASP F 27 28.92 19.25 13.81
C ASP F 27 29.31 19.55 15.25
N LYS F 28 29.65 20.81 15.55
CA LYS F 28 29.98 21.30 16.87
C LYS F 28 31.28 20.73 17.42
N THR F 29 31.95 19.82 16.70
CA THR F 29 33.19 19.21 17.15
C THR F 29 34.31 19.23 16.12
N GLY F 30 34.01 19.36 14.84
CA GLY F 30 35.04 19.31 13.82
C GLY F 30 35.70 17.96 13.67
N MET F 31 35.05 16.89 14.12
CA MET F 31 35.59 15.55 14.04
C MET F 31 34.61 14.64 13.33
N VAL F 32 35.16 13.63 12.64
CA VAL F 32 34.33 12.69 11.90
C VAL F 32 33.50 11.87 12.88
N ASP F 33 32.22 11.70 12.58
CA ASP F 33 31.33 10.84 13.36
C ASP F 33 31.13 9.56 12.55
N PHE F 34 31.93 8.54 12.85
CA PHE F 34 31.85 7.27 12.14
C PHE F 34 30.61 6.48 12.48
N ALA F 35 29.79 6.93 13.42
CA ALA F 35 28.52 6.30 13.74
C ALA F 35 27.35 6.97 13.06
N LEU F 36 27.55 8.16 12.49
CA LEU F 36 26.46 8.89 11.85
C LEU F 36 25.81 8.06 10.75
N GLU F 37 24.49 7.98 10.78
CA GLU F 37 23.78 7.10 9.85
C GLU F 37 23.95 7.56 8.41
N SER F 38 23.76 8.87 8.15
CA SER F 38 23.89 9.38 6.80
C SER F 38 25.31 9.22 6.26
N GLY F 39 26.31 9.12 7.13
CA GLY F 39 27.68 8.95 6.72
C GLY F 39 28.17 7.52 6.62
N GLY F 40 27.32 6.54 6.91
CA GLY F 40 27.70 5.14 6.80
C GLY F 40 27.40 4.32 8.02
N GLY F 41 26.99 4.96 9.12
CA GLY F 41 26.65 4.24 10.32
C GLY F 41 25.27 3.59 10.24
N SER F 42 25.10 2.55 11.06
CA SER F 42 23.84 1.82 11.08
C SER F 42 23.65 1.18 12.44
N ILE F 43 22.39 0.93 12.78
CA ILE F 43 22.02 0.30 14.04
C ILE F 43 21.77 -1.18 13.79
N LEU F 44 22.28 -2.03 14.68
CA LEU F 44 21.99 -3.46 14.65
C LEU F 44 20.73 -3.69 15.48
N SER F 45 19.58 -3.75 14.80
CA SER F 45 18.30 -3.79 15.49
C SER F 45 18.16 -5.05 16.36
N THR F 46 18.69 -6.17 15.90
CA THR F 46 18.62 -7.40 16.68
C THR F 46 19.53 -7.38 17.90
N ARG F 47 20.41 -6.39 18.01
CA ARG F 47 21.35 -6.27 19.12
C ARG F 47 21.06 -5.03 19.96
N CYS F 48 19.79 -4.69 20.13
CA CYS F 48 19.38 -3.52 20.89
C CYS F 48 18.21 -3.87 21.78
N SER F 49 18.04 -3.07 22.83
CA SER F 49 16.92 -3.26 23.75
C SER F 49 15.62 -2.85 23.07
N GLU F 50 14.50 -3.22 23.70
CA GLU F 50 13.19 -2.89 23.17
C GLU F 50 12.84 -1.44 23.46
N THR F 51 12.20 -0.79 22.49
CA THR F 51 11.79 0.59 22.64
C THR F 51 10.66 0.71 23.66
N TYR F 52 10.79 1.68 24.57
CA TYR F 52 9.75 1.90 25.56
C TYR F 52 8.43 2.29 24.89
N GLU F 53 7.39 1.53 25.18
CA GLU F 53 6.08 1.73 24.56
C GLU F 53 5.28 2.72 25.39
N THR F 54 4.81 3.78 24.74
CA THR F 54 4.02 4.83 25.38
C THR F 54 2.57 4.86 24.91
N LYS F 55 2.33 4.57 23.63
CA LYS F 55 0.99 4.60 23.06
C LYS F 55 0.32 5.96 23.27
N THR F 56 1.02 7.02 22.88
CA THR F 56 0.46 8.36 23.05
C THR F 56 0.44 9.17 21.75
N ALA F 57 1.46 9.03 20.90
CA ALA F 57 1.54 9.80 19.66
C ALA F 57 0.77 9.04 18.58
N LEU F 58 -0.53 9.32 18.48
CA LEU F 58 -1.40 8.62 17.55
C LEU F 58 -1.36 9.31 16.20
N MET F 59 -0.88 8.59 15.19
CA MET F 59 -0.85 9.08 13.81
C MET F 59 -2.12 8.64 13.09
N SER F 60 -2.81 9.61 12.47
CA SER F 60 -4.05 9.35 11.77
C SER F 60 -4.02 9.96 10.38
N LEU F 61 -4.87 9.44 9.50
CA LEU F 61 -4.98 9.94 8.14
C LEU F 61 -6.44 9.82 7.72
N PHE F 62 -7.04 10.95 7.33
CA PHE F 62 -8.46 11.01 7.00
C PHE F 62 -9.31 10.48 8.16
N GLY F 63 -8.89 10.80 9.38
CA GLY F 63 -9.58 10.34 10.57
C GLY F 63 -9.36 8.88 10.90
N ILE F 64 -8.57 8.15 10.12
CA ILE F 64 -8.34 6.72 10.33
C ILE F 64 -7.08 6.57 11.17
N PRO F 65 -7.17 6.06 12.40
CA PRO F 65 -5.96 5.84 13.20
C PRO F 65 -5.09 4.75 12.56
N LEU F 66 -3.81 5.06 12.38
CA LEU F 66 -2.89 4.17 11.69
C LEU F 66 -1.98 3.43 12.66
N TRP F 67 -1.22 4.15 13.47
CA TRP F 67 -0.29 3.55 14.42
C TRP F 67 0.16 4.62 15.40
N TYR F 68 0.75 4.16 16.51
CA TYR F 68 1.37 5.05 17.49
C TYR F 68 2.82 5.25 17.10
N PHE F 69 3.28 6.51 17.17
CA PHE F 69 4.64 6.84 16.77
C PHE F 69 5.58 6.86 17.97
N SER F 70 6.73 6.20 17.81
CA SER F 70 7.79 6.21 18.81
C SER F 70 9.12 6.17 18.07
N GLN F 71 10.11 6.90 18.58
CA GLN F 71 11.41 6.97 17.92
C GLN F 71 12.15 5.64 18.03
N SER F 72 12.72 5.19 16.92
CA SER F 72 13.50 3.97 16.86
C SER F 72 14.94 4.27 17.28
N PRO F 73 15.76 3.25 17.51
CA PRO F 73 17.18 3.50 17.82
C PRO F 73 17.93 4.26 16.74
N ARG F 74 17.39 4.40 15.53
CA ARG F 74 18.09 5.10 14.47
C ARG F 74 18.32 6.58 14.77
N VAL F 75 17.44 7.22 15.54
CA VAL F 75 17.58 8.65 15.78
C VAL F 75 18.83 8.96 16.59
N VAL F 76 19.34 7.98 17.35
CA VAL F 76 20.55 8.18 18.15
C VAL F 76 21.76 8.46 17.28
N ILE F 77 21.73 8.06 16.01
CA ILE F 77 22.83 8.37 15.10
C ILE F 77 22.36 9.36 14.05
N GLN F 78 21.40 10.21 14.44
CA GLN F 78 20.88 11.30 13.63
C GLN F 78 21.09 12.62 14.37
N PRO F 79 21.40 13.71 13.65
CA PRO F 79 21.88 14.92 14.33
C PRO F 79 20.80 15.72 15.06
N ASP F 80 19.53 15.58 14.68
CA ASP F 80 18.47 16.38 15.30
C ASP F 80 18.31 16.01 16.77
N ILE F 81 18.66 16.93 17.67
CA ILE F 81 18.59 16.66 19.10
C ILE F 81 17.57 17.58 19.78
N TYR F 82 16.55 17.99 19.04
CA TYR F 82 15.45 18.72 19.66
C TYR F 82 14.72 17.81 20.64
N PRO F 83 14.08 18.39 21.67
CA PRO F 83 13.40 17.56 22.68
C PRO F 83 12.41 16.58 22.08
N GLY F 84 12.61 15.28 22.35
CA GLY F 84 11.79 14.22 21.82
C GLY F 84 12.48 13.40 20.74
N ASN F 85 13.46 13.98 20.05
CA ASN F 85 14.21 13.26 19.01
C ASN F 85 15.24 12.35 19.68
N CYS F 86 14.74 11.36 20.39
CA CYS F 86 15.58 10.45 21.16
C CYS F 86 14.90 9.10 21.25
N TRP F 87 15.72 8.05 21.36
CA TRP F 87 15.23 6.69 21.53
C TRP F 87 15.21 6.35 23.01
N ALA F 88 14.10 5.75 23.46
CA ALA F 88 13.90 5.41 24.86
C ALA F 88 13.73 3.89 25.01
N PHE F 89 14.35 3.34 26.05
CA PHE F 89 14.20 1.94 26.40
C PHE F 89 13.68 1.83 27.83
N LYS F 90 12.97 0.74 28.09
CA LYS F 90 12.38 0.52 29.41
C LYS F 90 13.46 0.32 30.46
N GLY F 91 13.24 0.91 31.64
CA GLY F 91 14.18 0.74 32.73
C GLY F 91 15.35 1.70 32.64
N SER F 92 16.38 1.38 33.42
CA SER F 92 17.61 2.18 33.45
C SER F 92 18.81 1.44 32.88
N GLN F 93 18.61 0.26 32.30
CA GLN F 93 19.68 -0.52 31.70
C GLN F 93 19.29 -0.91 30.29
N GLY F 94 20.15 -0.57 29.31
CA GLY F 94 19.88 -0.87 27.93
C GLY F 94 21.16 -1.00 27.14
N TYR F 95 21.02 -1.54 25.93
CA TYR F 95 22.15 -1.80 25.05
C TYR F 95 21.88 -1.21 23.68
N LEU F 96 22.93 -0.65 23.07
CA LEU F 96 22.84 -0.11 21.72
C LEU F 96 24.13 -0.45 20.98
N VAL F 97 24.00 -1.20 19.89
CA VAL F 97 25.14 -1.64 19.09
C VAL F 97 25.09 -0.89 17.76
N VAL F 98 26.19 -0.23 17.42
CA VAL F 98 26.28 0.59 16.21
C VAL F 98 27.41 0.05 15.35
N ARG F 99 27.13 -0.11 14.04
CA ARG F 99 28.14 -0.48 13.07
C ARG F 99 28.76 0.77 12.49
N LEU F 100 30.07 0.96 12.71
CA LEU F 100 30.73 2.16 12.23
C LEU F 100 30.82 2.16 10.71
N SER F 101 31.02 3.35 10.16
CA SER F 101 31.09 3.49 8.70
C SER F 101 32.38 2.91 8.14
N MET F 102 33.46 2.93 8.93
CA MET F 102 34.75 2.43 8.48
C MET F 102 35.46 1.74 9.64
N MET F 103 36.41 0.88 9.30
CA MET F 103 37.25 0.22 10.31
C MET F 103 38.25 1.24 10.83
N ILE F 104 38.07 1.67 12.08
CA ILE F 104 38.85 2.75 12.66
C ILE F 104 39.42 2.30 14.00
N HIS F 105 40.43 3.04 14.47
CA HIS F 105 40.91 2.92 15.83
C HIS F 105 40.14 3.93 16.68
N PRO F 106 39.22 3.50 17.55
CA PRO F 106 38.42 4.47 18.30
C PRO F 106 39.27 5.27 19.27
N ALA F 107 39.06 6.58 19.29
CA ALA F 107 39.81 7.49 20.14
C ALA F 107 38.95 8.26 21.12
N ALA F 108 37.70 8.58 20.77
CA ALA F 108 36.84 9.34 21.67
C ALA F 108 35.39 9.08 21.30
N PHE F 109 34.51 9.32 22.26
CA PHE F 109 33.07 9.17 22.06
C PHE F 109 32.36 10.41 22.58
N THR F 110 31.24 10.74 21.94
CA THR F 110 30.46 11.93 22.26
C THR F 110 29.02 11.52 22.58
N LEU F 111 28.51 12.01 23.70
CA LEU F 111 27.13 11.76 24.12
C LEU F 111 26.42 13.11 24.27
N GLU F 112 25.25 13.22 23.64
CA GLU F 112 24.48 14.47 23.65
C GLU F 112 23.13 14.25 24.31
N HIS F 113 22.70 15.25 25.07
CA HIS F 113 21.37 15.24 25.68
C HIS F 113 20.90 16.68 25.79
N ILE F 114 19.58 16.86 25.78
CA ILE F 114 18.99 18.20 25.84
C ILE F 114 19.35 18.85 27.18
N PRO F 115 19.54 20.17 27.21
CA PRO F 115 19.78 20.83 28.49
C PRO F 115 18.52 20.91 29.33
N LYS F 116 18.70 21.12 30.64
CA LYS F 116 17.57 21.24 31.54
C LYS F 116 16.68 22.42 31.17
N THR F 117 17.26 23.47 30.57
CA THR F 117 16.49 24.65 30.20
C THR F 117 15.54 24.40 29.04
N LEU F 118 15.61 23.23 28.39
CA LEU F 118 14.71 22.89 27.30
C LEU F 118 13.80 21.71 27.63
N SER F 119 13.96 21.10 28.81
CA SER F 119 13.13 19.96 29.19
C SER F 119 11.84 20.45 29.83
N PRO F 120 10.68 19.90 29.46
CA PRO F 120 9.43 20.39 30.05
C PRO F 120 9.34 20.16 31.55
N THR F 121 9.77 19.00 32.03
CA THR F 121 9.69 18.71 33.46
C THR F 121 10.69 19.50 34.30
N GLY F 122 11.59 20.25 33.66
CA GLY F 122 12.61 20.97 34.39
C GLY F 122 13.81 20.15 34.78
N ASN F 123 13.87 18.88 34.38
CA ASN F 123 14.98 18.01 34.72
C ASN F 123 15.28 17.10 33.54
N ILE F 124 16.46 16.49 33.58
CA ILE F 124 16.90 15.56 32.55
C ILE F 124 17.09 14.18 33.19
N SER F 125 16.16 13.79 34.06
CA SER F 125 16.29 12.53 34.78
C SER F 125 16.21 11.32 33.84
N SER F 126 15.68 11.50 32.63
CA SER F 126 15.69 10.42 31.66
C SER F 126 17.04 10.24 30.98
N ALA F 127 17.98 11.17 31.20
CA ALA F 127 19.29 11.07 30.59
C ALA F 127 20.10 9.95 31.26
N PRO F 128 21.01 9.32 30.51
CA PRO F 128 21.87 8.30 31.12
C PRO F 128 22.88 8.92 32.08
N LYS F 129 23.22 8.15 33.11
CA LYS F 129 24.17 8.59 34.13
C LYS F 129 25.49 7.83 34.03
N ASP F 130 25.46 6.50 34.13
CA ASP F 130 26.65 5.67 34.05
C ASP F 130 26.56 4.76 32.84
N PHE F 131 27.61 4.77 32.02
CA PHE F 131 27.61 3.96 30.81
C PHE F 131 29.03 3.48 30.53
N ALA F 132 29.13 2.55 29.59
CA ALA F 132 30.41 2.02 29.14
C ALA F 132 30.35 1.76 27.65
N VAL F 133 31.52 1.80 27.01
CA VAL F 133 31.64 1.62 25.57
C VAL F 133 32.54 0.42 25.32
N TYR F 134 32.08 -0.50 24.46
CA TYR F 134 32.81 -1.71 24.14
C TYR F 134 33.05 -1.81 22.64
N GLY F 135 34.12 -2.50 22.27
CA GLY F 135 34.46 -2.73 20.88
C GLY F 135 34.33 -4.21 20.52
N LEU F 136 33.55 -4.48 19.47
CA LEU F 136 33.29 -5.84 19.00
C LEU F 136 33.93 -6.05 17.65
N GLU F 137 34.56 -7.22 17.47
CA GLU F 137 35.21 -7.54 16.20
C GLU F 137 34.20 -8.07 15.17
N ASN F 138 33.11 -8.67 15.61
CA ASN F 138 32.09 -9.17 14.71
C ASN F 138 30.74 -9.06 15.39
N GLU F 139 29.68 -9.32 14.61
CA GLU F 139 28.32 -9.22 15.14
C GLU F 139 28.03 -10.34 16.14
N TYR F 140 28.60 -11.52 15.92
CA TYR F 140 28.25 -12.69 16.74
C TYR F 140 28.97 -12.71 18.09
N GLN F 141 29.83 -11.74 18.37
CA GLN F 141 30.49 -11.70 19.66
C GLN F 141 29.51 -11.26 20.74
N GLU F 142 29.59 -11.91 21.91
CA GLU F 142 28.69 -11.59 23.02
C GLU F 142 29.25 -10.45 23.86
N GLU F 143 30.44 -10.63 24.41
CA GLU F 143 31.07 -9.63 25.27
C GLU F 143 32.32 -9.12 24.55
N GLY F 144 32.40 -7.80 24.35
CA GLY F 144 33.49 -7.20 23.63
C GLY F 144 34.57 -6.63 24.53
N GLN F 145 35.51 -5.93 23.92
CA GLN F 145 36.63 -5.33 24.62
C GLN F 145 36.25 -3.96 25.14
N LEU F 146 36.48 -3.73 26.43
CA LEU F 146 36.11 -2.48 27.06
C LEU F 146 36.95 -1.33 26.52
N LEU F 147 36.28 -0.34 25.93
CA LEU F 147 36.95 0.86 25.43
C LEU F 147 36.91 2.02 26.41
N GLY F 148 36.07 1.94 27.45
CA GLY F 148 36.01 2.97 28.45
C GLY F 148 34.70 2.97 29.22
N GLN F 149 34.74 3.40 30.48
CA GLN F 149 33.56 3.53 31.32
C GLN F 149 33.49 4.97 31.80
N PHE F 150 32.39 5.65 31.49
CA PHE F 150 32.28 7.09 31.71
C PHE F 150 30.97 7.39 32.44
N THR F 151 30.79 8.68 32.75
CA THR F 151 29.59 9.16 33.44
C THR F 151 29.17 10.47 32.81
N TYR F 152 27.94 10.52 32.30
CA TYR F 152 27.39 11.74 31.72
C TYR F 152 26.91 12.64 32.86
N ASP F 153 27.43 13.86 32.91
CA ASP F 153 27.13 14.80 33.98
C ASP F 153 25.85 15.57 33.63
N GLN F 154 24.84 15.46 34.49
CA GLN F 154 23.60 16.20 34.26
C GLN F 154 23.81 17.70 34.44
N ASP F 155 24.79 18.10 35.25
CA ASP F 155 25.10 19.50 35.45
C ASP F 155 26.12 20.03 34.46
N GLY F 156 26.55 19.20 33.50
CA GLY F 156 27.51 19.63 32.49
C GLY F 156 26.82 20.17 31.25
N GLU F 157 27.62 20.33 30.20
CA GLU F 157 27.12 20.86 28.94
C GLU F 157 26.27 19.80 28.24
N SER F 158 25.53 20.27 27.22
CA SER F 158 24.69 19.36 26.45
C SER F 158 25.52 18.30 25.73
N LEU F 159 26.62 18.73 25.10
CA LEU F 159 27.53 17.82 24.42
C LEU F 159 28.70 17.52 25.35
N GLN F 160 28.94 16.24 25.61
CA GLN F 160 30.02 15.80 26.47
C GLN F 160 30.86 14.76 25.73
N MET F 161 32.18 14.94 25.77
CA MET F 161 33.11 14.07 25.08
C MET F 161 33.86 13.20 26.09
N PHE F 162 34.23 12.00 25.66
CA PHE F 162 34.87 11.03 26.54
C PHE F 162 36.01 10.36 25.79
N GLN F 163 37.21 10.43 26.36
CA GLN F 163 38.40 9.87 25.72
C GLN F 163 38.49 8.38 25.96
N ALA F 164 38.76 7.62 24.90
CA ALA F 164 38.87 6.18 25.00
C ALA F 164 40.14 5.79 25.76
N LEU F 165 40.15 4.56 26.27
CA LEU F 165 41.28 4.08 27.05
C LEU F 165 42.51 3.85 26.16
N LYS F 166 43.68 4.06 26.75
CA LYS F 166 44.94 3.81 26.07
C LYS F 166 45.25 2.33 26.06
N ARG F 167 45.58 1.81 24.88
CA ARG F 167 45.86 0.39 24.72
C ARG F 167 47.25 0.20 24.13
N PRO F 168 48.05 -0.73 24.67
CA PRO F 168 49.37 -0.99 24.07
C PRO F 168 49.27 -1.58 22.67
N ASP F 169 48.42 -2.59 22.50
CA ASP F 169 48.16 -3.17 21.20
C ASP F 169 47.05 -2.38 20.52
N ASP F 170 47.25 -2.02 19.25
CA ASP F 170 46.31 -1.20 18.51
C ASP F 170 45.35 -2.13 17.76
N THR F 171 44.22 -2.44 18.40
CA THR F 171 43.19 -3.28 17.81
C THR F 171 42.10 -2.38 17.22
N ALA F 172 41.73 -2.63 15.97
CA ALA F 172 40.71 -1.86 15.30
C ALA F 172 39.34 -2.48 15.51
N PHE F 173 38.30 -1.66 15.36
CA PHE F 173 36.92 -2.10 15.52
C PHE F 173 36.03 -1.36 14.54
N GLN F 174 35.02 -2.07 14.06
CA GLN F 174 33.96 -1.48 13.25
C GLN F 174 32.58 -1.65 13.87
N ILE F 175 32.50 -2.26 15.05
CA ILE F 175 31.25 -2.47 15.76
C ILE F 175 31.43 -2.00 17.20
N VAL F 176 30.54 -1.12 17.65
CA VAL F 176 30.61 -0.54 18.98
C VAL F 176 29.31 -0.80 19.72
N GLU F 177 29.41 -1.15 21.00
CA GLU F 177 28.26 -1.38 21.86
C GLU F 177 28.25 -0.33 22.96
N LEU F 178 27.11 0.36 23.11
CA LEU F 178 26.92 1.36 24.15
C LEU F 178 26.00 0.76 25.21
N ARG F 179 26.53 0.52 26.40
CA ARG F 179 25.79 -0.08 27.51
C ARG F 179 25.47 0.98 28.55
N ILE F 180 24.19 1.26 28.72
CA ILE F 180 23.72 2.18 29.75
C ILE F 180 23.43 1.37 31.01
N PHE F 181 24.07 1.75 32.12
CA PHE F 181 23.87 1.05 33.39
C PHE F 181 22.86 1.74 34.29
N SER F 182 22.73 3.05 34.20
CA SER F 182 21.80 3.78 35.06
C SER F 182 21.44 5.10 34.41
N ASN F 183 20.31 5.66 34.83
CA ASN F 183 19.86 6.96 34.39
C ASN F 183 19.92 7.94 35.56
N TRP F 184 19.41 9.16 35.34
CA TRP F 184 19.44 10.22 36.35
C TRP F 184 18.15 10.29 37.17
N GLY F 185 17.46 9.16 37.35
CA GLY F 185 16.37 9.07 38.29
C GLY F 185 15.00 8.84 37.68
N HIS F 186 14.88 8.76 36.37
CA HIS F 186 13.57 8.55 35.77
C HIS F 186 13.09 7.13 36.04
N PRO F 187 11.91 6.94 36.62
CA PRO F 187 11.49 5.59 37.04
C PRO F 187 10.95 4.72 35.90
N GLU F 188 10.68 5.29 34.72
CA GLU F 188 10.04 4.56 33.65
C GLU F 188 10.99 4.19 32.52
N TYR F 189 11.69 5.16 31.94
CA TYR F 189 12.51 4.92 30.75
C TYR F 189 13.81 5.70 30.84
N THR F 190 14.64 5.55 29.81
CA THR F 190 15.89 6.28 29.68
C THR F 190 16.06 6.65 28.21
N CYS F 191 16.38 7.92 27.95
CA CYS F 191 16.42 8.45 26.59
C CYS F 191 17.86 8.72 26.16
N LEU F 192 18.15 8.38 24.90
CA LEU F 192 19.43 8.66 24.27
C LEU F 192 19.19 9.54 23.05
N TYR F 193 19.75 10.74 23.04
CA TYR F 193 19.53 11.68 21.94
C TYR F 193 20.52 11.47 20.79
N ARG F 194 21.82 11.53 21.08
CA ARG F 194 22.81 11.27 20.04
C ARG F 194 24.07 10.68 20.65
N PHE F 195 24.64 9.68 19.98
CA PHE F 195 25.88 9.05 20.38
C PHE F 195 26.83 9.04 19.20
N ARG F 196 28.04 9.58 19.39
CA ARG F 196 29.02 9.70 18.33
C ARG F 196 30.26 8.86 18.66
N VAL F 197 30.93 8.41 17.60
CA VAL F 197 32.16 7.63 17.72
C VAL F 197 33.23 8.32 16.90
N HIS F 198 34.34 8.66 17.53
CA HIS F 198 35.45 9.36 16.89
C HIS F 198 36.71 8.50 16.94
N GLY F 199 37.56 8.67 15.93
CA GLY F 199 38.79 7.91 15.87
C GLY F 199 39.54 8.17 14.59
N GLU F 200 40.52 7.32 14.32
CA GLU F 200 41.36 7.41 13.14
C GLU F 200 41.18 6.18 12.27
N PRO F 201 40.86 6.35 10.98
CA PRO F 201 40.70 5.19 10.12
C PRO F 201 42.02 4.48 9.85
N VAL F 202 41.92 3.21 9.50
CA VAL F 202 43.10 2.41 9.18
C VAL F 202 43.59 2.68 7.77
N GLY G 7 -8.55 8.81 17.25
CA GLY G 7 -8.81 8.12 18.51
C GLY G 7 -9.21 6.68 18.34
N PRO G 8 -8.88 5.84 19.32
CA PRO G 8 -9.28 4.42 19.24
C PRO G 8 -10.80 4.29 19.26
N CYS G 9 -11.28 3.18 18.69
CA CYS G 9 -12.72 2.95 18.61
C CYS G 9 -13.27 2.31 19.87
N CYS G 10 -12.56 1.32 20.42
CA CYS G 10 -12.98 0.65 21.64
C CYS G 10 -11.74 0.31 22.46
N SER G 11 -11.98 -0.25 23.65
CA SER G 11 -10.86 -0.62 24.51
C SER G 11 -10.11 -1.82 23.97
N HIS G 12 -10.77 -2.67 23.18
CA HIS G 12 -10.15 -3.84 22.60
C HIS G 12 -9.49 -3.56 21.26
N ALA G 13 -9.42 -2.30 20.83
CA ALA G 13 -8.88 -1.98 19.52
C ALA G 13 -7.37 -2.19 19.49
N ARG G 14 -6.91 -2.98 18.52
CA ARG G 14 -5.49 -3.31 18.38
C ARG G 14 -4.87 -2.36 17.36
N ILE G 15 -4.47 -1.19 17.83
CA ILE G 15 -3.79 -0.24 16.94
C ILE G 15 -2.31 -0.62 16.94
N PRO G 16 -1.72 -0.85 15.78
CA PRO G 16 -0.34 -1.35 15.74
C PRO G 16 0.64 -0.36 16.32
N ARG G 17 1.84 -0.85 16.62
CA ARG G 17 2.93 -0.03 17.10
C ARG G 17 3.65 0.61 15.92
N THR G 18 4.81 1.18 16.18
CA THR G 18 5.58 1.89 15.17
C THR G 18 6.09 0.95 14.10
N PRO G 19 5.76 1.15 12.83
CA PRO G 19 6.44 0.39 11.78
C PRO G 19 7.88 0.88 11.70
N TYR G 20 8.82 -0.04 11.77
CA TYR G 20 10.23 0.30 11.94
C TYR G 20 10.97 -0.03 10.65
N LEU G 21 11.24 1.01 9.87
CA LEU G 21 12.02 0.87 8.64
C LEU G 21 13.49 0.80 9.02
N VAL G 22 14.10 -0.36 8.82
CA VAL G 22 15.47 -0.61 9.24
C VAL G 22 16.41 -0.25 8.09
N LEU G 23 17.51 0.41 8.43
CA LEU G 23 18.54 0.76 7.46
C LEU G 23 19.81 -0.03 7.79
N SER G 24 20.33 -0.74 6.78
CA SER G 24 21.53 -1.54 6.95
C SER G 24 22.45 -1.31 5.75
N TYR G 25 23.75 -1.17 6.03
CA TYR G 25 24.75 -1.01 4.98
C TYR G 25 25.39 -2.36 4.70
N VAL G 26 25.20 -2.85 3.48
CA VAL G 26 25.68 -4.18 3.10
C VAL G 26 26.74 -4.14 2.02
N ASN G 27 27.04 -2.97 1.44
CA ASN G 27 28.03 -2.87 0.38
C ASN G 27 28.94 -1.67 0.61
N GLY G 28 29.35 -1.48 1.87
CA GLY G 28 30.32 -0.45 2.17
C GLY G 28 29.74 0.93 2.42
N LEU G 29 30.50 1.96 2.09
CA LEU G 29 30.13 3.34 2.36
C LEU G 29 29.13 3.85 1.32
N PRO G 30 28.21 4.72 1.73
CA PRO G 30 27.39 5.45 0.77
C PRO G 30 28.18 6.61 0.19
N PRO G 31 27.70 7.23 -0.90
CA PRO G 31 28.42 8.38 -1.46
C PRO G 31 28.52 9.52 -0.45
N VAL G 32 29.76 9.90 -0.15
CA VAL G 32 30.03 10.98 0.80
C VAL G 32 31.01 11.98 0.18
N GLY H 7 10.67 -16.69 -9.62
CA GLY H 7 11.69 -17.44 -8.91
C GLY H 7 12.45 -16.60 -7.90
N PRO H 8 12.90 -17.22 -6.81
CA PRO H 8 13.67 -16.48 -5.80
C PRO H 8 14.97 -15.95 -6.37
N CYS H 9 15.36 -14.77 -5.90
CA CYS H 9 16.57 -14.13 -6.40
C CYS H 9 17.82 -14.90 -5.99
N CYS H 10 17.92 -15.27 -4.73
CA CYS H 10 19.06 -16.00 -4.20
C CYS H 10 18.58 -17.24 -3.46
N SER H 11 19.53 -18.01 -2.93
CA SER H 11 19.20 -19.21 -2.16
C SER H 11 18.58 -18.82 -0.84
N HIS H 12 17.42 -19.38 -0.55
CA HIS H 12 16.69 -19.15 0.70
C HIS H 12 16.37 -17.66 0.90
N ALA H 13 15.84 -17.04 -0.15
CA ALA H 13 15.25 -15.72 -0.01
C ALA H 13 14.10 -15.79 0.97
N ARG H 14 14.05 -14.84 1.90
CA ARG H 14 13.04 -14.85 2.96
C ARG H 14 11.81 -14.11 2.47
N ILE H 15 10.99 -14.83 1.70
CA ILE H 15 9.73 -14.32 1.17
C ILE H 15 8.64 -14.58 2.20
N PRO H 16 7.85 -13.56 2.56
CA PRO H 16 6.86 -13.74 3.64
C PRO H 16 5.83 -14.80 3.32
N ARG H 17 5.08 -15.19 4.34
CA ARG H 17 4.09 -16.24 4.23
C ARG H 17 2.81 -15.68 3.60
N THR H 18 1.74 -16.46 3.66
CA THR H 18 0.50 -16.10 2.99
C THR H 18 -0.26 -15.07 3.82
N PRO H 19 -0.57 -13.89 3.27
CA PRO H 19 -1.48 -12.98 3.98
C PRO H 19 -2.89 -13.56 3.93
N TYR H 20 -3.51 -13.65 5.10
CA TYR H 20 -4.77 -14.36 5.26
C TYR H 20 -5.88 -13.37 5.58
N LEU H 21 -6.71 -13.09 4.58
CA LEU H 21 -7.88 -12.23 4.75
C LEU H 21 -8.97 -13.02 5.45
N VAL H 22 -9.27 -12.65 6.69
CA VAL H 22 -10.24 -13.37 7.50
C VAL H 22 -11.60 -12.74 7.33
N LEU H 23 -12.62 -13.57 7.18
CA LEU H 23 -14.00 -13.11 7.09
C LEU H 23 -14.76 -13.60 8.31
N SER H 24 -15.41 -12.68 9.01
CA SER H 24 -16.17 -13.00 10.21
C SER H 24 -17.51 -12.30 10.15
N TYR H 25 -18.57 -13.02 10.54
CA TYR H 25 -19.91 -12.47 10.59
C TYR H 25 -20.20 -12.03 12.03
N VAL H 26 -20.39 -10.72 12.21
CA VAL H 26 -20.59 -10.15 13.53
C VAL H 26 -21.97 -9.54 13.71
N ASN H 27 -22.79 -9.47 12.66
CA ASN H 27 -24.11 -8.87 12.77
C ASN H 27 -25.15 -9.73 12.05
N GLY H 28 -25.04 -11.05 12.19
CA GLY H 28 -26.04 -11.95 11.65
C GLY H 28 -25.83 -12.36 10.21
N LEU H 29 -26.93 -12.63 9.51
CA LEU H 29 -26.90 -13.12 8.13
C LEU H 29 -26.62 -11.99 7.15
N PRO H 30 -25.92 -12.28 6.07
CA PRO H 30 -25.83 -11.32 4.96
C PRO H 30 -27.10 -11.38 4.12
N PRO H 31 -27.31 -10.41 3.23
CA PRO H 31 -28.50 -10.46 2.36
C PRO H 31 -28.45 -11.68 1.46
N VAL H 32 -29.48 -12.52 1.58
CA VAL H 32 -29.59 -13.71 0.75
C VAL H 32 -30.98 -13.77 0.13
N PRO I 8 -11.54 8.80 -17.05
CA PRO I 8 -11.48 10.05 -17.80
C PRO I 8 -11.43 11.29 -16.90
N CYS I 9 -10.23 11.72 -16.54
CA CYS I 9 -10.06 12.95 -15.77
C CYS I 9 -9.86 14.17 -16.66
N CYS I 10 -9.22 13.99 -17.81
CA CYS I 10 -9.03 15.06 -18.79
C CYS I 10 -8.73 14.42 -20.13
N SER I 11 -8.29 15.24 -21.09
CA SER I 11 -8.06 14.75 -22.45
C SER I 11 -6.98 13.68 -22.49
N HIS I 12 -5.92 13.85 -21.72
CA HIS I 12 -4.78 12.92 -21.70
C HIS I 12 -4.47 12.58 -20.25
N ALA I 13 -4.87 11.39 -19.82
CA ALA I 13 -4.81 10.95 -18.44
C ALA I 13 -3.70 9.93 -18.26
N ARG I 14 -2.90 10.09 -17.21
CA ARG I 14 -1.76 9.21 -16.94
C ARG I 14 -2.27 8.06 -16.06
N ILE I 15 -2.91 7.09 -16.72
CA ILE I 15 -3.44 5.90 -16.05
C ILE I 15 -2.35 4.85 -16.01
N PRO I 16 -2.06 4.25 -14.85
CA PRO I 16 -0.94 3.31 -14.74
C PRO I 16 -1.10 2.11 -15.68
N ARG I 17 0.03 1.52 -16.03
CA ARG I 17 0.04 0.37 -16.92
C ARG I 17 -0.72 -0.79 -16.29
N THR I 18 -1.33 -1.61 -17.14
CA THR I 18 -2.17 -2.71 -16.68
C THR I 18 -1.39 -3.64 -15.76
N PRO I 19 -1.79 -3.79 -14.49
CA PRO I 19 -1.12 -4.73 -13.58
C PRO I 19 -1.46 -6.20 -13.85
N TYR I 20 -0.42 -7.02 -13.96
CA TYR I 20 -0.55 -8.45 -14.22
C TYR I 20 0.03 -9.19 -13.01
N LEU I 21 -0.84 -9.75 -12.17
CA LEU I 21 -0.39 -10.54 -11.02
C LEU I 21 0.04 -11.92 -11.51
N VAL I 22 1.35 -12.20 -11.46
CA VAL I 22 1.92 -13.43 -12.00
C VAL I 22 2.02 -14.48 -10.91
N LEU I 23 1.66 -15.72 -11.26
CA LEU I 23 1.79 -16.88 -10.38
C LEU I 23 2.79 -17.85 -10.98
N SER I 24 3.78 -18.26 -10.18
CA SER I 24 4.80 -19.19 -10.62
C SER I 24 5.04 -20.25 -9.56
N TYR I 25 5.17 -21.51 -9.99
CA TYR I 25 5.45 -22.62 -9.11
C TYR I 25 6.95 -22.91 -9.13
N VAL I 26 7.60 -22.73 -7.97
CA VAL I 26 9.05 -22.89 -7.87
C VAL I 26 9.46 -24.05 -6.97
N ASN I 27 8.52 -24.70 -6.29
CA ASN I 27 8.85 -25.79 -5.37
C ASN I 27 7.90 -26.96 -5.56
N GLY I 28 7.58 -27.27 -6.82
CA GLY I 28 6.79 -28.45 -7.11
C GLY I 28 5.29 -28.24 -7.07
N LEU I 29 4.56 -29.31 -6.74
CA LEU I 29 3.10 -29.29 -6.75
C LEU I 29 2.53 -28.61 -5.51
N PRO I 30 1.40 -27.93 -5.65
CA PRO I 30 0.65 -27.46 -4.48
C PRO I 30 -0.19 -28.59 -3.91
N PRO I 31 -0.71 -28.44 -2.69
CA PRO I 31 -1.58 -29.48 -2.13
C PRO I 31 -2.84 -29.66 -2.96
N VAL I 32 -3.05 -30.88 -3.44
CA VAL I 32 -4.23 -31.22 -4.21
C VAL I 32 -4.89 -32.47 -3.64
N GLY J 6 -4.69 -14.68 15.59
CA GLY J 6 -5.86 -15.46 15.23
C GLY J 6 -6.90 -14.65 14.47
N GLY J 7 -8.03 -14.39 15.13
CA GLY J 7 -9.10 -13.63 14.53
C GLY J 7 -8.96 -12.14 14.77
N PRO J 8 -9.99 -11.38 14.40
CA PRO J 8 -9.92 -9.92 14.59
C PRO J 8 -10.03 -9.56 16.07
N CYS J 9 -9.20 -8.61 16.49
CA CYS J 9 -9.19 -8.16 17.87
C CYS J 9 -10.29 -7.15 18.18
N CYS J 10 -11.13 -6.81 17.20
CA CYS J 10 -12.20 -5.86 17.41
C CYS J 10 -13.23 -6.02 16.30
N SER J 11 -14.38 -5.37 16.47
CA SER J 11 -15.44 -5.41 15.48
C SER J 11 -15.64 -4.09 14.74
N HIS J 12 -14.99 -3.01 15.19
CA HIS J 12 -15.09 -1.73 14.49
C HIS J 12 -14.14 -1.73 13.30
N ALA J 13 -14.68 -1.44 12.13
CA ALA J 13 -13.86 -1.41 10.92
C ALA J 13 -12.90 -0.22 10.95
N ARG J 14 -11.68 -0.45 10.45
CA ARG J 14 -10.71 0.64 10.34
C ARG J 14 -11.09 1.62 9.24
N ILE J 15 -11.69 1.12 8.16
CA ILE J 15 -12.14 1.96 7.05
C ILE J 15 -13.61 2.29 7.29
N PRO J 16 -13.99 3.57 7.35
CA PRO J 16 -15.40 3.89 7.70
C PRO J 16 -16.40 3.40 6.68
N ARG J 17 -16.25 3.76 5.41
CA ARG J 17 -17.18 3.38 4.37
C ARG J 17 -16.71 2.11 3.66
N THR J 18 -17.65 1.24 3.34
CA THR J 18 -17.33 -0.02 2.68
C THR J 18 -16.88 0.23 1.25
N PRO J 19 -15.68 -0.20 0.85
CA PRO J 19 -15.21 0.07 -0.50
C PRO J 19 -16.01 -0.70 -1.55
N TYR J 20 -15.91 -0.22 -2.79
CA TYR J 20 -16.54 -0.87 -3.93
C TYR J 20 -15.68 -0.64 -5.14
N LEU J 21 -15.15 -1.73 -5.72
CA LEU J 21 -14.41 -1.64 -6.97
C LEU J 21 -15.39 -1.46 -8.12
N VAL J 22 -15.32 -0.31 -8.78
CA VAL J 22 -16.22 0.02 -9.89
C VAL J 22 -15.54 -0.35 -11.20
N LEU J 23 -16.27 -1.04 -12.08
CA LEU J 23 -15.80 -1.36 -13.41
C LEU J 23 -16.64 -0.60 -14.42
N SER J 24 -15.99 0.18 -15.27
CA SER J 24 -16.67 0.95 -16.30
C SER J 24 -15.91 0.79 -17.61
N TYR J 25 -16.64 0.64 -18.71
CA TYR J 25 -16.06 0.52 -20.03
C TYR J 25 -16.08 1.88 -20.70
N VAL J 26 -14.90 2.38 -21.05
CA VAL J 26 -14.75 3.71 -21.60
C VAL J 26 -14.32 3.71 -23.06
N ASN J 27 -13.81 2.59 -23.58
CA ASN J 27 -13.32 2.50 -24.95
C ASN J 27 -13.86 1.26 -25.63
N GLY J 28 -15.16 1.01 -25.48
CA GLY J 28 -15.82 -0.05 -26.20
C GLY J 28 -15.71 -1.40 -25.52
N LEU J 29 -15.85 -2.44 -26.33
CA LEU J 29 -15.91 -3.82 -25.87
C LEU J 29 -14.54 -4.34 -25.47
N PRO J 30 -14.48 -5.21 -24.46
CA PRO J 30 -13.25 -5.94 -24.18
C PRO J 30 -13.09 -7.12 -25.13
N PRO J 31 -11.89 -7.70 -25.21
CA PRO J 31 -11.70 -8.84 -26.12
C PRO J 31 -12.54 -10.04 -25.70
N VAL J 32 -13.33 -10.54 -26.64
CA VAL J 32 -14.16 -11.72 -26.40
C VAL J 32 -13.89 -12.77 -27.48
N CYS K 10 17.49 -12.18 3.07
CA CYS K 10 18.30 -11.98 1.87
C CYS K 10 18.81 -10.55 1.78
N SER K 11 19.72 -10.30 0.84
CA SER K 11 20.29 -8.97 0.63
C SER K 11 19.85 -8.33 -0.68
N HIS K 12 19.18 -9.06 -1.56
CA HIS K 12 18.68 -8.49 -2.81
C HIS K 12 17.39 -7.72 -2.57
N ALA K 13 17.36 -6.47 -3.04
CA ALA K 13 16.18 -5.62 -2.87
C ALA K 13 15.02 -6.15 -3.71
N ARG K 14 13.81 -6.02 -3.16
CA ARG K 14 12.61 -6.43 -3.89
C ARG K 14 12.31 -5.46 -5.03
N ILE K 15 12.53 -4.17 -4.81
CA ILE K 15 12.30 -3.13 -5.81
C ILE K 15 13.63 -2.84 -6.50
N PRO K 16 13.70 -2.93 -7.83
CA PRO K 16 15.00 -2.77 -8.50
C PRO K 16 15.63 -1.39 -8.32
N ARG K 17 14.90 -0.33 -8.61
CA ARG K 17 15.44 1.03 -8.53
C ARG K 17 14.95 1.74 -7.27
N THR K 18 15.63 2.83 -6.96
CA THR K 18 15.35 3.58 -5.74
C THR K 18 14.06 4.38 -5.88
N PRO K 19 13.08 4.21 -4.99
CA PRO K 19 11.81 4.94 -5.14
C PRO K 19 12.02 6.44 -4.94
N TYR K 20 11.87 7.19 -6.02
CA TYR K 20 12.23 8.61 -6.07
C TYR K 20 10.95 9.43 -6.21
N LEU K 21 10.56 10.12 -5.14
CA LEU K 21 9.42 11.03 -5.17
C LEU K 21 9.84 12.33 -5.85
N VAL K 22 9.20 12.64 -6.97
CA VAL K 22 9.54 13.82 -7.75
C VAL K 22 8.63 14.97 -7.31
N LEU K 23 9.23 16.13 -7.09
CA LEU K 23 8.50 17.34 -6.74
C LEU K 23 8.63 18.33 -7.89
N SER K 24 7.49 18.77 -8.42
CA SER K 24 7.45 19.72 -9.52
C SER K 24 6.43 20.81 -9.21
N TYR K 25 6.78 22.05 -9.53
CA TYR K 25 5.90 23.19 -9.32
C TYR K 25 5.18 23.49 -10.63
N VAL K 26 3.86 23.40 -10.60
CA VAL K 26 3.05 23.56 -11.80
C VAL K 26 2.22 24.84 -11.80
N ASN K 27 2.01 25.48 -10.65
CA ASN K 27 1.18 26.67 -10.55
C ASN K 27 1.87 27.75 -9.72
N GLY K 28 3.14 27.99 -10.01
CA GLY K 28 3.86 29.09 -9.40
C GLY K 28 4.46 28.76 -8.04
N LEU K 29 4.65 29.82 -7.26
CA LEU K 29 5.34 29.75 -5.97
C LEU K 29 4.46 29.12 -4.90
N PRO K 30 5.07 28.40 -3.96
CA PRO K 30 4.35 27.98 -2.76
C PRO K 30 4.31 29.13 -1.76
N PRO K 31 3.45 29.04 -0.74
CA PRO K 31 3.38 30.11 0.26
C PRO K 31 4.68 30.24 1.04
N VAL K 32 5.26 31.44 1.03
CA VAL K 32 6.48 31.71 1.76
C VAL K 32 6.29 32.93 2.68
N CYS L 10 -0.78 13.61 -16.47
CA CYS L 10 -1.74 14.70 -16.34
C CYS L 10 -1.38 15.57 -15.13
N SER L 11 -2.11 16.68 -14.97
CA SER L 11 -1.88 17.61 -13.88
C SER L 11 -2.96 17.55 -12.80
N HIS L 12 -4.02 16.80 -13.03
CA HIS L 12 -5.03 16.60 -11.99
C HIS L 12 -4.52 15.58 -10.99
N ALA L 13 -4.58 15.94 -9.71
CA ALA L 13 -4.13 15.03 -8.67
C ALA L 13 -5.05 13.82 -8.58
N ARG L 14 -4.46 12.66 -8.29
CA ARG L 14 -5.26 11.46 -8.13
C ARG L 14 -6.09 11.51 -6.85
N ILE L 15 -5.55 12.09 -5.79
CA ILE L 15 -6.25 12.24 -4.53
C ILE L 15 -6.84 13.64 -4.50
N PRO L 16 -8.17 13.79 -4.38
CA PRO L 16 -8.75 15.15 -4.42
C PRO L 16 -8.34 16.01 -3.25
N ARG L 17 -8.25 15.43 -2.05
CA ARG L 17 -7.78 16.15 -0.88
C ARG L 17 -6.26 16.07 -0.80
N THR L 18 -5.63 17.19 -0.50
CA THR L 18 -4.22 17.16 -0.18
C THR L 18 -4.04 16.36 1.11
N PRO L 19 -3.26 15.27 1.09
CA PRO L 19 -3.14 14.44 2.29
C PRO L 19 -2.44 15.16 3.42
N TYR L 20 -2.70 14.65 4.64
CA TYR L 20 -2.24 15.32 5.86
C TYR L 20 -2.23 14.28 6.96
N LEU L 21 -1.04 13.92 7.43
CA LEU L 21 -0.89 13.03 8.58
C LEU L 21 -1.09 13.83 9.86
N VAL L 22 -2.13 13.51 10.61
CA VAL L 22 -2.46 14.22 11.83
C VAL L 22 -1.79 13.52 13.01
N LEU L 23 -1.17 14.30 13.88
CA LEU L 23 -0.54 13.80 15.11
C LEU L 23 -1.31 14.34 16.29
N SER L 24 -1.78 13.44 17.16
CA SER L 24 -2.50 13.81 18.37
C SER L 24 -1.99 12.97 19.53
N TYR L 25 -1.82 13.62 20.68
CA TYR L 25 -1.33 12.95 21.88
C TYR L 25 -2.53 12.54 22.75
N VAL L 26 -2.64 11.23 23.00
CA VAL L 26 -3.77 10.70 23.75
C VAL L 26 -3.39 10.16 25.12
N ASN L 27 -2.11 9.93 25.40
CA ASN L 27 -1.67 9.36 26.66
C ASN L 27 -0.48 10.14 27.23
N GLY L 28 -0.56 11.45 27.21
CA GLY L 28 0.44 12.27 27.87
C GLY L 28 1.67 12.53 27.01
N LEU L 29 2.77 12.79 27.72
CA LEU L 29 4.03 13.20 27.11
C LEU L 29 4.74 12.03 26.44
N PRO L 30 5.45 12.28 25.34
CA PRO L 30 6.37 11.28 24.80
C PRO L 30 7.67 11.30 25.56
N PRO L 31 8.51 10.28 25.42
CA PRO L 31 9.79 10.28 26.14
C PRO L 31 10.69 11.42 25.68
N VAL L 32 11.11 12.24 26.64
CA VAL L 32 12.01 13.35 26.35
C VAL L 32 13.22 13.29 27.28
K K M . -13.57 -25.49 -2.20
C1 EDO N . -4.44 -15.69 -7.04
O1 EDO N . -4.91 -16.84 -7.76
C2 EDO N . -4.42 -14.48 -7.97
O2 EDO N . -5.75 -14.15 -8.38
K K O . -10.48 -19.16 -18.94
K K P . -24.63 -12.90 -9.36
C1 EDO Q . 4.73 12.60 10.16
O1 EDO Q . 5.47 13.79 9.88
C2 EDO Q . 5.60 11.63 10.96
O2 EDO Q . 5.99 12.25 12.19
K K R . 8.25 25.59 10.78
C1 EDO S . 8.64 15.13 0.26
O1 EDO S . 10.00 14.71 0.37
C2 EDO S . 8.41 16.34 1.16
O2 EDO S . 9.28 17.40 0.77
K K T . 21.77 18.87 0.79
K K U . 18.99 12.43 17.52
ZN ZN V . -13.15 -1.00 18.35
ZN ZN W . 18.42 -12.84 -3.13
ZN ZN X . -6.69 15.11 -15.92
#